data_5TBY
#
_entry.id   5TBY
#
loop_
_entity.id
_entity.type
_entity.pdbx_description
1 polymer Myosin-7
2 polymer 'Myosin light chain 3'
3 polymer 'Myosin regulatory light chain 2, ventricular/cardiac muscle isoform'
#
loop_
_entity_poly.entity_id
_entity_poly.type
_entity_poly.pdbx_seq_one_letter_code
_entity_poly.pdbx_strand_id
1 'polypeptide(L)'
;MGDSEMAVFGAAAPYLRKSEKERLEAQTRPFDLKKDVFVPDDKQEFVKAKIVSREGGKVTAETEYGKTVTVKEDQVMQQN
PPKFDKIEDMAMLTFLHEPAVLYNLKDRYGSWMIYTYSGLFCVTVNPYKWLPVYTPEVVAAYRGKKRSEAPPHIFSISDN
AYQYMLTDRENQSILITGESGAGKTVNTKRVIQYFAVIAAIGDRSKKDQSPGKGTLEDQIIQANPALEAFGNAKTVRNDN
SSRFGKFIRIHFGATGKLASADIETYLLEKSRVIFQLKAERDYHIFYQILSNKKPELLDMLLITNNPYDYAFISQGETTV
ASIDDAEELMATDNAFDVLGFTSEEKNSMYKLTGAIMHFGNMKFKLKQREEQAEPDGTEEADKSAYLMGLNSADLLKGLC
HPRVKVGNEYVTKGQNVQQVIYATGALAKAVYERMFNWMVTRINATLETKQPRQYFIGVLDIAGFEIFDFNSFEQLCINF
TNEKLQQFFNHHMFVLEQEEYKKEGIEWTFIDFGMDLQACIDLIEKPMGIMSILEEECMFPKATDMTFKAKLFDNHLGKS
ANFQKPRNIKGKPEAHFSLIHYAGIVDYNIIGWLQKNKDPLNETVVGLYQKSSLKLLSTLFANYAGADAPIEKGKGKAKK
GSSFQTVSALHRENLNKLMTNLRSTHPHFVRCIIPNETKSPGVMDNPLVMHQLRCNGVLEGIRICRKGFPNRILYGDFRQ
RYRILNPAAIPEGQFIDSRKGAEKLLSSLDIDHNQYKFGHTKVFFKAGLLGLLEEMRDERLSRIITRIQAQSRGVLARME
YKKLLERRDSLLVIQWNIRAFMGVKNWPWMKLYFKIKPLLKSAEREKEMASMKEEFTRLKEALEKSEARRKELEEKMVSL
LQEKNDLQLQVQAEQDNLADAEERCDQLIKNKIQLEAKVKEMNERLEDEEEMNAELTAKKRKLEDECSELKRDIDDLELT
LAKVEKEKHATENKVKNLTEEMAGLDEIIAKLTKEKKALQEAHQQALDDLQAEEDKVNTLTKAKVKLEQQVDDLEGSLEQ
EKKVRMDLERAKRKLEGDLKLTQESIMDLENDKQQLDERLKKKDFELNALNARIEDEQALGSQLQKKLKELQARIEELEE
ELEAERTARAKVEKLRSDLSRELEEISERLEEAGGATSVQIEMNKKREAEFQKMRRDLEEATLQHEATAAALRKKHADSV
AELGEQIDNLQRVKQKLEKEKSEFKLELDDVTSNMEQIIKAKANLEKMCRTLEDQMNEHRSKAEETQRSVNDLTSQRAKL
QTENGELSRQLDEKEALISQLTRGKLTYTQQLEDLKRQLEEEVKAKNALAHALQSARHDCDLLREQYEEETEAKAELQRV
LSKANSEVAQWRTKYETDAIQRTEELEEAKKKLAQRLQEAEEAVEAVNAKCSSLEKTKHRLQNEIEDLMVDVERSNAAAA
ALDKKQRNFDKILAEWKQKYEESQSELESSQKEARSLSTELFKLKNAYEESLEHLETFKRENKNLQEEISDLTEQLGSSG
KTIHELEKVRKQLEAEKMELQSALEEAEASLEHEEGKILRAQLEFNQIKAEIERKLAEKDEEMEQAKRNHLRVVDSLQTS
LDAETRSRNEALRVKKKMEGDLNEMEIQLSHANRMAAEAQKQVKSLQSLLKDTQIQLDDAVRANDDLKENIAIVERRNNL
LQAELEELRAVVEQTERSRKLAEQELIETSERVQLLHSQNTSLINQKKKMDADLSQLQTEVEEAVQECRNAEEKAKKAIT
DAAMMAEELKKEQDTSAHLERMKKNMEQTIKDLQHRLDEAEQIALKGGKKQLQKLEARVRELENELEAEQKRNAESVKGM
RKSERRIKELTYQTEEDRKNLLRLQDLVDKLQLKVKAYKRQAEEAEEQANTNLSKFRKVQHELDEAEERADIAESQVNKL
RAKSRDIGTKGLNEE
;
A,B
2 'polypeptide(L)'
;MAPKKPEPKKDDAKAAPKAAPAPAPPPEPERPKEVEFDASKIKIEFTPEQIEEFKEAFMLFDRTPKCEMKITYGQCGDVL
RALGQNPTQAEVLRVLGKPRQEELNTKMMDFETFLPMLQHISKNKDTGTYEDFVEGLRVFDKEGNGTVMGAELRHVLATL
GERLTEDEVEKLMAGQEDSNGCINYEAFVKHIMSS
;
C,D
3 'polypeptide(L)'
;MAPKKAKKRAGGANSNVFSMFEQTQIQEFKEAFTIMDQNRDGFIDKNDLRDTFAALGRVNVKNEEIDEMIKEAPGPINFT
VFLTMFGEKLKGADPEETILNAFKVFDPEGKGVLKADYVREMLTTQAERFSKEEVDQMFAAFPPDVTGNLDYKNLVHIIT
HGEEKD
;
E,F
#
# COMPACT_ATOMS: atom_id res chain seq x y z
N MET A 6 -41.70 30.94 -12.46
CA MET A 6 -40.49 30.86 -11.60
C MET A 6 -40.81 31.25 -10.15
N ALA A 7 -40.17 32.30 -9.64
CA ALA A 7 -40.36 32.78 -8.26
C ALA A 7 -39.81 34.20 -8.12
N VAL A 8 -40.33 34.89 -7.11
CA VAL A 8 -40.00 36.30 -6.85
C VAL A 8 -38.56 36.48 -6.32
N PHE A 9 -37.81 37.29 -7.06
CA PHE A 9 -36.52 37.81 -6.60
C PHE A 9 -36.70 39.30 -6.26
N GLY A 10 -36.25 39.68 -5.08
CA GLY A 10 -36.48 41.05 -4.56
C GLY A 10 -35.18 41.85 -4.50
N ALA A 11 -35.37 43.18 -4.35
CA ALA A 11 -34.39 44.28 -4.16
C ALA A 11 -32.86 44.01 -4.14
N ALA A 12 -32.42 43.13 -3.26
CA ALA A 12 -30.98 42.77 -3.16
C ALA A 12 -30.48 41.94 -4.35
N ALA A 13 -31.28 40.95 -4.75
CA ALA A 13 -31.02 40.10 -5.94
C ALA A 13 -31.09 40.80 -7.33
N PRO A 14 -31.94 41.82 -7.54
CA PRO A 14 -32.14 42.63 -8.75
C PRO A 14 -30.83 43.30 -9.12
N TYR A 15 -29.97 43.55 -8.13
CA TYR A 15 -28.64 44.13 -8.41
C TYR A 15 -27.65 43.10 -8.98
N LEU A 16 -28.18 42.05 -9.63
CA LEU A 16 -27.33 40.96 -10.15
C LEU A 16 -28.09 40.06 -11.12
N ARG A 17 -29.26 39.63 -10.68
CA ARG A 17 -30.24 38.95 -11.55
C ARG A 17 -31.25 40.02 -11.97
N LYS A 18 -32.43 39.58 -12.38
CA LYS A 18 -33.56 40.48 -12.63
C LYS A 18 -34.88 39.75 -12.45
N SER A 19 -35.88 40.51 -12.04
CA SER A 19 -37.24 39.98 -11.88
C SER A 19 -37.83 39.65 -13.27
N GLU A 20 -37.53 38.45 -13.73
CA GLU A 20 -37.98 37.95 -15.03
C GLU A 20 -39.49 37.69 -15.02
N LYS A 21 -40.00 37.30 -13.84
CA LYS A 21 -41.41 36.97 -13.66
C LYS A 21 -42.30 38.20 -13.91
N GLU A 22 -43.34 37.95 -14.69
CA GLU A 22 -44.30 38.96 -15.17
C GLU A 22 -45.29 38.25 -16.11
N ARG A 23 -46.18 39.01 -16.73
CA ARG A 23 -46.99 38.47 -17.83
C ARG A 23 -46.10 38.40 -19.08
N LEU A 24 -46.13 37.26 -19.76
CA LEU A 24 -45.35 37.07 -21.00
C LEU A 24 -45.94 38.00 -22.07
N GLU A 25 -45.48 39.24 -22.03
CA GLU A 25 -46.12 40.42 -22.67
C GLU A 25 -46.10 40.35 -24.17
N ALA A 26 -47.23 40.80 -24.77
CA ALA A 26 -47.46 40.85 -26.24
C ALA A 26 -46.48 41.83 -26.87
N GLN A 27 -46.49 43.05 -26.32
CA GLN A 27 -45.60 44.18 -26.59
C GLN A 27 -44.64 44.04 -27.79
N THR A 28 -43.71 43.10 -27.69
CA THR A 28 -42.60 42.96 -28.66
C THR A 28 -42.59 41.68 -29.50
N ARG A 29 -43.73 41.01 -29.62
CA ARG A 29 -43.85 39.76 -30.40
C ARG A 29 -44.19 39.99 -31.88
N PRO A 30 -45.30 40.68 -32.20
CA PRO A 30 -45.81 40.85 -33.57
C PRO A 30 -44.76 41.48 -34.48
N PHE A 31 -44.13 40.65 -35.31
CA PHE A 31 -43.00 41.08 -36.14
C PHE A 31 -43.45 41.60 -37.51
N ASP A 32 -44.21 42.68 -37.52
CA ASP A 32 -44.59 43.36 -38.77
C ASP A 32 -43.41 44.14 -39.34
N LEU A 33 -43.02 45.19 -38.63
CA LEU A 33 -41.94 46.08 -39.05
C LEU A 33 -40.60 45.40 -38.78
N LYS A 34 -40.24 44.62 -39.78
CA LYS A 34 -39.11 43.71 -39.70
C LYS A 34 -37.81 44.17 -40.32
N LYS A 35 -37.74 45.48 -40.45
CA LYS A 35 -36.58 46.16 -41.03
C LYS A 35 -36.03 47.22 -40.07
N ASP A 36 -35.66 46.77 -38.88
CA ASP A 36 -35.15 47.68 -37.85
C ASP A 36 -33.62 47.54 -37.74
N VAL A 37 -32.97 48.61 -38.15
CA VAL A 37 -31.51 48.73 -38.08
C VAL A 37 -31.11 49.91 -37.19
N PHE A 38 -29.81 50.22 -37.18
CA PHE A 38 -29.26 51.19 -36.23
C PHE A 38 -28.72 52.39 -36.99
N VAL A 39 -29.26 53.53 -36.58
CA VAL A 39 -28.79 54.83 -37.05
C VAL A 39 -27.98 55.46 -35.92
N PRO A 40 -26.66 55.49 -36.10
CA PRO A 40 -25.75 56.09 -35.12
C PRO A 40 -26.09 57.57 -34.91
N ASP A 41 -26.16 57.96 -33.65
CA ASP A 41 -26.39 59.33 -33.18
C ASP A 41 -25.09 59.94 -32.61
N ASP A 42 -25.07 61.26 -32.71
CA ASP A 42 -23.95 62.10 -32.27
C ASP A 42 -23.66 62.04 -30.76
N LYS A 43 -24.64 61.61 -29.98
CA LYS A 43 -24.54 61.64 -28.51
C LYS A 43 -24.81 60.28 -27.92
N GLN A 44 -25.97 59.69 -28.16
CA GLN A 44 -26.33 58.42 -27.52
C GLN A 44 -25.82 57.22 -28.30
N GLU A 45 -24.73 57.44 -29.03
CA GLU A 45 -24.17 56.41 -29.88
C GLU A 45 -25.23 56.09 -30.93
N PHE A 46 -26.03 55.03 -30.73
CA PHE A 46 -26.86 54.39 -31.78
C PHE A 46 -28.30 54.37 -31.32
N VAL A 47 -29.17 54.59 -32.28
CA VAL A 47 -30.62 54.60 -32.05
C VAL A 47 -31.32 53.75 -33.11
N LYS A 48 -32.48 53.24 -32.73
CA LYS A 48 -33.31 52.36 -33.58
C LYS A 48 -33.87 53.06 -34.82
N ALA A 49 -33.21 52.81 -35.94
CA ALA A 49 -33.69 53.31 -37.24
C ALA A 49 -34.41 52.21 -38.00
N LYS A 50 -35.63 52.52 -38.42
CA LYS A 50 -36.41 51.60 -39.24
C LYS A 50 -36.31 52.02 -40.70
N ILE A 51 -36.14 51.03 -41.55
CA ILE A 51 -35.95 51.24 -43.00
C ILE A 51 -37.29 51.66 -43.64
N VAL A 52 -37.26 52.83 -44.27
CA VAL A 52 -38.42 53.37 -45.00
C VAL A 52 -38.29 53.11 -46.51
N SER A 53 -37.06 52.96 -46.97
CA SER A 53 -36.76 52.72 -48.40
C SER A 53 -35.31 52.27 -48.56
N ARG A 54 -35.08 51.51 -49.60
CA ARG A 54 -33.72 51.07 -49.99
C ARG A 54 -33.56 51.21 -51.52
N GLU A 55 -33.07 52.36 -51.93
CA GLU A 55 -32.91 52.67 -53.37
C GLU A 55 -31.43 52.60 -53.78
N GLY A 56 -31.06 51.40 -54.21
CA GLY A 56 -29.68 51.11 -54.65
C GLY A 56 -28.72 51.10 -53.44
N GLY A 57 -28.17 52.29 -53.15
CA GLY A 57 -27.18 52.46 -52.06
C GLY A 57 -27.69 53.32 -50.89
N LYS A 58 -28.80 54.00 -51.09
CA LYS A 58 -29.36 54.90 -50.06
C LYS A 58 -30.60 54.29 -49.41
N VAL A 59 -30.76 54.63 -48.14
CA VAL A 59 -31.88 54.15 -47.30
C VAL A 59 -32.43 55.28 -46.44
N THR A 60 -33.60 55.76 -46.80
CA THR A 60 -34.35 56.70 -45.94
C THR A 60 -34.89 55.93 -44.74
N ALA A 61 -34.36 56.25 -43.56
CA ALA A 61 -34.85 55.64 -42.32
C ALA A 61 -35.63 56.67 -41.51
N GLU A 62 -36.62 56.16 -40.79
CA GLU A 62 -37.28 56.95 -39.74
C GLU A 62 -36.78 56.36 -38.43
N THR A 63 -36.57 57.24 -37.46
CA THR A 63 -36.08 56.78 -36.15
C THR A 63 -37.31 56.49 -35.29
N GLU A 64 -37.18 55.51 -34.41
CA GLU A 64 -38.29 55.04 -33.55
C GLU A 64 -38.82 56.23 -32.76
N TYR A 65 -39.81 56.92 -33.35
CA TYR A 65 -40.53 58.06 -32.75
C TYR A 65 -39.74 59.37 -32.91
N GLY A 66 -39.01 59.48 -34.02
CA GLY A 66 -38.12 60.62 -34.26
C GLY A 66 -38.38 61.37 -35.57
N LYS A 67 -37.35 61.36 -36.40
CA LYS A 67 -37.29 62.14 -37.64
C LYS A 67 -37.11 61.19 -38.85
N THR A 68 -36.71 61.75 -39.98
CA THR A 68 -36.51 61.03 -41.25
C THR A 68 -35.09 61.29 -41.75
N VAL A 69 -34.23 60.30 -41.59
CA VAL A 69 -32.83 60.38 -42.00
C VAL A 69 -32.51 59.46 -43.17
N THR A 70 -32.36 60.09 -44.31
CA THR A 70 -31.75 59.45 -45.48
C THR A 70 -30.25 59.25 -45.20
N VAL A 71 -29.90 57.99 -44.96
CA VAL A 71 -28.50 57.61 -44.66
C VAL A 71 -27.95 56.73 -45.80
N LYS A 72 -27.09 55.78 -45.44
CA LYS A 72 -26.56 54.80 -46.40
C LYS A 72 -26.81 53.37 -45.94
N GLU A 73 -26.98 52.52 -46.95
CA GLU A 73 -27.21 51.07 -46.74
C GLU A 73 -26.01 50.41 -46.05
N ASP A 74 -24.80 50.82 -46.36
CA ASP A 74 -23.58 50.16 -45.86
C ASP A 74 -23.38 50.23 -44.33
N GLN A 75 -23.63 51.40 -43.75
CA GLN A 75 -23.45 51.66 -42.31
C GLN A 75 -24.52 50.99 -41.45
N VAL A 76 -25.58 50.54 -42.11
CA VAL A 76 -26.72 49.92 -41.44
C VAL A 76 -26.33 48.71 -40.57
N MET A 77 -26.41 48.92 -39.26
CA MET A 77 -26.22 47.79 -38.32
C MET A 77 -27.58 47.18 -38.01
N GLN A 78 -27.64 45.86 -38.06
CA GLN A 78 -28.87 45.13 -37.70
C GLN A 78 -29.14 45.21 -36.19
N GLN A 79 -30.43 45.27 -35.87
CA GLN A 79 -30.91 45.13 -34.49
C GLN A 79 -30.74 43.70 -33.97
N ASN A 80 -30.18 43.62 -32.78
CA ASN A 80 -30.34 42.42 -31.95
C ASN A 80 -31.84 42.25 -31.64
N PRO A 81 -32.37 41.04 -31.89
CA PRO A 81 -33.78 40.74 -31.61
C PRO A 81 -34.06 41.05 -30.13
N PRO A 82 -35.26 41.58 -29.85
CA PRO A 82 -35.73 41.88 -28.48
C PRO A 82 -35.66 40.65 -27.56
N LYS A 83 -35.60 39.47 -28.18
CA LYS A 83 -35.45 38.19 -27.45
C LYS A 83 -34.12 38.11 -26.69
N PHE A 84 -33.28 39.12 -26.91
CA PHE A 84 -32.05 39.35 -26.16
C PHE A 84 -32.22 40.65 -25.38
N ASP A 85 -32.78 40.49 -24.18
CA ASP A 85 -32.98 41.63 -23.28
C ASP A 85 -32.21 41.32 -21.99
N LYS A 86 -31.34 42.27 -21.63
CA LYS A 86 -30.54 42.17 -20.39
C LYS A 86 -29.73 40.87 -20.33
N ILE A 87 -29.34 40.41 -21.52
CA ILE A 87 -28.73 39.08 -21.74
C ILE A 87 -27.43 38.89 -20.97
N GLU A 88 -27.23 37.63 -20.58
CA GLU A 88 -26.06 37.24 -19.78
C GLU A 88 -24.75 37.09 -20.57
N ASP A 89 -24.82 36.47 -21.73
CA ASP A 89 -23.62 36.26 -22.55
C ASP A 89 -23.87 36.86 -23.94
N MET A 90 -22.97 37.75 -24.33
CA MET A 90 -23.06 38.45 -25.63
C MET A 90 -22.68 37.52 -26.79
N ALA A 91 -21.86 36.52 -26.47
CA ALA A 91 -21.40 35.50 -27.43
C ALA A 91 -22.56 34.73 -28.09
N MET A 92 -23.72 34.75 -27.43
CA MET A 92 -24.93 34.08 -27.94
C MET A 92 -25.61 34.84 -29.09
N LEU A 93 -25.41 36.16 -29.13
CA LEU A 93 -26.14 37.07 -30.05
C LEU A 93 -25.94 36.72 -31.50
N THR A 94 -27.08 36.63 -32.18
CA THR A 94 -27.15 36.24 -33.61
C THR A 94 -26.43 37.22 -34.55
N PHE A 95 -26.56 38.51 -34.29
CA PHE A 95 -25.93 39.52 -35.17
C PHE A 95 -24.63 40.00 -34.52
N LEU A 96 -23.62 40.19 -35.35
CA LEU A 96 -22.28 40.53 -34.88
C LEU A 96 -21.90 41.94 -35.31
N HIS A 97 -22.67 42.87 -34.78
CA HIS A 97 -22.47 44.30 -35.02
C HIS A 97 -22.42 44.95 -33.65
N GLU A 98 -21.46 45.89 -33.52
CA GLU A 98 -21.13 46.51 -32.22
C GLU A 98 -22.26 47.14 -31.36
N PRO A 99 -23.34 47.65 -31.96
CA PRO A 99 -24.45 48.27 -31.24
C PRO A 99 -25.29 47.27 -30.45
N ALA A 100 -25.22 46.00 -30.81
CA ALA A 100 -25.87 44.94 -30.01
C ALA A 100 -25.20 44.89 -28.63
N VAL A 101 -23.86 44.94 -28.69
CA VAL A 101 -23.00 44.99 -27.50
C VAL A 101 -23.26 46.30 -26.75
N LEU A 102 -23.33 47.38 -27.52
CA LEU A 102 -23.63 48.70 -26.95
C LEU A 102 -24.99 48.73 -26.23
N TYR A 103 -26.01 48.20 -26.89
CA TYR A 103 -27.40 48.28 -26.42
C TYR A 103 -27.62 47.49 -25.13
N ASN A 104 -27.14 46.25 -25.13
CA ASN A 104 -27.39 45.37 -23.97
C ASN A 104 -26.56 45.77 -22.74
N LEU A 105 -25.35 46.24 -22.99
CA LEU A 105 -24.50 46.77 -21.90
C LEU A 105 -25.20 47.93 -21.19
N LYS A 106 -25.64 48.90 -21.98
CA LYS A 106 -26.32 50.08 -21.42
C LYS A 106 -27.65 49.74 -20.73
N ASP A 107 -28.35 48.71 -21.23
CA ASP A 107 -29.55 48.22 -20.53
C ASP A 107 -29.25 47.72 -19.12
N ARG A 108 -28.22 46.87 -19.03
CA ARG A 108 -27.83 46.26 -17.75
C ARG A 108 -27.16 47.25 -16.81
N TYR A 109 -26.30 48.11 -17.35
CA TYR A 109 -25.63 49.16 -16.57
C TYR A 109 -26.63 50.14 -15.97
N GLY A 110 -27.62 50.53 -16.78
CA GLY A 110 -28.72 51.41 -16.33
C GLY A 110 -29.48 50.76 -15.17
N SER A 111 -29.64 49.44 -15.28
CA SER A 111 -30.27 48.61 -14.24
C SER A 111 -29.23 48.02 -13.26
N TRP A 112 -28.06 48.67 -13.20
CA TRP A 112 -26.99 48.35 -12.23
C TRP A 112 -26.22 47.05 -12.43
N MET A 113 -26.81 46.05 -13.08
CA MET A 113 -26.14 44.75 -13.25
C MET A 113 -24.87 44.89 -14.08
N ILE A 114 -23.75 45.01 -13.37
CA ILE A 114 -22.49 45.44 -14.00
C ILE A 114 -21.72 44.40 -14.81
N TYR A 115 -21.54 43.19 -14.27
CA TYR A 115 -20.77 42.16 -15.00
C TYR A 115 -21.63 41.51 -16.07
N THR A 116 -21.01 41.17 -17.19
CA THR A 116 -21.69 40.48 -18.31
C THR A 116 -20.67 39.60 -19.04
N TYR A 117 -21.05 38.34 -19.18
CA TYR A 117 -20.22 37.34 -19.86
C TYR A 117 -20.01 37.68 -21.34
N SER A 118 -18.85 37.28 -21.83
CA SER A 118 -18.48 37.42 -23.24
C SER A 118 -17.69 36.18 -23.67
N GLY A 119 -18.37 35.04 -23.44
CA GLY A 119 -17.83 33.70 -23.73
C GLY A 119 -16.66 33.36 -22.81
N LEU A 120 -15.46 33.63 -23.32
CA LEU A 120 -14.23 33.39 -22.58
C LEU A 120 -13.92 34.49 -21.54
N PHE A 121 -14.24 35.73 -21.89
CA PHE A 121 -13.99 36.87 -20.98
C PHE A 121 -15.31 37.44 -20.44
N CYS A 122 -15.17 38.40 -19.55
CA CYS A 122 -16.32 39.13 -19.00
C CYS A 122 -16.03 40.63 -18.97
N VAL A 123 -17.07 41.39 -19.28
CA VAL A 123 -16.99 42.86 -19.29
C VAL A 123 -17.80 43.46 -18.14
N THR A 124 -17.27 44.55 -17.62
CA THR A 124 -17.95 45.35 -16.60
C THR A 124 -17.85 46.82 -17.01
N VAL A 125 -18.80 47.60 -16.53
CA VAL A 125 -18.81 49.05 -16.72
C VAL A 125 -19.01 49.65 -15.33
N ASN A 126 -18.14 50.58 -14.98
CA ASN A 126 -18.01 51.01 -13.59
C ASN A 126 -19.18 51.90 -13.11
N PRO A 127 -19.98 51.37 -12.18
CA PRO A 127 -21.13 52.07 -11.59
C PRO A 127 -20.72 53.16 -10.60
N TYR A 128 -19.55 52.98 -9.97
CA TYR A 128 -19.10 53.80 -8.83
C TYR A 128 -20.09 53.73 -7.64
N LYS A 129 -20.85 52.63 -7.58
CA LYS A 129 -21.85 52.42 -6.53
C LYS A 129 -21.43 51.24 -5.65
N TRP A 130 -21.92 51.28 -4.41
CA TRP A 130 -21.69 50.19 -3.45
C TRP A 130 -22.89 49.24 -3.50
N LEU A 131 -22.62 48.04 -3.98
CA LEU A 131 -23.65 47.01 -4.12
C LEU A 131 -23.58 46.07 -2.91
N PRO A 132 -24.75 45.71 -2.37
CA PRO A 132 -24.85 44.82 -1.20
C PRO A 132 -24.58 43.34 -1.53
N VAL A 133 -23.79 43.11 -2.58
CA VAL A 133 -23.56 41.77 -3.13
C VAL A 133 -22.14 41.21 -2.86
N TYR A 134 -21.43 41.87 -1.96
CA TYR A 134 -20.05 41.45 -1.64
C TYR A 134 -19.96 40.86 -0.24
N THR A 135 -21.00 40.13 0.12
CA THR A 135 -21.17 39.63 1.49
C THR A 135 -21.11 38.10 1.52
N PRO A 136 -20.62 37.56 2.64
CA PRO A 136 -20.56 36.12 2.95
C PRO A 136 -21.83 35.34 2.61
N GLU A 137 -22.98 36.01 2.57
CA GLU A 137 -24.23 35.38 2.12
C GLU A 137 -24.30 35.15 0.60
N VAL A 138 -24.11 36.22 -0.18
CA VAL A 138 -24.11 36.08 -1.66
C VAL A 138 -22.94 35.16 -2.06
N VAL A 139 -21.88 35.26 -1.27
CA VAL A 139 -20.76 34.32 -1.30
C VAL A 139 -21.29 32.91 -1.09
N ALA A 140 -21.88 32.61 0.06
CA ALA A 140 -22.34 31.25 0.41
C ALA A 140 -23.31 30.66 -0.63
N ALA A 141 -24.07 31.55 -1.30
CA ALA A 141 -24.91 31.15 -2.45
C ALA A 141 -24.03 30.67 -3.60
N TYR A 142 -23.04 31.48 -3.96
CA TYR A 142 -22.04 31.18 -5.01
C TYR A 142 -20.98 30.14 -4.63
N ARG A 143 -20.55 30.12 -3.38
CA ARG A 143 -19.33 29.46 -2.90
C ARG A 143 -19.21 28.02 -3.41
N GLY A 144 -18.54 27.91 -4.56
CA GLY A 144 -18.30 26.61 -5.21
C GLY A 144 -19.39 26.21 -6.23
N LYS A 145 -19.69 27.11 -7.16
CA LYS A 145 -20.69 26.86 -8.21
C LYS A 145 -20.04 26.66 -9.57
N LYS A 146 -20.79 26.00 -10.46
CA LYS A 146 -20.44 25.91 -11.89
C LYS A 146 -20.58 27.29 -12.55
N ARG A 147 -19.97 27.45 -13.72
CA ARG A 147 -20.18 28.65 -14.54
C ARG A 147 -21.65 28.78 -14.96
N SER A 148 -22.19 27.67 -15.48
CA SER A 148 -23.60 27.67 -15.93
C SER A 148 -24.59 27.37 -14.80
N GLU A 149 -24.30 27.93 -13.63
CA GLU A 149 -25.27 27.95 -12.52
C GLU A 149 -25.62 29.38 -12.10
N ALA A 150 -24.65 30.27 -12.27
CA ALA A 150 -24.75 31.62 -11.70
C ALA A 150 -24.65 32.75 -12.73
N PRO A 151 -25.49 33.76 -12.50
CA PRO A 151 -25.45 35.03 -13.25
C PRO A 151 -24.13 35.78 -13.05
N PRO A 152 -23.76 36.61 -14.03
CA PRO A 152 -22.47 37.30 -14.10
C PRO A 152 -22.12 38.14 -12.86
N HIS A 153 -21.17 37.59 -12.12
CA HIS A 153 -20.62 38.21 -10.91
C HIS A 153 -19.22 37.62 -10.67
N ILE A 154 -18.35 38.44 -10.11
CA ILE A 154 -16.92 38.08 -9.89
C ILE A 154 -16.71 36.73 -9.20
N PHE A 155 -17.58 36.41 -8.24
CA PHE A 155 -17.41 35.22 -7.40
C PHE A 155 -17.29 33.93 -8.21
N SER A 156 -18.13 33.84 -9.24
CA SER A 156 -18.11 32.67 -10.14
C SER A 156 -16.96 32.73 -11.16
N ILE A 157 -16.48 33.94 -11.44
CA ILE A 157 -15.28 34.09 -12.32
C ILE A 157 -14.10 33.37 -11.65
N SER A 158 -14.09 33.43 -10.33
CA SER A 158 -13.13 32.71 -9.48
C SER A 158 -13.40 31.20 -9.47
N ASP A 159 -14.53 30.81 -8.87
CA ASP A 159 -14.87 29.38 -8.67
C ASP A 159 -14.79 28.52 -9.92
N ASN A 160 -15.15 29.10 -11.06
CA ASN A 160 -15.05 28.39 -12.34
C ASN A 160 -13.60 27.98 -12.64
N ALA A 161 -12.69 28.94 -12.53
CA ALA A 161 -11.27 28.71 -12.83
C ALA A 161 -10.59 27.78 -11.81
N TYR A 162 -11.06 27.87 -10.56
CA TYR A 162 -10.55 27.08 -9.44
C TYR A 162 -10.65 25.58 -9.69
N GLN A 163 -11.89 25.11 -9.88
CA GLN A 163 -12.16 23.68 -10.11
C GLN A 163 -11.58 23.18 -11.44
N TYR A 164 -11.47 24.08 -12.42
CA TYR A 164 -10.84 23.75 -13.71
C TYR A 164 -9.38 23.41 -13.48
N MET A 165 -8.71 24.25 -12.70
CA MET A 165 -7.31 24.00 -12.27
C MET A 165 -7.19 22.67 -11.51
N LEU A 166 -8.16 22.43 -10.64
CA LEU A 166 -8.21 21.19 -9.84
C LEU A 166 -8.46 19.94 -10.67
N THR A 167 -9.04 20.14 -11.85
CA THR A 167 -9.34 19.02 -12.77
C THR A 167 -8.25 18.82 -13.83
N ASP A 168 -7.98 19.84 -14.62
CA ASP A 168 -7.10 19.73 -15.79
C ASP A 168 -5.63 20.09 -15.48
N ARG A 169 -5.32 20.44 -14.24
CA ARG A 169 -3.93 20.68 -13.80
C ARG A 169 -3.34 22.03 -14.24
N GLU A 170 -4.05 22.74 -15.12
CA GLU A 170 -3.58 24.03 -15.66
C GLU A 170 -3.59 25.11 -14.57
N ASN A 171 -2.40 25.59 -14.21
CA ASN A 171 -2.27 26.79 -13.36
C ASN A 171 -2.66 28.03 -14.17
N GLN A 172 -3.19 29.04 -13.50
CA GLN A 172 -3.91 30.12 -14.19
C GLN A 172 -3.75 31.52 -13.57
N SER A 173 -3.97 32.53 -14.41
CA SER A 173 -3.67 33.94 -14.06
C SER A 173 -4.74 34.86 -14.64
N ILE A 174 -5.42 35.59 -13.77
CA ILE A 174 -6.44 36.57 -14.19
C ILE A 174 -5.79 37.93 -14.43
N LEU A 175 -6.31 38.60 -15.45
CA LEU A 175 -5.87 39.96 -15.82
C LEU A 175 -7.13 40.81 -15.96
N ILE A 176 -7.14 41.96 -15.31
CA ILE A 176 -8.25 42.91 -15.48
C ILE A 176 -7.77 43.97 -16.48
N THR A 177 -8.69 44.39 -17.33
CA THR A 177 -8.43 45.39 -18.36
C THR A 177 -9.50 46.46 -18.41
N GLY A 178 -9.01 47.63 -18.79
CA GLY A 178 -9.82 48.86 -18.91
C GLY A 178 -8.81 49.98 -19.16
N GLU A 179 -9.28 51.07 -19.74
CA GLU A 179 -8.40 52.23 -19.94
C GLU A 179 -8.16 52.83 -18.54
N SER A 180 -7.75 54.08 -18.45
CA SER A 180 -7.52 54.67 -17.12
C SER A 180 -8.75 55.48 -16.70
N GLY A 181 -9.63 54.78 -15.96
CA GLY A 181 -10.89 55.37 -15.47
C GLY A 181 -11.99 54.33 -15.25
N ALA A 182 -11.67 53.07 -15.53
CA ALA A 182 -12.59 51.94 -15.29
C ALA A 182 -12.69 51.67 -13.78
N GLY A 183 -12.96 50.41 -13.45
CA GLY A 183 -12.88 49.93 -12.06
C GLY A 183 -12.09 48.63 -12.03
N LYS A 184 -10.78 48.74 -11.85
CA LYS A 184 -9.90 47.56 -11.86
C LYS A 184 -9.65 47.06 -10.44
N THR A 185 -8.75 47.77 -9.76
CA THR A 185 -8.27 47.44 -8.41
C THR A 185 -9.42 47.47 -7.40
N VAL A 186 -10.46 48.23 -7.71
CA VAL A 186 -11.70 48.26 -6.92
C VAL A 186 -12.30 46.85 -6.76
N ASN A 187 -12.24 46.07 -7.83
CA ASN A 187 -12.66 44.66 -7.82
C ASN A 187 -11.66 43.81 -7.05
N THR A 188 -10.37 44.03 -7.36
CA THR A 188 -9.28 43.17 -6.90
C THR A 188 -9.19 43.09 -5.37
N LYS A 189 -9.57 44.17 -4.69
CA LYS A 189 -9.70 44.14 -3.22
C LYS A 189 -10.74 43.11 -2.76
N ARG A 190 -11.87 43.09 -3.47
CA ARG A 190 -12.93 42.09 -3.27
C ARG A 190 -12.54 40.67 -3.72
N VAL A 191 -11.67 40.59 -4.72
CA VAL A 191 -11.18 39.29 -5.20
C VAL A 191 -10.34 38.61 -4.11
N ILE A 192 -9.47 39.42 -3.49
CA ILE A 192 -8.60 38.94 -2.39
C ILE A 192 -9.47 38.43 -1.23
N GLN A 193 -10.45 39.25 -0.85
CA GLN A 193 -11.34 38.91 0.28
C GLN A 193 -12.13 37.61 0.00
N TYR A 194 -12.62 37.49 -1.24
CA TYR A 194 -13.41 36.32 -1.65
C TYR A 194 -12.55 35.05 -1.64
N PHE A 195 -11.37 35.14 -2.20
CA PHE A 195 -10.48 33.98 -2.26
C PHE A 195 -10.11 33.49 -0.85
N ALA A 196 -10.00 34.41 0.09
CA ALA A 196 -9.70 34.08 1.49
C ALA A 196 -10.88 33.41 2.21
N VAL A 197 -12.09 33.66 1.70
CA VAL A 197 -13.32 33.09 2.29
C VAL A 197 -13.53 31.63 1.87
N ILE A 198 -13.17 31.33 0.62
CA ILE A 198 -13.34 29.99 0.05
C ILE A 198 -12.06 29.16 0.22
N ALA A 199 -10.91 29.81 0.17
CA ALA A 199 -9.60 29.13 0.24
C ALA A 199 -9.12 28.90 1.68
N ALA A 200 -10.05 29.07 2.62
CA ALA A 200 -9.76 28.94 4.06
C ALA A 200 -9.47 27.51 4.52
N ILE A 201 -8.77 27.44 5.65
CA ILE A 201 -8.52 26.21 6.41
C ILE A 201 -8.86 26.48 7.89
N GLY A 202 -10.17 26.60 8.15
CA GLY A 202 -10.64 26.98 9.49
C GLY A 202 -12.15 27.14 9.52
N ASP A 203 -12.67 27.26 10.73
CA ASP A 203 -14.11 27.43 10.97
C ASP A 203 -14.39 28.79 11.63
N ARG A 204 -15.63 29.24 11.50
CA ARG A 204 -16.07 30.49 12.15
C ARG A 204 -17.10 30.21 13.23
N SER A 205 -16.99 30.98 14.31
CA SER A 205 -17.92 30.87 15.45
C SER A 205 -19.22 31.67 15.23
N LYS A 206 -19.16 32.61 14.29
CA LYS A 206 -20.30 33.47 13.94
C LYS A 206 -20.59 33.40 12.43
N LYS A 207 -21.75 33.86 12.02
CA LYS A 207 -22.26 33.57 10.67
C LYS A 207 -22.22 34.66 9.59
N ASP A 208 -22.63 34.15 8.44
CA ASP A 208 -22.75 34.69 7.06
C ASP A 208 -22.81 36.20 6.78
N GLN A 209 -22.04 37.04 7.45
CA GLN A 209 -22.14 38.47 7.15
C GLN A 209 -20.91 39.24 6.67
N SER A 210 -19.77 39.39 7.34
CA SER A 210 -19.35 38.91 8.68
C SER A 210 -18.88 37.45 8.65
N PRO A 211 -17.55 37.32 8.53
CA PRO A 211 -16.91 36.01 8.56
C PRO A 211 -15.98 35.82 9.77
N GLY A 212 -15.48 34.60 9.85
CA GLY A 212 -14.40 34.21 10.77
C GLY A 212 -13.40 33.37 9.97
N LYS A 213 -12.26 33.98 9.67
CA LYS A 213 -11.20 33.30 8.90
C LYS A 213 -10.16 32.70 9.86
N GLY A 214 -9.16 32.10 9.24
CA GLY A 214 -7.89 31.73 9.91
C GLY A 214 -6.94 32.94 9.78
N THR A 215 -5.84 32.87 10.52
CA THR A 215 -4.90 34.00 10.65
C THR A 215 -4.29 34.44 9.31
N LEU A 216 -3.66 33.48 8.61
CA LEU A 216 -2.89 33.77 7.40
C LEU A 216 -3.74 34.43 6.31
N GLU A 217 -5.00 34.05 6.27
CA GLU A 217 -5.97 34.52 5.26
C GLU A 217 -6.33 35.99 5.47
N ASP A 218 -6.66 36.38 6.70
CA ASP A 218 -7.12 37.76 6.90
C ASP A 218 -5.96 38.75 6.88
N GLN A 219 -4.78 38.27 7.26
CA GLN A 219 -3.54 39.03 7.18
C GLN A 219 -3.25 39.47 5.74
N ILE A 220 -3.34 38.52 4.80
CA ILE A 220 -3.10 38.80 3.38
C ILE A 220 -4.08 39.86 2.86
N ILE A 221 -5.28 39.86 3.44
CA ILE A 221 -6.31 40.87 3.13
C ILE A 221 -5.87 42.24 3.64
N GLN A 222 -5.36 42.26 4.86
CA GLN A 222 -4.91 43.51 5.50
C GLN A 222 -3.61 44.04 4.90
N ALA A 223 -2.84 43.16 4.28
CA ALA A 223 -1.58 43.51 3.60
C ALA A 223 -1.81 44.61 2.55
N ASN A 224 -2.98 44.55 1.90
CA ASN A 224 -3.36 45.48 0.85
C ASN A 224 -3.54 46.92 1.39
N PRO A 225 -4.34 47.14 2.45
CA PRO A 225 -4.46 48.45 3.13
C PRO A 225 -3.12 49.02 3.60
N ALA A 226 -2.14 48.16 3.87
CA ALA A 226 -0.77 48.59 4.18
C ALA A 226 -0.08 49.16 2.94
N LEU A 227 -0.24 48.44 1.82
CA LEU A 227 0.23 48.89 0.51
C LEU A 227 -0.53 50.11 0.00
N GLU A 228 -1.76 50.26 0.47
CA GLU A 228 -2.59 51.45 0.20
C GLU A 228 -2.02 52.66 0.93
N ALA A 229 -1.79 52.48 2.24
CA ALA A 229 -1.27 53.54 3.11
C ALA A 229 0.09 54.07 2.64
N PHE A 230 1.04 53.14 2.43
CA PHE A 230 2.35 53.47 1.86
C PHE A 230 2.33 53.40 0.32
N GLY A 231 1.23 53.91 -0.24
CA GLY A 231 1.00 53.84 -1.70
C GLY A 231 0.40 55.11 -2.29
N ASN A 232 -0.84 55.37 -1.92
CA ASN A 232 -1.69 56.31 -2.69
C ASN A 232 -1.64 57.75 -2.18
N ALA A 233 -1.66 58.64 -3.17
CA ALA A 233 -1.59 60.10 -2.99
C ALA A 233 -2.38 60.78 -4.12
N LYS A 234 -2.81 62.00 -3.83
CA LYS A 234 -3.75 62.78 -4.66
C LYS A 234 -3.20 63.17 -6.04
N THR A 235 -3.92 62.73 -7.08
CA THR A 235 -3.67 63.13 -8.47
C THR A 235 -4.95 63.65 -9.13
N VAL A 236 -4.88 63.95 -10.43
CA VAL A 236 -5.97 64.65 -11.13
C VAL A 236 -7.01 63.76 -11.84
N ARG A 237 -6.57 62.93 -12.78
CA ARG A 237 -7.46 62.06 -13.55
C ARG A 237 -8.31 61.16 -12.64
N ASN A 238 -7.59 60.56 -11.69
CA ASN A 238 -8.20 59.83 -10.57
C ASN A 238 -7.46 60.36 -9.34
N ASP A 239 -8.23 60.90 -8.41
CA ASP A 239 -7.69 61.58 -7.23
C ASP A 239 -6.90 60.59 -6.36
N ASN A 240 -7.41 59.37 -6.31
CA ASN A 240 -6.70 58.22 -5.74
C ASN A 240 -6.38 57.23 -6.87
N SER A 241 -5.51 57.69 -7.77
CA SER A 241 -5.04 56.87 -8.89
C SER A 241 -4.07 55.80 -8.37
N SER A 242 -3.64 54.91 -9.26
CA SER A 242 -2.70 53.84 -8.89
C SER A 242 -1.33 54.20 -9.45
N ARG A 243 -0.36 54.39 -8.55
CA ARG A 243 0.99 54.84 -8.94
C ARG A 243 2.06 53.75 -8.82
N PHE A 244 1.62 52.49 -8.73
CA PHE A 244 2.52 51.33 -8.76
C PHE A 244 1.98 50.27 -9.74
N GLY A 245 2.65 49.13 -9.75
CA GLY A 245 2.20 47.93 -10.49
C GLY A 245 2.18 46.75 -9.51
N LYS A 246 1.44 45.70 -9.82
CA LYS A 246 1.25 44.61 -8.86
C LYS A 246 0.86 43.28 -9.53
N PHE A 247 1.48 42.22 -9.04
CA PHE A 247 1.16 40.84 -9.45
C PHE A 247 1.38 39.87 -8.28
N ILE A 248 0.34 39.76 -7.46
CA ILE A 248 0.34 38.90 -6.26
C ILE A 248 0.33 37.42 -6.69
N ARG A 249 1.51 36.82 -6.73
CA ARG A 249 1.64 35.38 -7.03
C ARG A 249 1.26 34.54 -5.80
N ILE A 250 -0.02 34.21 -5.75
CA ILE A 250 -0.56 33.32 -4.70
C ILE A 250 -0.03 31.89 -4.95
N HIS A 251 0.22 31.15 -3.87
CA HIS A 251 0.71 29.77 -3.93
C HIS A 251 -0.16 28.81 -3.12
N PHE A 252 -0.20 27.57 -3.61
CA PHE A 252 -1.14 26.54 -3.13
C PHE A 252 -0.50 25.41 -2.33
N GLY A 253 -1.40 24.64 -1.72
CA GLY A 253 -1.09 23.39 -1.00
C GLY A 253 -1.71 22.20 -1.75
N ALA A 254 -1.40 21.00 -1.26
CA ALA A 254 -1.80 19.73 -1.89
C ALA A 254 -3.33 19.51 -1.99
N THR A 255 -4.08 20.13 -1.10
CA THR A 255 -5.55 19.98 -1.07
C THR A 255 -6.28 21.04 -1.91
N GLY A 256 -5.49 21.94 -2.53
CA GLY A 256 -6.01 23.07 -3.30
C GLY A 256 -6.48 24.20 -2.38
N LYS A 257 -5.54 24.67 -1.57
CA LYS A 257 -5.76 25.77 -0.60
C LYS A 257 -4.60 26.76 -0.59
N LEU A 258 -4.89 27.95 -0.07
CA LEU A 258 -3.88 28.99 0.15
C LEU A 258 -2.95 28.52 1.28
N ALA A 259 -1.66 28.50 0.99
CA ALA A 259 -0.65 28.06 1.96
C ALA A 259 0.48 29.07 2.17
N SER A 260 0.68 29.95 1.18
CA SER A 260 1.74 30.96 1.19
C SER A 260 1.64 31.84 -0.07
N ALA A 261 2.11 33.08 0.02
CA ALA A 261 1.99 34.03 -1.10
C ALA A 261 3.13 35.05 -1.20
N ASP A 262 3.42 35.39 -2.45
CA ASP A 262 4.47 36.34 -2.87
C ASP A 262 3.85 37.43 -3.74
N ILE A 263 4.50 38.59 -3.83
CA ILE A 263 3.99 39.73 -4.63
C ILE A 263 5.10 40.30 -5.52
N GLU A 264 4.72 40.69 -6.74
CA GLU A 264 5.58 41.53 -7.59
C GLU A 264 4.98 42.94 -7.67
N THR A 265 5.84 43.94 -7.55
CA THR A 265 5.43 45.35 -7.66
C THR A 265 6.23 46.07 -8.75
N TYR A 266 5.50 46.50 -9.78
CA TYR A 266 6.08 47.25 -10.91
C TYR A 266 6.31 48.70 -10.52
N LEU A 267 7.05 49.40 -11.38
CA LEU A 267 7.47 50.80 -11.18
C LEU A 267 6.47 51.65 -10.37
N LEU A 268 7.04 52.45 -9.48
CA LEU A 268 6.29 53.29 -8.54
C LEU A 268 6.54 54.76 -8.86
N GLU A 269 5.50 55.59 -8.76
CA GLU A 269 5.68 57.04 -8.80
C GLU A 269 6.11 57.47 -7.39
N LYS A 270 7.41 57.37 -7.16
CA LYS A 270 8.01 57.78 -5.89
C LYS A 270 8.57 59.21 -6.02
N SER A 271 7.85 60.02 -6.80
CA SER A 271 8.26 61.39 -7.13
C SER A 271 8.59 62.21 -5.88
N ARG A 272 7.66 62.64 -5.03
CA ARG A 272 6.17 62.57 -5.03
C ARG A 272 5.72 63.03 -3.64
N VAL A 273 6.52 62.59 -2.67
CA VAL A 273 6.36 62.86 -1.24
C VAL A 273 6.86 64.27 -0.85
N ILE A 274 6.81 65.20 -1.80
CA ILE A 274 7.51 66.49 -1.66
C ILE A 274 6.76 67.66 -2.32
N PHE A 275 7.38 68.45 -3.16
CA PHE A 275 6.62 69.51 -3.83
C PHE A 275 5.70 68.94 -4.92
N GLN A 276 4.88 69.81 -5.48
CA GLN A 276 3.68 69.38 -6.22
C GLN A 276 3.46 70.15 -7.52
N LEU A 277 2.25 69.94 -8.03
CA LEU A 277 1.55 70.88 -8.91
C LEU A 277 0.45 71.56 -8.07
N LYS A 278 -0.63 71.99 -8.72
CA LYS A 278 -1.64 72.81 -8.02
C LYS A 278 -2.55 72.02 -7.07
N ALA A 279 -2.78 72.65 -5.92
CA ALA A 279 -3.83 72.29 -4.95
C ALA A 279 -3.69 70.89 -4.36
N GLU A 280 -2.47 70.40 -4.21
CA GLU A 280 -2.25 69.09 -3.58
C GLU A 280 -1.79 69.29 -2.12
N ARG A 281 -1.52 68.16 -1.49
CA ARG A 281 -0.65 68.08 -0.30
C ARG A 281 0.56 67.24 -0.75
N ASP A 282 1.12 66.44 0.16
CA ASP A 282 2.06 65.38 -0.22
C ASP A 282 1.49 64.01 0.11
N TYR A 283 1.95 63.47 1.23
CA TYR A 283 1.52 62.16 1.72
C TYR A 283 0.79 62.30 3.04
N HIS A 284 0.00 61.27 3.30
CA HIS A 284 -0.83 61.18 4.53
C HIS A 284 0.01 61.25 5.81
N ILE A 285 1.14 60.55 5.79
CA ILE A 285 1.96 60.33 7.00
C ILE A 285 2.98 61.43 7.33
N PHE A 286 2.61 62.67 7.01
CA PHE A 286 3.44 63.87 7.20
C PHE A 286 2.80 64.89 8.13
N TYR A 287 1.70 65.48 7.66
CA TYR A 287 0.99 66.55 8.38
C TYR A 287 0.39 66.10 9.71
N GLN A 288 0.03 64.82 9.77
CA GLN A 288 -0.60 64.22 10.96
C GLN A 288 0.19 64.52 12.23
N ILE A 289 1.51 64.45 12.09
CA ILE A 289 2.42 64.60 13.22
C ILE A 289 2.29 66.01 13.79
N LEU A 290 2.07 67.05 13.01
CA LEU A 290 1.98 68.43 13.54
C LEU A 290 0.60 68.71 14.14
N SER A 291 -0.42 68.31 13.38
CA SER A 291 -1.82 68.63 13.71
C SER A 291 -2.43 67.72 14.79
N ASN A 292 -2.41 66.41 14.55
CA ASN A 292 -2.95 65.42 15.51
C ASN A 292 -1.96 65.14 16.65
N LYS A 293 -0.80 65.77 16.61
CA LYS A 293 0.20 65.52 17.65
C LYS A 293 -0.28 65.97 19.01
N LYS A 294 -0.26 65.01 19.91
CA LYS A 294 -0.47 65.27 21.33
C LYS A 294 0.69 66.14 21.86
N PRO A 295 0.44 66.89 22.94
CA PRO A 295 1.42 67.84 23.50
C PRO A 295 2.77 67.24 23.89
N GLU A 296 2.76 65.99 24.35
CA GLU A 296 4.01 65.25 24.66
C GLU A 296 4.91 65.13 23.42
N LEU A 297 4.30 64.61 22.36
CA LEU A 297 4.98 64.32 21.09
C LEU A 297 5.53 65.58 20.42
N LEU A 298 4.74 66.65 20.49
CA LEU A 298 5.06 67.95 19.86
C LEU A 298 6.31 68.57 20.41
N ASP A 299 6.44 68.34 21.70
CA ASP A 299 7.59 68.85 22.44
C ASP A 299 8.82 67.97 22.17
N MET A 300 8.68 66.66 22.39
CA MET A 300 9.80 65.72 22.19
C MET A 300 10.37 65.79 20.77
N LEU A 301 9.47 65.75 19.78
CA LEU A 301 9.87 65.81 18.36
C LEU A 301 9.99 67.25 17.84
N LEU A 302 10.09 68.21 18.75
CA LEU A 302 10.34 69.63 18.43
C LEU A 302 9.60 70.16 17.22
N ILE A 303 8.44 70.76 17.47
CA ILE A 303 7.70 71.44 16.38
C ILE A 303 6.95 72.66 16.93
N THR A 304 7.29 73.82 16.41
CA THR A 304 6.55 75.06 16.72
C THR A 304 5.19 75.01 15.99
N ASN A 305 4.59 76.18 15.78
CA ASN A 305 3.41 76.28 14.92
C ASN A 305 3.14 77.75 14.54
N ASN A 306 3.80 78.17 13.49
CA ASN A 306 3.50 79.45 12.83
C ASN A 306 2.33 79.28 11.84
N PRO A 307 1.45 80.28 11.77
CA PRO A 307 0.27 80.28 10.88
C PRO A 307 0.54 80.43 9.37
N TYR A 308 0.77 81.67 8.92
CA TYR A 308 0.92 82.03 7.50
C TYR A 308 2.39 82.40 7.24
N ASP A 309 2.79 83.42 7.98
CA ASP A 309 4.17 83.64 8.45
C ASP A 309 5.34 84.21 7.67
N TYR A 310 6.16 84.74 8.56
CA TYR A 310 7.39 85.50 8.29
C TYR A 310 7.30 86.66 7.32
N ALA A 311 8.42 86.84 6.64
CA ALA A 311 8.98 88.18 6.38
C ALA A 311 8.08 89.07 5.52
N PHE A 312 7.24 88.44 4.71
CA PHE A 312 6.61 89.20 3.66
C PHE A 312 5.14 88.89 3.50
N ILE A 313 4.56 87.85 4.16
CA ILE A 313 3.11 87.55 4.27
C ILE A 313 2.58 86.08 4.13
N SER A 314 2.40 85.61 2.91
CA SER A 314 1.14 84.98 2.42
C SER A 314 0.43 83.77 3.06
N GLN A 315 0.44 82.58 2.44
CA GLN A 315 -0.68 81.63 2.60
C GLN A 315 -0.75 80.58 3.72
N GLY A 316 -0.45 79.31 3.41
CA GLY A 316 -0.88 78.21 4.28
C GLY A 316 -0.04 76.92 4.20
N GLU A 317 -0.43 75.81 4.84
CA GLU A 317 -1.72 75.49 5.51
C GLU A 317 -2.83 75.07 4.53
N THR A 318 -2.45 74.20 3.60
CA THR A 318 -3.38 73.59 2.63
C THR A 318 -4.32 72.61 3.35
N THR A 319 -5.57 73.05 3.48
CA THR A 319 -6.61 72.26 4.15
C THR A 319 -7.14 71.14 3.24
N VAL A 320 -7.70 70.13 3.89
CA VAL A 320 -8.17 68.92 3.20
C VAL A 320 -9.66 68.69 3.44
N ALA A 321 -10.40 68.76 2.34
CA ALA A 321 -11.86 68.58 2.37
C ALA A 321 -12.32 67.18 2.76
N SER A 322 -12.96 67.10 3.92
CA SER A 322 -13.73 65.92 4.38
C SER A 322 -12.93 64.65 4.67
N ILE A 323 -11.63 64.80 4.86
CA ILE A 323 -10.79 63.70 5.38
C ILE A 323 -9.99 64.26 6.55
N ASP A 324 -10.17 63.63 7.69
CA ASP A 324 -9.53 64.14 8.91
C ASP A 324 -8.12 63.55 9.07
N ASP A 325 -7.17 64.44 9.36
CA ASP A 325 -5.77 64.03 9.63
C ASP A 325 -5.61 63.09 10.83
N ALA A 326 -6.49 63.24 11.82
CA ALA A 326 -6.48 62.44 13.04
C ALA A 326 -6.62 60.92 12.84
N GLU A 327 -7.85 60.53 12.51
CA GLU A 327 -8.31 59.14 12.55
C GLU A 327 -7.60 58.10 11.68
N GLU A 328 -7.43 58.39 10.39
CA GLU A 328 -6.95 57.38 9.41
C GLU A 328 -5.72 56.58 9.84
N LEU A 329 -4.87 57.21 10.64
CA LEU A 329 -3.65 56.56 11.17
C LEU A 329 -3.99 55.38 12.09
N MET A 330 -5.00 55.56 12.93
CA MET A 330 -5.46 54.50 13.86
C MET A 330 -6.00 53.28 13.10
N ALA A 331 -6.61 53.54 11.94
CA ALA A 331 -7.09 52.47 11.04
C ALA A 331 -5.92 51.60 10.56
N THR A 332 -4.82 52.26 10.25
CA THR A 332 -3.59 51.61 9.76
C THR A 332 -2.72 51.00 10.86
N ASP A 333 -2.77 51.54 12.07
CA ASP A 333 -2.02 50.96 13.20
C ASP A 333 -2.59 49.58 13.55
N ASN A 334 -3.92 49.49 13.47
CA ASN A 334 -4.62 48.21 13.64
C ASN A 334 -4.28 47.25 12.50
N ALA A 335 -4.10 47.80 11.31
CA ALA A 335 -3.66 47.03 10.13
C ALA A 335 -2.25 46.46 10.35
N PHE A 336 -1.34 47.23 10.89
CA PHE A 336 0.00 46.71 11.23
C PHE A 336 -0.06 45.65 12.33
N ASP A 337 -0.98 45.88 13.27
CA ASP A 337 -1.24 44.95 14.38
C ASP A 337 -1.61 43.57 13.85
N VAL A 338 -2.39 43.55 12.78
CA VAL A 338 -2.85 42.28 12.16
C VAL A 338 -1.73 41.55 11.42
N LEU A 339 -0.88 42.30 10.70
CA LEU A 339 0.30 41.72 10.04
C LEU A 339 1.23 41.06 11.06
N GLY A 340 1.49 41.80 12.15
CA GLY A 340 2.24 41.24 13.29
C GLY A 340 3.20 42.22 13.98
N PHE A 341 3.32 43.43 13.47
CA PHE A 341 4.25 44.44 14.00
C PHE A 341 4.01 44.76 15.48
N THR A 342 5.01 44.43 16.28
CA THR A 342 5.01 44.72 17.72
C THR A 342 5.01 46.24 17.97
N SER A 343 4.89 46.62 19.24
CA SER A 343 4.66 48.02 19.62
C SER A 343 5.83 48.96 19.29
N GLU A 344 7.03 48.58 19.71
CA GLU A 344 8.24 49.38 19.46
C GLU A 344 8.53 49.47 17.96
N GLU A 345 8.30 48.36 17.25
CA GLU A 345 8.48 48.32 15.79
C GLU A 345 7.53 49.26 15.06
N LYS A 346 6.30 49.38 15.56
CA LYS A 346 5.33 50.35 15.01
C LYS A 346 5.76 51.80 15.23
N ASN A 347 6.41 52.06 16.35
CA ASN A 347 6.98 53.39 16.60
C ASN A 347 8.20 53.66 15.71
N SER A 348 9.07 52.65 15.57
CA SER A 348 10.28 52.77 14.76
C SER A 348 9.97 53.01 13.28
N MET A 349 8.88 52.40 12.80
CA MET A 349 8.39 52.65 11.44
C MET A 349 7.83 54.07 11.32
N TYR A 350 7.02 54.48 12.30
CA TYR A 350 6.46 55.84 12.35
C TYR A 350 7.56 56.90 12.54
N LYS A 351 8.68 56.44 13.06
CA LYS A 351 9.85 57.28 13.34
C LYS A 351 10.58 57.64 12.04
N LEU A 352 10.93 56.62 11.26
CA LEU A 352 11.61 56.83 9.97
C LEU A 352 10.70 57.62 9.01
N THR A 353 9.40 57.38 9.13
CA THR A 353 8.36 58.09 8.37
C THR A 353 8.41 59.58 8.71
N GLY A 354 8.31 59.92 9.99
CA GLY A 354 8.46 61.32 10.45
C GLY A 354 9.83 61.91 10.06
N ALA A 355 10.82 61.02 9.97
CA ALA A 355 12.18 61.39 9.54
C ALA A 355 12.16 61.94 8.12
N ILE A 356 11.39 61.33 7.23
CA ILE A 356 11.26 61.83 5.84
C ILE A 356 10.49 63.16 5.79
N MET A 357 9.61 63.36 6.77
CA MET A 357 8.82 64.59 6.89
C MET A 357 9.74 65.78 7.16
N HIS A 358 10.52 65.71 8.24
CA HIS A 358 11.41 66.80 8.66
C HIS A 358 12.46 67.19 7.61
N PHE A 359 12.82 66.24 6.76
CA PHE A 359 13.74 66.49 5.62
C PHE A 359 13.20 67.62 4.75
N GLY A 360 11.86 67.67 4.74
CA GLY A 360 11.12 68.75 4.08
C GLY A 360 10.62 69.71 5.16
N ASN A 361 9.37 69.49 5.55
CA ASN A 361 8.62 70.43 6.43
C ASN A 361 8.55 71.79 5.68
N MET A 362 8.38 71.69 4.38
CA MET A 362 8.37 72.85 3.49
C MET A 362 7.02 73.57 3.60
N LYS A 363 6.88 74.33 4.67
CA LYS A 363 5.72 75.20 4.90
C LYS A 363 6.22 76.64 5.03
N PHE A 364 5.44 77.63 4.61
CA PHE A 364 4.14 77.48 3.94
C PHE A 364 4.31 77.79 2.44
N LYS A 365 5.38 78.54 2.16
CA LYS A 365 5.79 78.98 0.81
C LYS A 365 7.25 79.47 0.74
N LEU A 366 7.83 79.25 -0.44
CA LEU A 366 9.17 79.57 -0.99
C LEU A 366 9.53 81.09 -1.02
N LYS A 367 10.70 81.71 -0.73
CA LYS A 367 12.07 81.50 -0.14
C LYS A 367 12.90 82.82 -0.14
N GLN A 368 14.11 82.86 -0.75
CA GLN A 368 15.12 83.95 -0.89
C GLN A 368 16.43 84.05 -0.08
N ARG A 369 17.48 83.45 -0.67
CA ARG A 369 18.92 83.61 -0.35
C ARG A 369 19.66 82.57 -1.21
N GLU A 370 19.20 81.33 -1.07
CA GLU A 370 19.11 80.42 -2.22
C GLU A 370 17.90 80.95 -3.05
N GLU A 371 16.97 80.24 -3.70
CA GLU A 371 16.73 78.82 -4.03
C GLU A 371 15.94 77.85 -3.12
N GLN A 372 16.44 77.49 -1.94
CA GLN A 372 15.82 76.42 -1.11
C GLN A 372 14.52 76.74 -0.35
N ALA A 373 14.13 75.82 0.49
CA ALA A 373 13.07 76.02 1.49
C ALA A 373 13.61 75.55 2.84
N GLU A 374 13.24 76.28 3.87
CA GLU A 374 13.61 75.98 5.25
C GLU A 374 12.34 75.91 6.12
N PRO A 375 12.44 75.34 7.31
CA PRO A 375 11.32 75.30 8.27
C PRO A 375 11.38 76.46 9.27
N ASP A 376 10.18 76.88 9.65
CA ASP A 376 9.95 78.14 10.38
C ASP A 376 10.15 77.98 11.90
N GLY A 377 10.53 79.11 12.52
CA GLY A 377 10.86 79.13 13.95
C GLY A 377 12.07 78.24 14.24
N THR A 378 12.87 78.03 13.19
CA THR A 378 14.16 77.33 13.29
C THR A 378 13.83 75.88 13.65
N GLU A 379 14.65 75.20 14.47
CA GLU A 379 14.54 73.74 14.73
C GLU A 379 14.94 72.97 13.47
N GLU A 380 14.22 73.23 12.40
CA GLU A 380 14.67 72.93 11.05
C GLU A 380 14.99 71.47 10.69
N ALA A 381 16.01 71.30 9.87
CA ALA A 381 16.43 69.98 9.41
C ALA A 381 17.58 69.41 10.26
N ASP A 382 17.90 70.07 11.36
CA ASP A 382 18.74 69.47 12.41
C ASP A 382 17.97 68.27 13.01
N LYS A 383 16.67 68.50 13.13
CA LYS A 383 15.70 67.50 13.63
C LYS A 383 15.73 66.18 12.85
N SER A 384 16.03 66.24 11.56
CA SER A 384 16.18 65.01 10.75
C SER A 384 17.41 64.20 11.19
N ALA A 385 18.50 64.92 11.43
CA ALA A 385 19.82 64.33 11.74
C ALA A 385 19.89 63.74 13.15
N TYR A 386 19.10 64.29 14.08
CA TYR A 386 18.98 63.71 15.43
C TYR A 386 18.29 62.34 15.38
N LEU A 387 17.25 62.27 14.55
CA LEU A 387 16.46 61.04 14.32
C LEU A 387 17.24 59.93 13.59
N MET A 388 18.28 60.32 12.86
CA MET A 388 19.14 59.38 12.15
C MET A 388 20.26 58.81 13.03
N GLY A 389 21.24 59.68 13.31
CA GLY A 389 22.49 59.28 13.99
C GLY A 389 23.72 59.76 13.21
N LEU A 390 23.54 60.91 12.58
CA LEU A 390 24.53 61.55 11.68
C LEU A 390 24.65 63.01 12.08
N ASN A 391 25.43 63.78 11.32
CA ASN A 391 25.70 65.18 11.68
C ASN A 391 24.68 66.06 10.95
N SER A 392 24.28 67.14 11.62
CA SER A 392 23.23 68.03 11.09
C SER A 392 23.63 68.89 9.89
N ALA A 393 24.86 69.37 9.93
CA ALA A 393 25.34 70.39 8.96
C ALA A 393 25.41 69.91 7.51
N ASP A 394 25.70 68.62 7.36
CA ASP A 394 26.00 68.00 6.06
C ASP A 394 24.85 68.07 5.04
N LEU A 395 23.67 68.45 5.53
CA LEU A 395 22.46 68.53 4.72
C LEU A 395 22.46 69.73 3.75
N LEU A 396 21.53 70.66 3.96
CA LEU A 396 21.21 71.76 3.02
C LEU A 396 21.98 71.76 1.71
N LYS A 397 22.99 72.64 1.65
CA LYS A 397 23.96 72.88 0.58
C LYS A 397 23.79 72.00 -0.68
N GLY A 398 23.97 70.69 -0.50
CA GLY A 398 23.91 69.71 -1.60
C GLY A 398 22.66 69.83 -2.48
N LEU A 399 21.55 70.25 -1.87
CA LEU A 399 20.27 70.41 -2.60
C LEU A 399 20.40 71.43 -3.74
N CYS A 400 21.09 72.53 -3.44
CA CYS A 400 21.21 73.65 -4.38
C CYS A 400 22.35 73.44 -5.39
N HIS A 401 23.56 73.19 -4.87
CA HIS A 401 24.77 73.06 -5.70
C HIS A 401 25.42 71.70 -5.43
N PRO A 402 24.96 70.68 -6.17
CA PRO A 402 25.41 69.28 -6.02
C PRO A 402 26.89 69.09 -6.40
N ARG A 403 27.38 67.89 -6.14
CA ARG A 403 28.77 67.50 -6.41
C ARG A 403 28.81 66.46 -7.54
N VAL A 404 28.32 66.89 -8.71
CA VAL A 404 28.28 66.01 -9.90
C VAL A 404 29.70 65.70 -10.39
N LYS A 405 30.09 64.45 -10.25
CA LYS A 405 31.39 64.02 -10.79
C LYS A 405 31.18 63.43 -12.19
N VAL A 406 31.29 64.32 -13.18
CA VAL A 406 31.18 63.95 -14.59
C VAL A 406 32.43 63.17 -15.01
N GLY A 407 32.32 61.85 -14.85
CA GLY A 407 33.38 60.90 -15.24
C GLY A 407 34.65 61.10 -14.42
N ASN A 408 35.51 62.00 -14.87
CA ASN A 408 36.82 62.28 -14.24
C ASN A 408 36.88 63.61 -13.49
N GLU A 409 36.00 64.55 -13.87
CA GLU A 409 36.06 65.92 -13.34
C GLU A 409 34.75 66.30 -12.63
N TYR A 410 34.87 67.18 -11.66
CA TYR A 410 33.74 67.54 -10.77
C TYR A 410 33.08 68.82 -11.27
N VAL A 411 31.77 68.87 -11.05
CA VAL A 411 30.93 70.01 -11.48
C VAL A 411 29.93 70.33 -10.34
N THR A 412 30.27 71.28 -9.52
CA THR A 412 29.38 71.66 -8.41
C THR A 412 28.41 72.74 -8.89
N LYS A 413 27.22 72.37 -9.38
CA LYS A 413 26.28 73.39 -9.89
C LYS A 413 24.79 73.01 -9.99
N GLY A 414 24.01 74.05 -9.65
CA GLY A 414 22.72 74.38 -10.27
C GLY A 414 21.53 73.45 -10.08
N GLN A 415 20.83 73.70 -8.99
CA GLN A 415 19.44 73.23 -8.78
C GLN A 415 18.56 74.40 -8.32
N ASN A 416 17.25 74.16 -8.31
CA ASN A 416 16.26 75.24 -8.22
C ASN A 416 15.31 75.11 -7.02
N VAL A 417 14.31 75.98 -7.00
CA VAL A 417 13.25 76.02 -5.99
C VAL A 417 12.39 74.74 -5.97
N GLN A 418 11.68 74.49 -7.06
CA GLN A 418 10.88 73.27 -7.21
C GLN A 418 11.80 72.03 -7.15
N GLN A 419 13.05 72.25 -7.57
CA GLN A 419 14.04 71.17 -7.62
C GLN A 419 14.67 70.83 -6.28
N VAL A 420 14.67 71.71 -5.29
CA VAL A 420 15.15 71.39 -3.94
C VAL A 420 14.08 70.61 -3.17
N ILE A 421 12.84 71.05 -3.33
CA ILE A 421 11.67 70.30 -2.84
C ILE A 421 11.30 69.15 -3.79
N TYR A 422 12.26 68.81 -4.63
CA TYR A 422 12.34 67.51 -5.33
C TYR A 422 13.61 66.79 -4.85
N ALA A 423 14.68 67.56 -4.73
CA ALA A 423 16.05 67.10 -4.48
C ALA A 423 16.34 66.71 -3.03
N THR A 424 15.47 67.06 -2.08
CA THR A 424 15.53 66.48 -0.72
C THR A 424 14.96 65.06 -0.65
N GLY A 425 14.12 64.70 -1.63
CA GLY A 425 13.60 63.33 -1.80
C GLY A 425 13.68 62.85 -3.26
N ALA A 426 14.83 62.47 -3.82
CA ALA A 426 16.19 62.39 -3.26
C ALA A 426 16.44 61.51 -2.04
N LEU A 427 16.73 62.07 -0.86
CA LEU A 427 17.05 61.25 0.32
C LEU A 427 15.81 60.48 0.77
N ALA A 428 14.70 61.22 0.78
CA ALA A 428 13.35 60.67 0.97
C ALA A 428 12.93 59.67 -0.13
N LYS A 429 13.66 59.72 -1.23
CA LYS A 429 13.39 58.88 -2.40
C LYS A 429 14.09 57.53 -2.23
N ALA A 430 15.37 57.60 -1.86
CA ALA A 430 16.15 56.40 -1.50
C ALA A 430 15.51 55.70 -0.30
N VAL A 431 15.04 56.52 0.65
CA VAL A 431 14.42 55.99 1.88
C VAL A 431 13.03 55.42 1.63
N TYR A 432 12.09 56.22 1.16
CA TYR A 432 10.67 55.83 1.07
C TYR A 432 10.50 54.58 0.22
N GLU A 433 11.24 54.53 -0.88
CA GLU A 433 11.26 53.33 -1.74
C GLU A 433 11.84 52.13 -0.98
N ARG A 434 12.89 52.38 -0.22
CA ARG A 434 13.49 51.37 0.68
C ARG A 434 12.58 50.99 1.86
N MET A 435 11.67 51.86 2.27
CA MET A 435 10.64 51.51 3.27
C MET A 435 9.66 50.52 2.62
N PHE A 436 9.26 50.87 1.40
CA PHE A 436 8.35 50.03 0.60
C PHE A 436 9.00 48.66 0.33
N ASN A 437 10.28 48.69 -0.04
CA ASN A 437 11.08 47.47 -0.22
C ASN A 437 11.34 46.73 1.09
N TRP A 438 11.53 47.48 2.18
CA TRP A 438 11.72 46.90 3.52
C TRP A 438 10.48 46.06 3.88
N MET A 439 9.30 46.62 3.61
CA MET A 439 8.02 45.93 3.80
C MET A 439 7.88 44.73 2.87
N VAL A 440 8.14 44.94 1.58
CA VAL A 440 8.06 43.87 0.57
C VAL A 440 8.94 42.67 0.96
N THR A 441 10.12 42.97 1.50
CA THR A 441 11.01 41.94 2.07
C THR A 441 10.31 41.30 3.27
N ARG A 442 9.98 42.14 4.24
CA ARG A 442 9.41 41.72 5.54
C ARG A 442 8.15 40.88 5.42
N ILE A 443 7.29 41.25 4.49
CA ILE A 443 5.96 40.66 4.33
C ILE A 443 6.00 39.30 3.64
N ASN A 444 6.89 39.14 2.66
CA ASN A 444 7.06 37.86 1.96
C ASN A 444 7.79 36.89 2.88
N ALA A 445 8.68 37.46 3.68
CA ALA A 445 9.37 36.74 4.76
C ALA A 445 8.38 36.21 5.81
N THR A 446 7.32 36.97 6.06
CA THR A 446 6.33 36.61 7.10
C THR A 446 5.07 35.91 6.56
N LEU A 447 4.72 36.19 5.31
CA LEU A 447 3.49 35.66 4.69
C LEU A 447 3.73 34.53 3.69
N GLU A 448 5.01 34.19 3.55
CA GLU A 448 5.38 32.97 2.83
C GLU A 448 5.75 31.88 3.83
N THR A 449 4.79 31.01 4.09
CA THR A 449 5.01 29.90 5.03
C THR A 449 5.21 28.54 4.35
N LYS A 450 5.43 28.56 3.03
CA LYS A 450 5.60 27.31 2.25
C LYS A 450 6.46 27.57 1.01
N GLN A 451 7.72 27.90 1.23
CA GLN A 451 8.63 28.10 0.09
C GLN A 451 8.73 26.82 -0.78
N PRO A 452 9.51 26.86 -1.87
CA PRO A 452 9.43 25.96 -3.01
C PRO A 452 8.19 25.17 -3.45
N ARG A 453 6.95 25.58 -3.14
CA ARG A 453 5.83 24.81 -3.72
C ARG A 453 4.81 25.54 -4.60
N GLN A 454 4.32 24.74 -5.54
CA GLN A 454 3.22 25.05 -6.47
C GLN A 454 1.93 24.48 -5.86
N TYR A 455 0.75 24.65 -6.46
CA TYR A 455 0.50 25.43 -7.69
C TYR A 455 0.50 26.93 -7.36
N PHE A 456 0.31 27.74 -8.37
CA PHE A 456 0.26 29.21 -8.20
C PHE A 456 -0.71 29.86 -9.17
N ILE A 457 -1.33 30.94 -8.69
CA ILE A 457 -2.18 31.80 -9.53
C ILE A 457 -1.67 33.25 -9.45
N GLY A 458 -2.47 34.19 -9.96
CA GLY A 458 -2.09 35.61 -9.92
C GLY A 458 -3.16 36.50 -10.55
N VAL A 459 -3.05 37.78 -10.22
CA VAL A 459 -3.93 38.82 -10.74
C VAL A 459 -3.04 39.99 -11.20
N LEU A 460 -3.28 40.47 -12.41
CA LEU A 460 -2.50 41.59 -12.94
C LEU A 460 -3.20 42.92 -12.65
N ASP A 461 -2.45 43.79 -12.00
CA ASP A 461 -2.98 45.08 -11.52
C ASP A 461 -2.01 46.21 -11.92
N ILE A 462 -2.50 47.04 -12.83
CA ILE A 462 -1.76 48.16 -13.42
C ILE A 462 -2.78 49.28 -13.72
N ALA A 463 -2.25 50.50 -13.89
CA ALA A 463 -3.08 51.66 -14.28
C ALA A 463 -3.66 51.50 -15.71
N GLY A 464 -3.70 52.62 -16.44
CA GLY A 464 -4.28 52.71 -17.80
C GLY A 464 -3.48 53.69 -18.66
N PHE A 465 -4.23 54.40 -19.49
CA PHE A 465 -3.66 55.36 -20.46
C PHE A 465 -3.65 56.80 -19.92
N GLU A 466 -2.43 57.31 -19.79
CA GLU A 466 -2.17 58.69 -19.35
C GLU A 466 -0.96 59.24 -20.13
N ILE A 467 -0.83 60.56 -20.15
CA ILE A 467 0.27 61.23 -20.88
C ILE A 467 0.86 62.39 -20.09
N PHE A 468 2.18 62.55 -20.22
CA PHE A 468 2.90 63.61 -19.49
C PHE A 468 4.13 64.08 -20.28
N ASP A 469 4.42 65.36 -20.12
CA ASP A 469 5.48 66.07 -20.87
C ASP A 469 6.87 65.49 -20.64
N PHE A 470 7.28 65.46 -19.37
CA PHE A 470 8.64 65.07 -18.98
C PHE A 470 8.87 63.56 -19.11
N ASN A 471 9.16 63.13 -20.33
CA ASN A 471 9.54 61.74 -20.58
C ASN A 471 11.03 61.56 -20.34
N SER A 472 11.26 60.89 -19.24
CA SER A 472 12.62 60.48 -18.88
C SER A 472 12.71 58.96 -18.87
N PHE A 473 13.13 58.32 -17.78
CA PHE A 473 13.28 56.86 -17.76
C PHE A 473 11.97 56.12 -17.41
N GLU A 474 11.06 56.85 -16.80
CA GLU A 474 9.92 56.32 -16.03
C GLU A 474 8.67 56.00 -16.87
N GLN A 475 8.00 57.08 -17.30
CA GLN A 475 6.62 57.02 -17.81
C GLN A 475 6.35 56.02 -18.94
N LEU A 476 7.37 55.78 -19.77
CA LEU A 476 7.26 54.85 -20.90
C LEU A 476 6.76 53.46 -20.51
N CYS A 477 7.02 53.07 -19.27
CA CYS A 477 6.61 51.76 -18.72
C CYS A 477 5.10 51.46 -18.77
N ILE A 478 4.27 52.50 -18.66
CA ILE A 478 2.83 52.31 -18.44
C ILE A 478 2.04 52.06 -19.74
N ASN A 479 2.05 53.06 -20.63
CA ASN A 479 1.32 52.96 -21.90
C ASN A 479 1.79 51.80 -22.77
N PHE A 480 3.06 51.46 -22.63
CA PHE A 480 3.66 50.31 -23.33
C PHE A 480 3.03 48.99 -22.88
N THR A 481 2.66 48.92 -21.61
CA THR A 481 2.05 47.71 -21.03
C THR A 481 0.56 47.59 -21.34
N ASN A 482 -0.14 48.72 -21.33
CA ASN A 482 -1.57 48.75 -21.74
C ASN A 482 -1.75 48.29 -23.19
N GLU A 483 -0.74 48.65 -23.99
CA GLU A 483 -0.61 48.28 -25.40
C GLU A 483 -0.32 46.77 -25.55
N LYS A 484 0.75 46.35 -24.89
CA LYS A 484 1.23 44.95 -24.98
C LYS A 484 0.22 43.97 -24.37
N LEU A 485 -0.52 44.44 -23.38
CA LEU A 485 -1.57 43.65 -22.72
C LEU A 485 -2.82 43.51 -23.60
N GLN A 486 -3.11 44.56 -24.36
CA GLN A 486 -4.16 44.51 -25.40
C GLN A 486 -3.76 43.45 -26.44
N GLN A 487 -2.48 43.47 -26.79
CA GLN A 487 -1.86 42.46 -27.65
C GLN A 487 -1.82 41.07 -27.00
N PHE A 488 -1.80 41.02 -25.66
CA PHE A 488 -1.83 39.75 -24.93
C PHE A 488 -3.23 39.12 -25.05
N PHE A 489 -4.24 40.00 -25.12
CA PHE A 489 -5.63 39.61 -25.44
C PHE A 489 -5.69 39.09 -26.88
N ASN A 490 -5.42 39.99 -27.82
CA ASN A 490 -5.43 39.69 -29.27
C ASN A 490 -4.81 38.33 -29.61
N HIS A 491 -3.57 38.12 -29.18
CA HIS A 491 -2.86 36.88 -29.49
C HIS A 491 -3.52 35.64 -28.86
N HIS A 492 -3.92 35.74 -27.61
CA HIS A 492 -4.55 34.61 -26.90
C HIS A 492 -5.97 34.33 -27.38
N MET A 493 -6.71 35.41 -27.66
CA MET A 493 -8.15 35.33 -27.94
C MET A 493 -8.46 35.01 -29.42
N PHE A 494 -7.55 35.38 -30.31
CA PHE A 494 -7.78 35.14 -31.75
C PHE A 494 -6.81 34.09 -32.32
N VAL A 495 -5.55 34.18 -31.89
CA VAL A 495 -4.46 33.44 -32.55
C VAL A 495 -4.14 32.09 -31.90
N LEU A 496 -3.83 32.09 -30.61
CA LEU A 496 -3.28 30.91 -29.93
C LEU A 496 -4.11 29.63 -30.11
N GLU A 497 -5.43 29.79 -29.95
CA GLU A 497 -6.40 28.72 -30.21
C GLU A 497 -6.27 28.15 -31.63
N GLN A 498 -6.02 29.05 -32.57
CA GLN A 498 -5.82 28.69 -33.99
C GLN A 498 -4.46 28.05 -34.28
N GLU A 499 -3.44 28.40 -33.52
CA GLU A 499 -2.09 27.84 -33.73
C GLU A 499 -2.11 26.31 -33.57
N GLU A 500 -2.99 25.85 -32.69
CA GLU A 500 -3.29 24.42 -32.55
C GLU A 500 -4.30 23.94 -33.60
N TYR A 501 -5.29 24.78 -33.94
CA TYR A 501 -6.29 24.44 -34.99
C TYR A 501 -5.64 24.08 -36.33
N LYS A 502 -4.74 24.96 -36.77
CA LYS A 502 -4.04 24.81 -38.06
C LYS A 502 -3.26 23.48 -38.11
N LYS A 503 -2.84 23.02 -36.93
CA LYS A 503 -2.03 21.81 -36.80
C LYS A 503 -2.88 20.54 -36.74
N GLU A 504 -4.06 20.66 -36.15
CA GLU A 504 -5.02 19.55 -36.01
C GLU A 504 -5.37 18.91 -37.36
N GLY A 505 -5.47 19.78 -38.38
CA GLY A 505 -5.87 19.34 -39.73
C GLY A 505 -7.38 19.08 -39.78
N ILE A 506 -8.12 20.09 -39.33
CA ILE A 506 -9.60 20.09 -39.35
C ILE A 506 -10.05 21.13 -40.37
N GLU A 507 -11.22 20.89 -40.97
CA GLU A 507 -11.79 21.86 -41.93
C GLU A 507 -12.13 23.14 -41.18
N TRP A 508 -11.23 24.11 -41.33
CA TRP A 508 -11.24 25.36 -40.57
C TRP A 508 -10.38 26.39 -41.33
N THR A 509 -11.07 27.27 -42.05
CA THR A 509 -10.38 28.41 -42.68
C THR A 509 -10.00 29.37 -41.56
N PHE A 510 -8.72 29.75 -41.53
CA PHE A 510 -8.20 30.65 -40.50
C PHE A 510 -8.92 32.00 -40.54
N ILE A 511 -9.04 32.60 -39.36
CA ILE A 511 -9.73 33.90 -39.23
C ILE A 511 -8.74 34.93 -38.71
N ASP A 512 -8.30 35.80 -39.60
CA ASP A 512 -7.53 36.99 -39.19
C ASP A 512 -8.51 38.07 -38.74
N PHE A 513 -8.08 38.82 -37.72
CA PHE A 513 -8.87 39.97 -37.22
C PHE A 513 -8.14 41.31 -37.32
N GLY A 514 -6.91 41.25 -37.88
CA GLY A 514 -6.11 42.44 -38.18
C GLY A 514 -5.79 43.32 -36.96
N MET A 515 -5.57 42.69 -35.82
CA MET A 515 -5.16 43.41 -34.59
C MET A 515 -3.77 42.96 -34.11
N ASP A 516 -2.76 43.65 -34.60
CA ASP A 516 -1.36 43.36 -34.22
C ASP A 516 -0.66 44.60 -33.66
N LEU A 517 0.27 44.36 -32.74
CA LEU A 517 1.09 45.41 -32.11
C LEU A 517 2.53 44.97 -31.84
N GLN A 518 3.02 44.01 -32.63
CA GLN A 518 4.34 43.42 -32.40
C GLN A 518 5.53 44.37 -32.62
N ALA A 519 5.40 45.27 -33.60
CA ALA A 519 6.52 46.08 -34.10
C ALA A 519 6.91 47.29 -33.22
N CYS A 520 6.93 47.08 -31.90
CA CYS A 520 7.34 48.15 -30.96
C CYS A 520 8.05 47.62 -29.71
N ILE A 521 8.05 46.29 -29.56
CA ILE A 521 8.52 45.64 -28.33
C ILE A 521 10.05 45.57 -28.30
N ASP A 522 10.62 45.33 -29.48
CA ASP A 522 12.07 45.28 -29.70
C ASP A 522 12.38 45.92 -31.07
N LEU A 523 13.61 46.34 -31.24
CA LEU A 523 14.03 47.05 -32.47
C LEU A 523 14.26 46.08 -33.64
N ILE A 524 13.77 46.49 -34.80
CA ILE A 524 13.89 45.72 -36.05
C ILE A 524 15.35 45.56 -36.50
N GLU A 525 16.06 46.69 -36.60
CA GLU A 525 17.44 46.69 -37.13
C GLU A 525 18.43 45.93 -36.24
N LYS A 526 18.55 46.37 -34.99
CA LYS A 526 19.47 45.77 -34.02
C LYS A 526 18.72 45.52 -32.72
N PRO A 527 18.85 44.31 -32.16
CA PRO A 527 18.16 43.93 -30.91
C PRO A 527 18.52 44.90 -29.77
N MET A 528 17.48 45.30 -29.05
CA MET A 528 17.54 46.29 -27.96
C MET A 528 17.80 47.72 -28.48
N GLY A 529 18.97 47.90 -29.12
CA GLY A 529 19.41 49.20 -29.67
C GLY A 529 19.72 50.21 -28.56
N ILE A 530 18.69 50.95 -28.16
CA ILE A 530 18.81 52.06 -27.20
C ILE A 530 19.51 51.64 -25.90
N MET A 531 19.13 50.49 -25.37
CA MET A 531 19.69 49.97 -24.11
C MET A 531 21.20 49.74 -24.16
N SER A 532 21.66 49.21 -25.29
CA SER A 532 23.08 48.86 -25.47
C SER A 532 23.98 50.11 -25.55
N ILE A 533 23.49 51.12 -26.26
CA ILE A 533 24.21 52.41 -26.38
C ILE A 533 24.23 53.09 -25.00
N LEU A 534 23.05 53.13 -24.40
CA LEU A 534 22.82 53.65 -23.04
C LEU A 534 23.80 53.06 -22.01
N GLU A 535 24.07 51.77 -22.14
CA GLU A 535 24.85 51.05 -21.12
C GLU A 535 26.36 51.18 -21.36
N GLU A 536 26.81 50.88 -22.58
CA GLU A 536 28.25 50.94 -22.93
C GLU A 536 28.89 52.33 -22.82
N GLU A 537 28.12 53.37 -23.13
CA GLU A 537 28.66 54.75 -23.15
C GLU A 537 28.93 55.35 -21.77
N CYS A 538 28.10 54.98 -20.78
CA CYS A 538 28.09 55.65 -19.47
C CYS A 538 29.45 55.82 -18.78
N MET A 539 30.33 54.83 -18.97
CA MET A 539 31.68 54.85 -18.39
C MET A 539 32.56 55.97 -18.98
N PHE A 540 32.33 56.25 -20.27
CA PHE A 540 33.02 57.31 -21.02
C PHE A 540 32.82 58.68 -20.34
N PRO A 541 33.90 59.17 -19.72
CA PRO A 541 33.92 60.37 -18.87
C PRO A 541 33.31 61.63 -19.48
N LYS A 542 33.35 61.76 -20.80
CA LYS A 542 32.84 62.98 -21.47
C LYS A 542 31.46 62.85 -22.10
N ALA A 543 30.78 61.77 -21.76
CA ALA A 543 29.39 61.55 -22.21
C ALA A 543 28.43 62.34 -21.32
N THR A 544 28.43 63.65 -21.53
CA THR A 544 27.42 64.54 -20.92
C THR A 544 26.11 64.29 -21.63
N ASP A 545 25.02 64.12 -20.90
CA ASP A 545 23.69 63.74 -21.46
C ASP A 545 23.40 64.22 -22.89
N MET A 546 23.69 65.48 -23.19
CA MET A 546 23.56 66.06 -24.55
C MET A 546 24.27 65.24 -25.63
N THR A 547 25.51 64.86 -25.38
CA THR A 547 26.34 64.09 -26.35
C THR A 547 25.67 62.78 -26.78
N PHE A 548 24.96 62.17 -25.83
CA PHE A 548 24.27 60.89 -26.03
C PHE A 548 23.11 60.94 -27.04
N LYS A 549 22.49 62.11 -27.15
CA LYS A 549 21.32 62.33 -27.99
C LYS A 549 21.60 61.96 -29.45
N ALA A 550 22.70 62.51 -29.99
CA ALA A 550 23.07 62.38 -31.41
C ALA A 550 23.46 60.94 -31.79
N LYS A 551 24.12 60.27 -30.86
CA LYS A 551 24.50 58.84 -30.99
C LYS A 551 23.26 57.98 -31.23
N LEU A 552 22.26 58.26 -30.39
CA LEU A 552 21.00 57.52 -30.36
C LEU A 552 20.18 57.69 -31.64
N PHE A 553 20.43 58.79 -32.34
CA PHE A 553 19.80 59.07 -33.64
C PHE A 553 20.62 58.52 -34.81
N ASP A 554 21.93 58.68 -34.71
CA ASP A 554 22.86 58.33 -35.80
C ASP A 554 22.97 56.81 -36.00
N ASN A 555 23.27 56.10 -34.92
CA ASN A 555 23.62 54.68 -35.00
C ASN A 555 22.39 53.77 -35.05
N HIS A 556 21.90 53.59 -36.27
CA HIS A 556 20.85 52.60 -36.62
C HIS A 556 19.44 52.75 -36.02
N LEU A 557 19.09 53.99 -35.70
CA LEU A 557 17.69 54.40 -35.57
C LEU A 557 17.43 55.45 -36.65
N GLY A 558 16.55 56.42 -36.36
CA GLY A 558 16.28 57.54 -37.28
C GLY A 558 15.40 57.15 -38.48
N LYS A 559 15.65 55.98 -39.06
CA LYS A 559 14.85 55.50 -40.22
C LYS A 559 13.77 54.48 -39.85
N SER A 560 13.96 53.75 -38.76
CA SER A 560 12.98 52.74 -38.32
C SER A 560 11.62 53.39 -38.04
N ALA A 561 10.58 52.72 -38.54
CA ALA A 561 9.20 53.23 -38.60
C ALA A 561 8.59 53.76 -37.30
N ASN A 562 9.09 53.33 -36.15
CA ASN A 562 8.54 53.79 -34.86
C ASN A 562 9.39 54.85 -34.14
N PHE A 563 10.51 55.20 -34.75
CA PHE A 563 11.40 56.24 -34.25
C PHE A 563 11.20 57.47 -35.13
N GLN A 564 10.85 58.56 -34.49
CA GLN A 564 10.62 59.85 -35.16
C GLN A 564 11.71 60.85 -34.75
N LYS A 565 11.96 61.78 -35.67
CA LYS A 565 12.99 62.80 -35.46
C LYS A 565 12.54 63.95 -34.55
N PRO A 566 13.49 64.46 -33.75
CA PRO A 566 13.28 65.52 -32.76
C PRO A 566 12.98 66.88 -33.39
N ARG A 567 12.59 67.80 -32.51
CA ARG A 567 12.28 69.20 -32.85
C ARG A 567 13.57 70.01 -32.67
N ASN A 568 14.13 70.44 -33.78
CA ASN A 568 15.53 70.94 -33.82
C ASN A 568 15.77 72.34 -33.27
N ILE A 569 14.86 73.28 -33.52
CA ILE A 569 15.09 74.71 -33.24
C ILE A 569 14.07 75.21 -32.23
N LYS A 570 13.27 74.27 -31.70
CA LYS A 570 12.68 74.48 -30.37
C LYS A 570 13.83 74.63 -29.36
N GLY A 571 15.02 74.29 -29.92
CA GLY A 571 16.42 74.52 -29.59
C GLY A 571 16.47 75.23 -28.28
N LYS A 572 16.67 76.54 -28.24
CA LYS A 572 16.86 77.33 -26.99
C LYS A 572 17.30 76.41 -25.82
N PRO A 573 16.39 75.62 -25.18
CA PRO A 573 16.73 74.45 -24.36
C PRO A 573 16.73 73.06 -25.05
N GLU A 574 17.56 72.22 -24.45
CA GLU A 574 17.45 70.74 -24.46
C GLU A 574 17.73 70.03 -25.79
N ALA A 575 17.49 68.73 -25.73
CA ALA A 575 17.78 67.76 -26.78
C ALA A 575 17.00 66.48 -26.43
N HIS A 576 16.51 65.77 -27.44
CA HIS A 576 15.64 64.60 -27.18
C HIS A 576 15.48 63.77 -28.44
N PHE A 577 14.73 62.67 -28.33
CA PHE A 577 14.20 61.85 -29.45
C PHE A 577 12.69 61.70 -29.34
N SER A 578 12.12 60.88 -30.22
CA SER A 578 10.68 60.68 -30.17
C SER A 578 10.29 59.30 -30.72
N LEU A 579 9.34 58.67 -30.03
CA LEU A 579 8.89 57.29 -30.33
C LEU A 579 7.36 57.21 -30.34
N ILE A 580 6.83 56.13 -30.92
CA ILE A 580 5.37 55.97 -31.13
C ILE A 580 4.74 54.74 -30.46
N HIS A 581 3.46 54.89 -30.15
CA HIS A 581 2.54 53.82 -29.72
C HIS A 581 1.32 53.78 -30.66
N TYR A 582 0.28 53.07 -30.25
CA TYR A 582 -1.01 53.11 -30.97
C TYR A 582 -1.92 54.22 -30.41
N ALA A 583 -1.74 54.49 -29.11
CA ALA A 583 -2.53 55.49 -28.38
C ALA A 583 -2.04 56.93 -28.62
N GLY A 584 -0.73 57.06 -28.89
CA GLY A 584 -0.10 58.37 -29.13
C GLY A 584 1.40 58.22 -29.36
N ILE A 585 2.09 59.34 -29.26
CA ILE A 585 3.54 59.43 -29.53
C ILE A 585 4.23 60.19 -28.38
N VAL A 586 5.54 60.00 -28.27
CA VAL A 586 6.27 60.38 -27.05
C VAL A 586 7.50 61.23 -27.39
N ASP A 587 7.64 62.35 -26.69
CA ASP A 587 8.85 63.19 -26.74
C ASP A 587 9.79 62.77 -25.61
N TYR A 588 11.03 62.49 -25.95
CA TYR A 588 11.95 61.78 -25.04
C TYR A 588 13.13 62.64 -24.58
N ASN A 589 12.93 63.22 -23.41
CA ASN A 589 13.88 64.15 -22.78
C ASN A 589 15.07 63.40 -22.19
N ILE A 590 16.13 63.39 -22.98
CA ILE A 590 17.36 62.61 -22.71
C ILE A 590 18.15 63.10 -21.49
N ILE A 591 18.03 64.39 -21.17
CA ILE A 591 18.75 64.98 -20.03
C ILE A 591 18.67 64.15 -18.76
N GLY A 592 19.87 63.83 -18.27
CA GLY A 592 20.03 62.99 -17.08
C GLY A 592 19.56 61.54 -17.27
N TRP A 593 19.53 61.06 -18.51
CA TRP A 593 19.27 59.62 -18.77
C TRP A 593 20.35 58.74 -18.17
N LEU A 594 21.60 59.22 -18.28
CA LEU A 594 22.74 58.56 -17.64
C LEU A 594 22.70 58.71 -16.11
N GLN A 595 22.16 59.85 -15.68
CA GLN A 595 21.96 60.13 -14.25
C GLN A 595 20.88 59.19 -13.66
N LYS A 596 19.89 58.84 -14.48
CA LYS A 596 18.75 58.00 -14.08
C LYS A 596 19.00 56.51 -14.21
N ASN A 597 19.83 56.13 -15.18
CA ASN A 597 20.32 54.74 -15.27
C ASN A 597 21.21 54.42 -14.04
N LYS A 598 21.45 55.49 -13.28
CA LYS A 598 22.26 55.57 -12.06
C LYS A 598 21.39 56.11 -10.90
N ASP A 599 20.10 56.27 -11.17
CA ASP A 599 19.08 56.91 -10.31
C ASP A 599 19.61 57.97 -9.32
N PRO A 600 19.29 59.22 -9.62
CA PRO A 600 19.76 60.41 -8.88
C PRO A 600 19.10 60.64 -7.51
N LEU A 601 19.97 60.88 -6.53
CA LEU A 601 19.63 61.44 -5.21
C LEU A 601 20.31 62.81 -5.06
N ASN A 602 20.11 63.62 -6.09
CA ASN A 602 20.96 64.78 -6.46
C ASN A 602 22.46 64.42 -6.41
N GLU A 603 22.71 63.16 -6.72
CA GLU A 603 24.04 62.54 -6.83
C GLU A 603 24.94 62.60 -5.59
N THR A 604 24.36 62.96 -4.45
CA THR A 604 25.16 63.06 -3.21
C THR A 604 24.54 62.12 -2.17
N VAL A 605 24.15 62.69 -1.03
CA VAL A 605 23.55 62.07 0.18
C VAL A 605 23.27 60.55 0.24
N VAL A 606 24.22 59.71 -0.17
CA VAL A 606 24.10 58.26 0.09
C VAL A 606 25.27 57.78 0.95
N GLY A 607 26.47 58.26 0.62
CA GLY A 607 27.72 57.72 1.16
C GLY A 607 27.77 57.60 2.69
N LEU A 608 27.35 58.67 3.37
CA LEU A 608 27.46 58.74 4.84
C LEU A 608 26.55 57.74 5.60
N TYR A 609 25.50 57.27 4.94
CA TYR A 609 24.53 56.35 5.56
C TYR A 609 24.93 54.89 5.41
N GLN A 610 25.63 54.60 4.32
CA GLN A 610 26.14 53.26 3.99
C GLN A 610 26.79 52.59 5.21
N LYS A 611 27.58 53.39 5.93
CA LYS A 611 28.16 53.00 7.22
C LYS A 611 27.96 54.08 8.28
N SER A 612 26.78 54.04 8.90
CA SER A 612 26.46 54.93 10.01
C SER A 612 26.38 54.14 11.33
N SER A 613 25.88 54.79 12.37
CA SER A 613 25.70 54.23 13.72
C SER A 613 24.35 53.51 13.87
N LEU A 614 23.28 54.20 13.50
CA LEU A 614 21.91 53.69 13.65
C LEU A 614 21.72 52.41 12.85
N LYS A 615 20.99 51.47 13.45
CA LYS A 615 20.69 50.17 12.82
C LYS A 615 19.74 50.30 11.64
N LEU A 616 18.59 50.92 11.90
CA LEU A 616 17.51 51.05 10.92
C LEU A 616 17.99 51.76 9.66
N LEU A 617 18.89 52.72 9.89
CA LEU A 617 19.55 53.44 8.80
C LEU A 617 20.55 52.53 8.06
N SER A 618 21.32 51.75 8.81
CA SER A 618 22.37 50.90 8.25
C SER A 618 21.86 49.67 7.49
N THR A 619 20.70 49.14 7.87
CA THR A 619 20.14 47.95 7.20
C THR A 619 19.52 48.33 5.85
N LEU A 620 18.83 49.47 5.84
CA LEU A 620 18.26 50.03 4.61
C LEU A 620 19.35 50.42 3.62
N PHE A 621 20.40 51.06 4.15
CA PHE A 621 21.52 51.52 3.33
C PHE A 621 22.72 50.58 3.39
N ALA A 622 22.43 49.29 3.58
CA ALA A 622 23.44 48.23 3.59
C ALA A 622 23.90 47.96 2.16
N ASN A 623 23.03 47.31 1.38
CA ASN A 623 23.31 46.79 0.02
C ASN A 623 24.42 47.51 -0.76
N TYR A 624 25.60 46.91 -0.70
CA TYR A 624 26.84 47.48 -1.25
C TYR A 624 26.83 47.37 -2.77
N ALA A 625 27.32 48.44 -3.39
CA ALA A 625 27.57 48.45 -4.85
C ALA A 625 28.89 47.72 -5.15
N GLY A 626 29.24 47.70 -6.45
CA GLY A 626 30.48 47.07 -6.94
C GLY A 626 31.70 47.93 -6.57
N ALA A 627 32.19 47.72 -5.35
CA ALA A 627 33.23 48.58 -4.75
C ALA A 627 34.66 48.02 -4.89
N ASP A 628 34.78 46.71 -5.11
CA ASP A 628 36.09 46.07 -5.20
C ASP A 628 36.77 46.43 -6.52
N ALA A 629 36.50 45.60 -7.53
CA ALA A 629 37.01 45.81 -8.89
C ALA A 629 35.89 45.50 -9.90
N PRO A 630 35.80 46.33 -10.95
CA PRO A 630 34.97 46.06 -12.13
C PRO A 630 35.83 45.27 -13.13
N ILE A 631 35.39 44.05 -13.41
CA ILE A 631 36.19 43.07 -14.17
C ILE A 631 35.61 42.80 -15.56
N GLU A 632 36.47 42.30 -16.43
CA GLU A 632 36.07 41.90 -17.79
C GLU A 632 36.47 40.45 -18.13
N LYS A 633 37.00 39.72 -17.14
CA LYS A 633 37.49 38.35 -17.37
C LYS A 633 37.17 37.34 -16.26
N GLY A 634 36.94 36.10 -16.69
CA GLY A 634 36.77 34.94 -15.77
C GLY A 634 35.30 34.49 -15.77
N LYS A 635 34.99 33.59 -16.71
CA LYS A 635 33.91 33.87 -17.69
C LYS A 635 34.16 35.30 -18.14
N GLY A 636 34.96 35.45 -19.19
CA GLY A 636 35.50 36.77 -19.60
C GLY A 636 34.41 37.86 -19.66
N LYS A 637 34.04 38.40 -18.50
CA LYS A 637 32.93 39.35 -18.33
C LYS A 637 32.99 39.93 -16.90
N ALA A 638 31.92 40.61 -16.51
CA ALA A 638 31.71 41.18 -15.18
C ALA A 638 30.95 40.18 -14.31
N LYS A 639 31.13 40.34 -13.00
CA LYS A 639 30.79 39.27 -12.06
C LYS A 639 30.37 39.74 -10.66
N LYS A 640 31.17 40.62 -10.06
CA LYS A 640 30.89 41.10 -8.68
C LYS A 640 30.14 42.43 -8.70
N GLY A 641 29.07 42.44 -7.89
CA GLY A 641 28.19 43.61 -7.74
C GLY A 641 26.90 43.29 -8.47
N SER A 642 27.03 43.33 -9.78
CA SER A 642 26.07 42.80 -10.75
C SER A 642 26.97 42.14 -11.81
N SER A 643 26.60 42.21 -13.08
CA SER A 643 27.61 42.12 -14.14
C SER A 643 27.94 43.58 -14.44
N PHE A 644 28.10 43.95 -15.72
CA PHE A 644 27.93 45.36 -16.08
C PHE A 644 26.46 45.55 -16.48
N GLN A 645 25.63 45.50 -15.44
CA GLN A 645 24.16 45.61 -15.57
C GLN A 645 23.71 46.90 -14.90
N THR A 646 23.30 47.87 -15.70
CA THR A 646 22.74 49.11 -15.15
C THR A 646 21.30 48.86 -14.68
N VAL A 647 20.65 49.93 -14.21
CA VAL A 647 19.26 49.85 -13.71
C VAL A 647 18.32 49.29 -14.79
N SER A 648 18.56 49.71 -16.02
CA SER A 648 17.77 49.25 -17.18
C SER A 648 17.88 47.73 -17.38
N ALA A 649 19.11 47.20 -17.26
CA ALA A 649 19.39 45.77 -17.40
C ALA A 649 18.74 44.96 -16.27
N LEU A 650 18.80 45.50 -15.05
CA LEU A 650 18.18 44.86 -13.88
C LEU A 650 16.66 44.74 -14.07
N HIS A 651 16.07 45.87 -14.45
CA HIS A 651 14.63 45.92 -14.79
C HIS A 651 14.26 45.07 -16.00
N ARG A 652 15.16 45.01 -16.99
CA ARG A 652 14.92 44.21 -18.20
C ARG A 652 14.93 42.71 -17.88
N GLU A 653 15.78 42.32 -16.94
CA GLU A 653 15.85 40.92 -16.48
C GLU A 653 14.50 40.50 -15.87
N ASN A 654 13.96 41.39 -15.03
CA ASN A 654 12.63 41.21 -14.45
C ASN A 654 11.54 41.20 -15.53
N LEU A 655 11.64 42.19 -16.43
CA LEU A 655 10.71 42.32 -17.57
C LEU A 655 10.62 41.09 -18.46
N ASN A 656 11.72 40.34 -18.55
CA ASN A 656 11.75 39.09 -19.33
C ASN A 656 10.97 37.98 -18.62
N LYS A 657 11.44 37.64 -17.42
CA LYS A 657 10.88 36.53 -16.63
C LYS A 657 9.36 36.71 -16.44
N LEU A 658 8.97 37.92 -16.08
CA LEU A 658 7.57 38.26 -15.86
C LEU A 658 6.69 37.92 -17.08
N MET A 659 7.10 38.44 -18.24
CA MET A 659 6.34 38.25 -19.48
C MET A 659 6.30 36.77 -19.89
N THR A 660 7.45 36.12 -19.80
CA THR A 660 7.58 34.67 -20.11
C THR A 660 6.68 33.81 -19.21
N ASN A 661 6.57 34.24 -17.96
CA ASN A 661 5.80 33.52 -16.93
C ASN A 661 4.29 33.72 -17.04
N LEU A 662 3.90 34.83 -17.67
CA LEU A 662 2.47 35.07 -17.98
C LEU A 662 2.02 34.12 -19.10
N ARG A 663 2.95 33.85 -20.00
CA ARG A 663 2.77 32.87 -21.09
C ARG A 663 2.68 31.44 -20.56
N SER A 664 3.36 31.21 -19.43
CA SER A 664 3.39 29.91 -18.74
C SER A 664 2.05 29.48 -18.12
N THR A 665 1.02 30.30 -18.23
CA THR A 665 -0.26 30.06 -17.53
C THR A 665 -1.49 30.12 -18.43
N HIS A 666 -2.62 29.80 -17.81
CA HIS A 666 -3.94 29.82 -18.46
C HIS A 666 -4.73 31.05 -17.99
N PRO A 667 -4.65 32.13 -18.78
CA PRO A 667 -5.28 33.42 -18.45
C PRO A 667 -6.81 33.39 -18.62
N HIS A 668 -7.47 34.13 -17.73
CA HIS A 668 -8.89 34.46 -17.88
C HIS A 668 -8.98 35.98 -17.64
N PHE A 669 -9.83 36.65 -18.40
CA PHE A 669 -9.78 38.12 -18.47
C PHE A 669 -11.05 38.79 -17.94
N VAL A 670 -10.87 40.03 -17.51
CA VAL A 670 -11.99 40.95 -17.27
C VAL A 670 -11.70 42.22 -18.06
N ARG A 671 -12.70 42.74 -18.74
CA ARG A 671 -12.60 43.99 -19.51
C ARG A 671 -13.66 44.96 -18.96
N CYS A 672 -13.22 46.13 -18.53
CA CYS A 672 -14.06 47.10 -17.82
C CYS A 672 -14.09 48.43 -18.57
N ILE A 673 -15.23 49.10 -18.49
CA ILE A 673 -15.53 50.29 -19.31
C ILE A 673 -15.79 51.51 -18.42
N ILE A 674 -15.13 52.59 -18.82
CA ILE A 674 -15.37 53.94 -18.26
C ILE A 674 -16.72 54.45 -18.82
N PRO A 675 -17.53 55.02 -17.92
CA PRO A 675 -18.81 55.60 -18.29
C PRO A 675 -18.90 57.01 -18.88
N ASN A 676 -18.10 57.87 -18.30
CA ASN A 676 -17.98 59.28 -18.71
C ASN A 676 -16.72 59.85 -18.04
N GLU A 677 -16.22 60.93 -18.63
CA GLU A 677 -14.96 61.51 -18.13
C GLU A 677 -15.16 62.69 -17.17
N THR A 678 -16.38 62.85 -16.69
CA THR A 678 -16.68 63.90 -15.70
C THR A 678 -16.63 63.36 -14.27
N LYS A 679 -16.17 62.11 -14.14
CA LYS A 679 -16.12 61.40 -12.84
C LYS A 679 -17.53 61.29 -12.23
N SER A 680 -18.54 61.27 -13.10
CA SER A 680 -19.94 61.31 -12.66
C SER A 680 -20.54 59.90 -12.58
N PRO A 681 -20.96 59.52 -11.37
CA PRO A 681 -21.75 58.30 -11.14
C PRO A 681 -23.16 58.49 -11.70
N GLY A 682 -23.77 57.36 -12.07
CA GLY A 682 -25.15 57.33 -12.58
C GLY A 682 -25.25 57.60 -14.09
N VAL A 683 -24.46 58.54 -14.58
CA VAL A 683 -24.47 58.93 -16.00
C VAL A 683 -23.53 58.04 -16.82
N MET A 684 -23.97 57.74 -18.02
CA MET A 684 -23.16 57.04 -19.03
C MET A 684 -23.36 57.70 -20.40
N ASP A 685 -22.25 57.87 -21.10
CA ASP A 685 -22.24 58.36 -22.49
C ASP A 685 -21.98 57.12 -23.36
N ASN A 686 -22.73 56.99 -24.43
CA ASN A 686 -22.56 55.82 -25.32
C ASN A 686 -21.52 55.91 -26.47
N PRO A 687 -21.21 57.10 -27.02
CA PRO A 687 -20.11 57.35 -27.96
C PRO A 687 -18.82 56.90 -27.31
N LEU A 688 -18.71 57.21 -26.01
CA LEU A 688 -17.53 56.83 -25.22
C LEU A 688 -17.36 55.32 -25.16
N VAL A 689 -18.46 54.60 -25.05
CA VAL A 689 -18.43 53.11 -25.01
C VAL A 689 -17.99 52.59 -26.38
N MET A 690 -18.72 53.02 -27.39
CA MET A 690 -18.45 52.59 -28.78
C MET A 690 -16.98 52.69 -29.16
N HIS A 691 -16.42 53.86 -28.87
CA HIS A 691 -15.02 54.16 -29.19
C HIS A 691 -14.09 53.17 -28.49
N GLN A 692 -14.42 52.84 -27.24
CA GLN A 692 -13.65 51.86 -26.44
C GLN A 692 -13.79 50.44 -27.00
N LEU A 693 -15.02 50.08 -27.34
CA LEU A 693 -15.37 48.72 -27.75
C LEU A 693 -14.54 48.20 -28.92
N ARG A 694 -14.68 48.86 -30.06
CA ARG A 694 -14.02 48.43 -31.30
C ARG A 694 -12.49 48.51 -31.26
N CYS A 695 -11.95 49.54 -30.61
CA CYS A 695 -10.50 49.73 -30.53
C CYS A 695 -9.81 48.66 -29.67
N ASN A 696 -10.56 48.18 -28.68
CA ASN A 696 -10.11 47.05 -27.83
C ASN A 696 -10.52 45.69 -28.42
N GLY A 697 -11.19 45.77 -29.59
CA GLY A 697 -11.67 44.60 -30.32
C GLY A 697 -12.60 43.71 -29.51
N VAL A 698 -13.45 44.36 -28.73
CA VAL A 698 -14.42 43.65 -27.87
C VAL A 698 -15.39 42.83 -28.74
N LEU A 699 -15.79 43.41 -29.86
CA LEU A 699 -16.67 42.75 -30.83
C LEU A 699 -16.03 41.48 -31.40
N GLU A 700 -14.77 41.57 -31.80
CA GLU A 700 -14.01 40.43 -32.34
C GLU A 700 -13.87 39.29 -31.33
N GLY A 701 -13.71 39.65 -30.06
CA GLY A 701 -13.66 38.68 -28.95
C GLY A 701 -15.00 37.92 -28.84
N ILE A 702 -16.08 38.71 -28.84
CA ILE A 702 -17.46 38.19 -28.85
C ILE A 702 -17.73 37.37 -30.15
N ARG A 703 -17.08 37.78 -31.23
CA ARG A 703 -17.20 37.12 -32.55
C ARG A 703 -16.45 35.79 -32.59
N ILE A 704 -15.29 35.73 -31.95
CA ILE A 704 -14.47 34.51 -31.95
C ILE A 704 -15.00 33.46 -30.95
N CYS A 705 -15.50 33.94 -29.82
CA CYS A 705 -16.09 33.06 -28.80
C CYS A 705 -17.28 32.27 -29.37
N ARG A 706 -18.08 32.96 -30.19
CA ARG A 706 -19.21 32.32 -30.89
C ARG A 706 -18.73 31.32 -31.94
N LYS A 707 -17.83 31.78 -32.81
CA LYS A 707 -17.33 30.96 -33.94
C LYS A 707 -16.46 29.75 -33.56
N GLY A 708 -15.64 29.90 -32.52
CA GLY A 708 -14.64 28.89 -32.13
C GLY A 708 -15.21 27.64 -31.44
N PHE A 709 -14.29 26.90 -30.84
CA PHE A 709 -14.56 25.65 -30.12
C PHE A 709 -13.64 25.55 -28.88
N PRO A 710 -13.83 26.52 -27.96
CA PRO A 710 -12.88 26.90 -26.90
C PRO A 710 -12.02 25.88 -26.12
N ASN A 711 -12.46 24.63 -25.97
CA ASN A 711 -11.79 23.67 -25.07
C ASN A 711 -11.38 22.38 -25.78
N ARG A 712 -10.11 22.28 -26.12
CA ARG A 712 -9.61 21.12 -26.88
C ARG A 712 -9.20 19.96 -25.95
N ILE A 713 -10.21 19.24 -25.44
CA ILE A 713 -10.03 18.11 -24.50
C ILE A 713 -10.05 16.74 -25.24
N LEU A 714 -10.35 15.69 -24.50
CA LEU A 714 -10.11 14.29 -24.84
C LEU A 714 -11.38 13.42 -24.70
N TYR A 715 -11.34 12.31 -25.42
CA TYR A 715 -12.44 11.33 -25.51
C TYR A 715 -12.69 10.42 -24.30
N GLY A 716 -11.64 9.70 -23.86
CA GLY A 716 -11.76 8.66 -22.82
C GLY A 716 -12.53 9.14 -21.57
N ASP A 717 -12.39 10.45 -21.32
CA ASP A 717 -13.08 11.19 -20.26
C ASP A 717 -14.57 10.81 -20.12
N PHE A 718 -15.21 10.45 -21.23
CA PHE A 718 -16.62 10.03 -21.24
C PHE A 718 -16.82 8.65 -20.62
N ARG A 719 -16.35 7.65 -21.36
CA ARG A 719 -16.54 6.21 -21.07
C ARG A 719 -16.32 5.83 -19.59
N GLN A 720 -15.29 6.42 -18.98
CA GLN A 720 -14.96 6.10 -17.58
C GLN A 720 -16.02 6.72 -16.64
N ARG A 721 -16.02 8.04 -16.59
CA ARG A 721 -16.87 8.82 -15.66
C ARG A 721 -18.38 8.60 -15.84
N TYR A 722 -18.82 8.35 -17.08
CA TYR A 722 -20.26 8.21 -17.36
C TYR A 722 -20.77 6.78 -17.46
N ARG A 723 -19.97 5.83 -16.96
CA ARG A 723 -20.47 4.45 -16.79
C ARG A 723 -21.54 4.46 -15.68
N ILE A 724 -21.32 5.35 -14.72
CA ILE A 724 -22.21 5.58 -13.57
C ILE A 724 -23.56 6.07 -14.10
N LEU A 725 -23.46 7.10 -14.94
CA LEU A 725 -24.61 7.74 -15.60
C LEU A 725 -25.43 6.75 -16.45
N ASN A 726 -24.86 6.31 -17.56
CA ASN A 726 -25.59 5.44 -18.49
C ASN A 726 -24.69 4.30 -19.02
N PRO A 727 -24.50 3.27 -18.19
CA PRO A 727 -23.68 2.10 -18.55
C PRO A 727 -24.29 1.27 -19.70
N ALA A 728 -25.62 1.29 -19.79
CA ALA A 728 -26.39 0.54 -20.81
C ALA A 728 -26.19 1.06 -22.25
N ALA A 729 -25.47 2.17 -22.41
CA ALA A 729 -25.30 2.83 -23.71
C ALA A 729 -24.40 2.06 -24.69
N ILE A 730 -23.35 1.43 -24.15
CA ILE A 730 -22.34 0.73 -24.96
C ILE A 730 -22.20 -0.74 -24.53
N PRO A 731 -22.49 -1.67 -25.44
CA PRO A 731 -22.37 -3.11 -25.17
C PRO A 731 -20.93 -3.61 -25.38
N GLU A 732 -20.76 -4.92 -25.37
CA GLU A 732 -19.51 -5.59 -25.75
C GLU A 732 -19.25 -5.41 -27.27
N GLY A 733 -18.49 -4.36 -27.59
CA GLY A 733 -18.04 -4.14 -28.98
C GLY A 733 -18.80 -3.03 -29.72
N GLN A 734 -19.12 -1.95 -29.02
CA GLN A 734 -19.77 -0.77 -29.61
C GLN A 734 -18.81 -0.04 -30.56
N PHE A 735 -17.56 -0.03 -30.10
CA PHE A 735 -16.40 0.57 -30.71
C PHE A 735 -15.13 0.02 -30.09
N ILE A 736 -14.25 -0.62 -30.84
CA ILE A 736 -14.06 -0.60 -32.31
C ILE A 736 -13.44 0.75 -32.70
N ASP A 737 -14.05 1.43 -33.66
CA ASP A 737 -13.77 2.84 -33.95
C ASP A 737 -14.13 3.61 -32.68
N SER A 738 -13.13 4.08 -31.96
CA SER A 738 -13.33 4.89 -30.74
C SER A 738 -14.28 6.06 -30.98
N ARG A 739 -14.24 6.56 -32.21
CA ARG A 739 -15.15 7.62 -32.67
C ARG A 739 -16.61 7.11 -32.70
N LYS A 740 -16.78 5.94 -33.30
CA LYS A 740 -18.11 5.37 -33.55
C LYS A 740 -18.81 4.95 -32.27
N GLY A 741 -17.98 4.52 -31.33
CA GLY A 741 -18.69 4.22 -30.10
C GLY A 741 -18.87 5.34 -29.12
N ALA A 742 -18.07 6.38 -29.29
CA ALA A 742 -18.34 7.64 -28.57
C ALA A 742 -19.65 8.26 -29.08
N GLU A 743 -19.86 8.23 -30.40
CA GLU A 743 -21.08 8.76 -31.00
C GLU A 743 -22.33 8.04 -30.48
N LYS A 744 -22.20 6.75 -30.24
CA LYS A 744 -23.29 5.93 -29.65
C LYS A 744 -23.66 6.39 -28.23
N LEU A 745 -22.63 6.56 -27.41
CA LEU A 745 -22.84 6.92 -25.99
C LEU A 745 -23.34 8.36 -25.86
N LEU A 746 -22.73 9.25 -26.63
CA LEU A 746 -23.11 10.67 -26.67
C LEU A 746 -24.48 10.89 -27.33
N SER A 747 -24.84 9.98 -28.23
CA SER A 747 -26.17 10.00 -28.88
C SER A 747 -27.24 9.53 -27.89
N SER A 748 -26.89 8.52 -27.09
CA SER A 748 -27.76 8.02 -26.01
C SER A 748 -28.04 9.13 -24.98
N LEU A 749 -27.02 9.96 -24.75
CA LEU A 749 -27.16 11.17 -23.92
C LEU A 749 -27.58 12.43 -24.70
N ASP A 750 -28.17 12.20 -25.86
CA ASP A 750 -28.90 13.22 -26.64
C ASP A 750 -28.11 14.50 -27.02
N ILE A 751 -26.85 14.34 -27.40
CA ILE A 751 -26.06 15.51 -27.85
C ILE A 751 -25.68 15.34 -29.33
N ASP A 752 -25.43 16.48 -29.99
CA ASP A 752 -24.97 16.47 -31.39
C ASP A 752 -23.48 16.85 -31.38
N HIS A 753 -22.74 16.32 -32.35
CA HIS A 753 -21.29 16.56 -32.47
C HIS A 753 -20.94 17.92 -33.12
N ASN A 754 -21.52 18.98 -32.56
CA ASN A 754 -21.22 20.36 -32.98
C ASN A 754 -21.04 21.32 -31.82
N GLN A 755 -21.91 21.19 -30.80
CA GLN A 755 -21.72 21.93 -29.55
C GLN A 755 -20.34 21.55 -28.98
N TYR A 756 -20.03 20.25 -29.08
CA TYR A 756 -18.67 19.75 -28.90
C TYR A 756 -18.27 19.13 -30.22
N LYS A 757 -17.08 19.47 -30.66
CA LYS A 757 -16.61 19.08 -31.99
C LYS A 757 -15.53 18.00 -31.89
N PHE A 758 -15.50 17.14 -32.89
CA PHE A 758 -14.52 16.06 -33.00
C PHE A 758 -13.57 16.33 -34.17
N GLY A 759 -12.37 15.75 -34.05
CA GLY A 759 -11.33 15.92 -35.07
C GLY A 759 -10.70 14.57 -35.44
N HIS A 760 -9.65 14.26 -34.69
CA HIS A 760 -8.91 13.00 -34.83
C HIS A 760 -8.57 12.47 -33.43
N THR A 761 -7.70 13.23 -32.77
CA THR A 761 -7.27 12.93 -31.40
C THR A 761 -8.30 13.44 -30.38
N LYS A 762 -8.73 14.69 -30.60
CA LYS A 762 -9.42 15.47 -29.55
C LYS A 762 -10.86 15.82 -29.88
N VAL A 763 -11.52 16.28 -28.83
CA VAL A 763 -12.84 16.91 -28.85
C VAL A 763 -12.70 18.35 -28.33
N PHE A 764 -13.45 19.24 -28.94
CA PHE A 764 -13.45 20.66 -28.60
C PHE A 764 -14.79 20.97 -27.91
N PHE A 765 -14.73 21.62 -26.76
CA PHE A 765 -15.93 21.95 -25.98
C PHE A 765 -16.10 23.47 -25.97
N LYS A 766 -17.34 23.91 -26.17
CA LYS A 766 -17.66 25.33 -26.04
C LYS A 766 -17.93 25.65 -24.56
N ALA A 767 -18.61 26.76 -24.30
CA ALA A 767 -19.09 27.09 -22.95
C ALA A 767 -20.07 26.02 -22.47
N GLY A 768 -19.89 25.68 -21.19
CA GLY A 768 -20.80 24.78 -20.46
C GLY A 768 -20.80 23.32 -20.90
N LEU A 769 -20.47 22.98 -22.14
CA LEU A 769 -20.68 21.61 -22.64
C LEU A 769 -20.03 20.54 -21.75
N LEU A 770 -18.73 20.68 -21.53
CA LEU A 770 -18.00 19.77 -20.62
C LEU A 770 -18.58 19.86 -19.20
N GLY A 771 -18.78 21.11 -18.78
CA GLY A 771 -19.40 21.46 -17.49
C GLY A 771 -20.89 21.08 -17.38
N LEU A 772 -21.44 20.46 -18.43
CA LEU A 772 -22.80 19.94 -18.45
C LEU A 772 -22.73 18.43 -18.38
N LEU A 773 -21.70 17.87 -19.00
CA LEU A 773 -21.36 16.45 -18.84
C LEU A 773 -21.08 16.10 -17.37
N GLU A 774 -20.50 17.06 -16.67
CA GLU A 774 -20.29 16.94 -15.22
C GLU A 774 -21.65 16.93 -14.52
N GLU A 775 -22.47 17.93 -14.84
CA GLU A 775 -23.86 18.09 -14.35
C GLU A 775 -24.74 16.89 -14.53
N MET A 776 -24.61 16.28 -15.70
CA MET A 776 -25.46 15.16 -16.10
C MET A 776 -25.26 13.96 -15.18
N ARG A 777 -24.03 13.80 -14.71
CA ARG A 777 -23.69 12.79 -13.69
C ARG A 777 -24.01 13.33 -12.29
N ASP A 778 -23.68 14.61 -12.09
CA ASP A 778 -23.74 15.28 -10.79
C ASP A 778 -25.14 15.71 -10.35
N GLU A 779 -26.14 15.56 -11.20
CA GLU A 779 -27.54 15.73 -10.76
C GLU A 779 -27.90 14.56 -9.85
N ARG A 780 -27.61 13.36 -10.33
CA ARG A 780 -27.81 12.12 -9.55
C ARG A 780 -26.86 12.08 -8.34
N LEU A 781 -25.63 12.53 -8.59
CA LEU A 781 -24.61 12.62 -7.53
C LEU A 781 -24.91 13.72 -6.51
N SER A 782 -25.73 14.68 -6.93
CA SER A 782 -26.32 15.66 -6.00
C SER A 782 -27.38 14.93 -5.15
N ARG A 783 -28.25 14.19 -5.83
CA ARG A 783 -29.34 13.42 -5.21
C ARG A 783 -28.90 12.14 -4.46
N ILE A 784 -27.64 12.07 -4.03
CA ILE A 784 -27.15 10.96 -3.20
C ILE A 784 -27.76 11.08 -1.79
N ILE A 785 -28.56 10.13 -1.31
CA ILE A 785 -29.17 8.98 -1.99
C ILE A 785 -30.23 8.45 -1.02
N THR A 786 -31.48 8.76 -1.30
CA THR A 786 -32.58 8.41 -0.37
C THR A 786 -32.73 6.90 -0.15
N ARG A 787 -32.59 6.14 -1.23
CA ARG A 787 -32.77 4.69 -1.23
C ARG A 787 -31.84 3.99 -0.23
N ILE A 788 -30.54 4.30 -0.34
CA ILE A 788 -29.53 3.70 0.55
C ILE A 788 -29.70 4.18 1.99
N GLN A 789 -30.06 5.46 2.14
CA GLN A 789 -30.34 6.02 3.47
C GLN A 789 -31.59 5.42 4.13
N ALA A 790 -32.52 4.96 3.30
CA ALA A 790 -33.74 4.26 3.77
C ALA A 790 -33.44 2.80 4.08
N GLN A 791 -32.53 2.22 3.30
CA GLN A 791 -32.00 0.87 3.56
C GLN A 791 -31.21 0.82 4.88
N SER A 792 -30.63 1.96 5.25
CA SER A 792 -29.92 2.09 6.53
C SER A 792 -30.90 1.95 7.70
N ARG A 793 -31.91 2.83 7.68
CA ARG A 793 -32.97 2.86 8.72
C ARG A 793 -33.67 1.49 8.83
N GLY A 794 -33.81 0.83 7.67
CA GLY A 794 -34.43 -0.51 7.57
C GLY A 794 -33.83 -1.50 8.59
N VAL A 795 -32.62 -1.95 8.30
CA VAL A 795 -31.93 -2.95 9.15
C VAL A 795 -31.65 -2.41 10.57
N LEU A 796 -31.52 -1.10 10.65
CA LEU A 796 -31.24 -0.41 11.91
C LEU A 796 -32.39 -0.59 12.91
N ALA A 797 -33.62 -0.46 12.39
CA ALA A 797 -34.84 -0.45 13.20
C ALA A 797 -35.30 -1.84 13.69
N ARG A 798 -35.46 -2.78 12.74
CA ARG A 798 -35.92 -4.14 13.08
C ARG A 798 -34.98 -4.85 14.09
N MET A 799 -33.83 -4.24 14.34
CA MET A 799 -32.87 -4.75 15.33
C MET A 799 -33.19 -4.29 16.76
N GLU A 800 -33.15 -2.97 16.96
CA GLU A 800 -33.35 -2.36 18.30
C GLU A 800 -34.72 -2.71 18.90
N TYR A 801 -35.68 -2.98 18.02
CA TYR A 801 -37.06 -3.36 18.41
C TYR A 801 -37.15 -4.55 19.35
N LYS A 802 -36.05 -5.29 19.52
CA LYS A 802 -36.04 -6.47 20.41
C LYS A 802 -36.45 -6.08 21.85
N LYS A 803 -35.97 -4.92 22.29
CA LYS A 803 -36.22 -4.44 23.66
C LYS A 803 -37.69 -4.11 23.88
N LEU A 804 -38.32 -3.52 22.86
CA LEU A 804 -39.73 -3.13 22.89
C LEU A 804 -40.69 -4.31 23.03
N LEU A 805 -40.25 -5.42 22.44
CA LEU A 805 -41.00 -6.68 22.49
C LEU A 805 -40.88 -7.35 23.87
N GLU A 806 -39.65 -7.64 24.27
CA GLU A 806 -39.37 -8.32 25.54
C GLU A 806 -39.94 -7.55 26.74
N ARG A 807 -39.82 -6.22 26.70
CA ARG A 807 -40.35 -5.36 27.77
C ARG A 807 -41.87 -5.46 27.95
N ARG A 808 -42.58 -5.74 26.86
CA ARG A 808 -44.06 -5.82 26.90
C ARG A 808 -44.54 -6.97 27.80
N ASP A 809 -43.82 -8.09 27.76
CA ASP A 809 -44.12 -9.23 28.64
C ASP A 809 -43.54 -9.01 30.05
N SER A 810 -42.39 -8.35 30.11
CA SER A 810 -41.75 -8.00 31.39
C SER A 810 -42.67 -7.15 32.27
N LEU A 811 -43.36 -6.21 31.61
CA LEU A 811 -44.40 -5.39 32.26
C LEU A 811 -45.52 -6.25 32.86
N LEU A 812 -45.81 -7.36 32.18
CA LEU A 812 -46.86 -8.30 32.59
C LEU A 812 -46.49 -9.11 33.84
N VAL A 813 -45.31 -9.72 33.81
CA VAL A 813 -44.89 -10.62 34.90
C VAL A 813 -44.87 -9.88 36.24
N ILE A 814 -44.32 -8.67 36.20
CA ILE A 814 -44.32 -7.78 37.37
C ILE A 814 -45.72 -7.40 37.82
N GLN A 815 -46.53 -6.89 36.89
CA GLN A 815 -47.88 -6.44 37.23
C GLN A 815 -48.78 -7.52 37.83
N TRP A 816 -48.43 -8.79 37.63
CA TRP A 816 -49.15 -9.87 38.33
C TRP A 816 -48.52 -10.16 39.70
N ASN A 817 -47.19 -10.24 39.75
CA ASN A 817 -46.47 -10.59 40.98
C ASN A 817 -46.56 -9.58 42.11
N ILE A 818 -46.54 -8.29 41.78
CA ILE A 818 -46.76 -7.24 42.81
C ILE A 818 -48.10 -7.45 43.55
N ARG A 819 -49.08 -8.01 42.83
CA ARG A 819 -50.37 -8.35 43.43
C ARG A 819 -50.44 -9.76 44.01
N ALA A 820 -49.70 -10.70 43.41
CA ALA A 820 -49.60 -12.08 43.94
C ALA A 820 -48.95 -12.05 45.32
N PHE A 821 -47.86 -11.30 45.41
CA PHE A 821 -47.07 -11.05 46.63
C PHE A 821 -47.96 -10.51 47.76
N MET A 822 -48.92 -9.67 47.39
CA MET A 822 -49.86 -9.06 48.35
C MET A 822 -50.90 -10.06 48.88
N GLY A 823 -51.64 -10.66 47.93
CA GLY A 823 -52.75 -11.60 48.25
C GLY A 823 -52.29 -12.92 48.91
N VAL A 824 -51.31 -13.58 48.30
CA VAL A 824 -50.86 -14.92 48.73
C VAL A 824 -49.86 -14.88 49.92
N LYS A 825 -50.12 -13.95 50.83
CA LYS A 825 -49.29 -13.81 52.04
C LYS A 825 -50.11 -14.26 53.26
N ASN A 826 -51.09 -15.11 52.97
CA ASN A 826 -52.14 -15.50 53.92
C ASN A 826 -52.94 -16.67 53.31
N TRP A 827 -52.17 -17.64 52.83
CA TRP A 827 -52.67 -18.87 52.20
C TRP A 827 -52.43 -20.07 53.14
N PRO A 828 -53.20 -21.16 52.95
CA PRO A 828 -53.13 -22.36 53.77
C PRO A 828 -52.01 -23.39 53.53
N TRP A 829 -51.31 -23.37 52.39
CA TRP A 829 -50.36 -24.46 52.07
C TRP A 829 -49.33 -24.02 51.03
N MET A 830 -48.23 -23.43 51.48
CA MET A 830 -47.18 -22.92 50.57
C MET A 830 -45.93 -22.41 51.27
N LYS A 831 -46.01 -21.20 51.84
CA LYS A 831 -44.85 -20.51 52.44
C LYS A 831 -44.35 -21.12 53.76
N LEU A 832 -44.23 -22.44 53.78
CA LEU A 832 -43.43 -23.13 54.79
C LEU A 832 -42.02 -23.23 54.21
N TYR A 833 -41.09 -22.48 54.80
CA TYR A 833 -39.75 -22.32 54.22
C TYR A 833 -38.59 -22.41 55.22
N PHE A 834 -38.38 -21.37 56.03
CA PHE A 834 -37.17 -21.29 56.87
C PHE A 834 -37.33 -21.48 58.38
N LYS A 835 -38.48 -21.11 58.94
CA LYS A 835 -38.60 -21.04 60.42
C LYS A 835 -38.26 -22.33 61.17
N ILE A 836 -38.73 -23.47 60.67
CA ILE A 836 -38.40 -24.77 61.30
C ILE A 836 -37.79 -25.77 60.32
N LYS A 837 -38.21 -25.67 59.06
CA LYS A 837 -37.81 -26.63 58.02
C LYS A 837 -36.31 -26.92 57.90
N PRO A 838 -35.43 -25.90 57.91
CA PRO A 838 -33.97 -26.08 57.88
C PRO A 838 -33.36 -26.82 59.10
N LEU A 839 -34.15 -27.68 59.74
CA LEU A 839 -33.61 -28.76 60.58
C LEU A 839 -33.03 -29.87 59.68
N LEU A 840 -33.54 -29.90 58.44
CA LEU A 840 -33.12 -30.82 57.37
C LEU A 840 -31.80 -30.40 56.71
N LYS A 841 -31.58 -30.96 55.52
CA LYS A 841 -30.36 -30.73 54.71
C LYS A 841 -30.72 -29.82 53.53
N SER A 842 -30.59 -30.34 52.31
CA SER A 842 -31.10 -29.77 51.05
C SER A 842 -30.58 -28.36 50.75
N ALA A 843 -31.16 -27.36 51.43
CA ALA A 843 -30.71 -25.96 51.31
C ALA A 843 -29.23 -25.86 51.72
N GLU A 844 -28.94 -26.44 52.89
CA GLU A 844 -27.62 -26.50 53.54
C GLU A 844 -26.41 -25.99 52.73
N ARG A 845 -26.03 -26.76 51.71
CA ARG A 845 -24.75 -26.55 51.02
C ARG A 845 -24.75 -25.48 49.92
N GLU A 846 -25.93 -25.27 49.33
CA GLU A 846 -26.12 -24.50 48.09
C GLU A 846 -25.23 -23.24 47.96
N LYS A 847 -25.48 -22.27 48.85
CA LYS A 847 -24.87 -20.94 48.74
C LYS A 847 -23.34 -20.94 48.89
N GLU A 848 -22.86 -21.84 49.75
CA GLU A 848 -21.41 -22.06 49.92
C GLU A 848 -20.76 -22.49 48.60
N MET A 849 -21.42 -23.45 47.94
CA MET A 849 -20.95 -24.00 46.66
C MET A 849 -20.96 -22.94 45.56
N ALA A 850 -21.96 -22.05 45.57
CA ALA A 850 -22.03 -20.95 44.61
C ALA A 850 -20.76 -20.09 44.65
N SER A 851 -20.32 -19.81 45.88
CA SER A 851 -19.09 -19.04 46.13
C SER A 851 -17.81 -19.84 45.82
N MET A 852 -17.91 -21.16 46.00
CA MET A 852 -16.77 -22.08 45.80
C MET A 852 -16.57 -22.54 44.34
N LYS A 853 -17.68 -22.73 43.63
CA LYS A 853 -17.67 -23.32 42.28
C LYS A 853 -17.01 -22.36 41.28
N GLU A 854 -17.24 -21.07 41.51
CA GLU A 854 -16.53 -19.97 40.81
C GLU A 854 -15.04 -20.25 40.66
N GLU A 855 -14.43 -20.71 41.75
CA GLU A 855 -12.98 -20.94 41.82
C GLU A 855 -12.54 -22.16 40.99
N PHE A 856 -13.37 -23.20 41.03
CA PHE A 856 -13.08 -24.47 40.33
C PHE A 856 -13.06 -24.28 38.81
N THR A 857 -13.98 -23.45 38.31
CA THR A 857 -14.11 -23.18 36.87
C THR A 857 -12.91 -22.42 36.32
N ARG A 858 -12.62 -21.26 36.90
CA ARG A 858 -11.59 -20.35 36.39
C ARG A 858 -10.18 -20.94 36.44
N LEU A 859 -9.92 -21.74 37.49
CA LEU A 859 -8.65 -22.44 37.61
C LEU A 859 -8.49 -23.47 36.47
N LYS A 860 -9.57 -24.17 36.17
CA LYS A 860 -9.60 -25.16 35.07
C LYS A 860 -9.49 -24.47 33.70
N GLU A 861 -10.22 -23.37 33.53
CA GLU A 861 -10.23 -22.63 32.26
C GLU A 861 -8.82 -22.15 31.91
N ALA A 862 -8.17 -21.50 32.88
CA ALA A 862 -6.79 -21.03 32.72
C ALA A 862 -5.83 -22.20 32.47
N LEU A 863 -6.03 -23.26 33.23
CA LEU A 863 -5.23 -24.49 33.10
C LEU A 863 -5.35 -25.14 31.71
N GLU A 864 -6.47 -24.88 31.03
CA GLU A 864 -6.65 -25.35 29.64
C GLU A 864 -5.86 -24.44 28.67
N LYS A 865 -6.19 -23.16 28.72
CA LYS A 865 -5.68 -22.16 27.76
C LYS A 865 -4.18 -21.83 27.87
N SER A 866 -3.63 -21.89 29.08
CA SER A 866 -2.26 -21.43 29.36
C SER A 866 -1.16 -22.12 28.55
N GLU A 867 -1.02 -23.44 28.73
CA GLU A 867 0.06 -24.24 28.12
C GLU A 867 0.10 -24.06 26.60
N ALA A 868 -1.09 -24.05 26.00
CA ALA A 868 -1.26 -23.95 24.54
C ALA A 868 -0.94 -22.55 24.01
N ARG A 869 -1.01 -21.56 24.91
CA ARG A 869 -0.55 -20.20 24.60
C ARG A 869 0.97 -20.16 24.54
N ARG A 870 1.62 -20.84 25.49
CA ARG A 870 3.09 -20.86 25.55
C ARG A 870 3.67 -21.68 24.40
N LYS A 871 2.90 -22.63 23.88
CA LYS A 871 3.26 -23.35 22.65
C LYS A 871 3.48 -22.40 21.47
N GLU A 872 2.60 -21.41 21.35
CA GLU A 872 2.69 -20.40 20.28
C GLU A 872 3.69 -19.29 20.62
N LEU A 873 3.94 -19.07 21.89
CA LEU A 873 4.96 -18.11 22.32
C LEU A 873 6.37 -18.66 22.10
N GLU A 874 6.50 -19.92 22.51
CA GLU A 874 7.73 -20.71 22.34
C GLU A 874 8.10 -20.84 20.86
N GLU A 875 7.08 -21.04 20.02
CA GLU A 875 7.31 -21.12 18.56
C GLU A 875 7.91 -19.81 18.02
N LYS A 876 7.49 -18.68 18.60
CA LYS A 876 7.97 -17.36 18.20
C LYS A 876 9.42 -17.12 18.65
N MET A 877 9.64 -17.25 19.96
CA MET A 877 10.93 -16.92 20.62
C MET A 877 12.16 -17.46 19.90
N VAL A 878 12.04 -18.68 19.40
CA VAL A 878 13.15 -19.44 18.80
C VAL A 878 13.81 -18.70 17.62
N SER A 879 13.07 -17.78 17.01
CA SER A 879 13.58 -16.95 15.90
C SER A 879 14.61 -15.90 16.36
N LEU A 880 14.68 -15.64 17.65
CA LEU A 880 15.48 -14.54 18.22
C LEU A 880 16.98 -14.81 18.35
N LEU A 881 17.33 -16.02 18.77
CA LEU A 881 18.76 -16.40 18.85
C LEU A 881 19.39 -16.32 17.45
N GLN A 882 18.56 -16.72 16.50
CA GLN A 882 18.87 -16.72 15.07
C GLN A 882 18.94 -15.31 14.47
N GLU A 883 17.91 -14.49 14.69
CA GLU A 883 17.92 -13.09 14.22
C GLU A 883 19.06 -12.27 14.85
N LYS A 884 19.49 -12.67 16.05
CA LYS A 884 20.67 -12.07 16.70
C LYS A 884 21.94 -12.32 15.86
N ASN A 885 22.10 -13.56 15.40
CA ASN A 885 23.21 -13.91 14.50
C ASN A 885 23.03 -13.29 13.11
N ASP A 886 21.78 -13.22 12.67
CA ASP A 886 21.40 -12.56 11.40
C ASP A 886 21.87 -11.11 11.38
N LEU A 887 21.50 -10.38 12.43
CA LEU A 887 21.86 -8.96 12.57
C LEU A 887 23.36 -8.72 12.64
N GLN A 888 24.08 -9.55 13.39
CA GLN A 888 25.53 -9.38 13.55
C GLN A 888 26.28 -9.44 12.22
N LEU A 889 25.92 -10.42 11.40
CA LEU A 889 26.51 -10.56 10.06
C LEU A 889 26.28 -9.32 9.19
N GLN A 890 25.05 -8.82 9.24
CA GLN A 890 24.71 -7.56 8.55
C GLN A 890 25.38 -6.33 9.17
N VAL A 891 25.51 -6.35 10.49
CA VAL A 891 26.25 -5.30 11.22
C VAL A 891 27.69 -5.28 10.72
N GLN A 892 28.26 -6.45 10.47
CA GLN A 892 29.61 -6.55 9.90
C GLN A 892 29.61 -6.01 8.46
N ALA A 893 28.77 -6.61 7.62
CA ALA A 893 28.72 -6.32 6.17
C ALA A 893 28.47 -4.85 5.85
N GLU A 894 27.59 -4.20 6.60
CA GLU A 894 27.33 -2.76 6.34
C GLU A 894 28.33 -1.85 7.06
N GLN A 895 29.07 -2.40 8.01
CA GLN A 895 30.23 -1.70 8.60
C GLN A 895 31.42 -1.72 7.63
N ASP A 896 31.60 -2.84 6.95
CA ASP A 896 32.58 -2.94 5.85
C ASP A 896 32.15 -2.07 4.66
N ASN A 897 30.85 -2.07 4.37
CA ASN A 897 30.28 -1.21 3.32
C ASN A 897 30.50 0.26 3.66
N LEU A 898 30.36 0.58 4.95
CA LEU A 898 30.65 1.93 5.45
C LEU A 898 32.14 2.23 5.32
N ALA A 899 32.99 1.27 5.68
CA ALA A 899 34.45 1.41 5.59
C ALA A 899 34.90 1.64 4.15
N ASP A 900 34.43 0.78 3.24
CA ASP A 900 34.71 0.92 1.80
C ASP A 900 34.23 2.26 1.24
N ALA A 901 33.03 2.68 1.66
CA ALA A 901 32.49 4.00 1.28
C ALA A 901 33.32 5.15 1.87
N GLU A 902 33.80 4.95 3.10
CA GLU A 902 34.64 5.95 3.79
C GLU A 902 35.99 6.08 3.07
N GLU A 903 36.54 4.95 2.65
CA GLU A 903 37.79 4.91 1.87
C GLU A 903 37.59 5.62 0.53
N ARG A 904 36.49 5.30 -0.15
CA ARG A 904 36.20 5.90 -1.46
C ARG A 904 35.88 7.39 -1.32
N CYS A 905 35.55 7.80 -0.09
CA CYS A 905 35.45 9.22 0.27
C CYS A 905 36.84 9.77 0.65
N ASP A 906 37.64 8.93 1.27
CA ASP A 906 38.98 9.30 1.75
C ASP A 906 39.90 9.59 0.57
N GLN A 907 39.78 8.83 -0.51
CA GLN A 907 40.55 9.08 -1.74
C GLN A 907 40.21 10.44 -2.34
N LEU A 908 38.94 10.83 -2.19
CA LEU A 908 38.45 12.11 -2.69
C LEU A 908 38.96 13.25 -1.79
N ILE A 909 38.85 13.05 -0.48
CA ILE A 909 39.34 14.03 0.52
C ILE A 909 40.85 14.22 0.43
N LYS A 910 41.57 13.14 0.18
CA LYS A 910 43.04 13.18 0.09
C LYS A 910 43.51 13.76 -1.23
N ASN A 911 42.85 13.40 -2.32
CA ASN A 911 43.15 13.99 -3.64
C ASN A 911 42.68 15.44 -3.75
N LYS A 912 41.77 15.82 -2.86
CA LYS A 912 41.25 17.20 -2.80
C LYS A 912 42.37 18.19 -2.49
N ILE A 913 43.31 17.78 -1.64
CA ILE A 913 44.46 18.64 -1.29
C ILE A 913 45.31 18.91 -2.54
N GLN A 914 45.43 17.87 -3.37
CA GLN A 914 46.15 17.95 -4.65
C GLN A 914 45.41 18.86 -5.63
N LEU A 915 44.10 18.67 -5.70
CA LEU A 915 43.23 19.49 -6.57
C LEU A 915 43.30 20.98 -6.25
N GLU A 916 43.26 21.30 -4.96
CA GLU A 916 43.39 22.68 -4.50
C GLU A 916 44.80 23.23 -4.68
N ALA A 917 45.81 22.37 -4.46
CA ALA A 917 47.23 22.73 -4.64
C ALA A 917 47.54 23.08 -6.10
N LYS A 918 47.05 22.24 -7.00
CA LYS A 918 47.21 22.43 -8.45
C LYS A 918 46.55 23.74 -8.91
N VAL A 919 45.42 24.07 -8.29
CA VAL A 919 44.70 25.33 -8.60
C VAL A 919 45.51 26.53 -8.10
N LYS A 920 46.25 26.35 -7.02
CA LYS A 920 47.13 27.40 -6.50
C LYS A 920 48.30 27.67 -7.45
N GLU A 921 49.07 26.62 -7.73
CA GLU A 921 50.26 26.72 -8.60
C GLU A 921 49.92 27.13 -10.04
N MET A 922 48.82 26.58 -10.58
CA MET A 922 48.39 26.89 -11.95
C MET A 922 48.05 28.37 -12.11
N ASN A 923 47.45 28.94 -11.07
CA ASN A 923 47.08 30.37 -11.05
C ASN A 923 48.28 31.30 -10.92
N GLU A 924 49.22 30.91 -10.05
CA GLU A 924 50.40 31.74 -9.76
C GLU A 924 51.32 31.92 -10.97
N ARG A 925 51.22 31.00 -11.92
CA ARG A 925 52.08 31.00 -13.11
C ARG A 925 51.36 31.57 -14.33
N LEU A 926 50.07 31.29 -14.44
CA LEU A 926 49.24 31.89 -15.50
C LEU A 926 49.24 33.42 -15.36
N GLU A 927 49.10 33.88 -14.12
CA GLU A 927 49.23 35.32 -13.80
C GLU A 927 50.59 35.90 -14.19
N ASP A 928 51.63 35.06 -14.22
CA ASP A 928 52.95 35.48 -14.73
C ASP A 928 52.83 35.88 -16.20
N GLU A 929 52.25 34.97 -16.97
CA GLU A 929 52.10 35.11 -18.42
C GLU A 929 51.11 36.18 -18.85
N GLU A 930 50.14 36.47 -17.98
CA GLU A 930 49.17 37.55 -18.23
C GLU A 930 49.77 38.94 -18.02
N GLU A 931 50.58 39.07 -16.96
CA GLU A 931 51.31 40.32 -16.71
C GLU A 931 52.36 40.49 -17.82
N MET A 932 52.94 39.36 -18.25
CA MET A 932 53.83 39.30 -19.40
C MET A 932 53.07 39.68 -20.68
N ASN A 933 51.81 39.26 -20.77
CA ASN A 933 50.92 39.62 -21.89
C ASN A 933 50.79 41.14 -21.95
N ALA A 934 50.65 41.76 -20.77
CA ALA A 934 50.62 43.22 -20.63
C ALA A 934 51.97 43.86 -20.95
N GLU A 935 53.05 43.24 -20.46
CA GLU A 935 54.42 43.73 -20.70
C GLU A 935 54.77 43.73 -22.18
N LEU A 936 54.25 42.72 -22.88
CA LEU A 936 54.36 42.62 -24.34
C LEU A 936 53.51 43.69 -25.04
N THR A 937 52.22 43.71 -24.71
CA THR A 937 51.26 44.61 -25.38
C THR A 937 51.57 46.09 -25.18
N ALA A 938 52.13 46.43 -24.02
CA ALA A 938 52.56 47.81 -23.73
C ALA A 938 53.71 48.23 -24.65
N LYS A 939 54.72 47.37 -24.74
CA LYS A 939 55.88 47.59 -25.60
C LYS A 939 55.46 47.57 -27.08
N LYS A 940 54.57 46.64 -27.41
CA LYS A 940 54.00 46.51 -28.76
C LYS A 940 53.31 47.81 -29.19
N ARG A 941 52.57 48.42 -28.26
CA ARG A 941 51.90 49.70 -28.53
C ARG A 941 52.93 50.82 -28.73
N LYS A 942 54.01 50.76 -27.95
CA LYS A 942 55.12 51.71 -28.07
C LYS A 942 55.89 51.54 -29.38
N LEU A 943 55.93 50.29 -29.86
CA LEU A 943 56.50 49.94 -31.17
C LEU A 943 55.67 50.54 -32.30
N GLU A 944 54.40 50.11 -32.40
CA GLU A 944 53.48 50.62 -33.43
C GLU A 944 53.48 52.15 -33.52
N ASP A 945 53.56 52.79 -32.35
CA ASP A 945 53.69 54.24 -32.29
C ASP A 945 54.98 54.71 -32.98
N GLU A 946 56.12 54.31 -32.40
CA GLU A 946 57.41 54.81 -32.86
C GLU A 946 57.74 54.42 -34.31
N CYS A 947 57.28 53.24 -34.72
CA CYS A 947 57.46 52.77 -36.11
C CYS A 947 56.76 53.71 -37.10
N SER A 948 55.59 54.19 -36.69
CA SER A 948 54.75 55.06 -37.55
C SER A 948 55.27 56.49 -37.60
N GLU A 949 55.89 56.93 -36.51
CA GLU A 949 56.57 58.25 -36.48
C GLU A 949 57.70 58.28 -37.52
N LEU A 950 58.59 57.28 -37.42
CA LEU A 950 59.74 57.15 -38.32
C LEU A 950 59.32 57.01 -39.78
N LYS A 951 58.32 56.14 -39.97
CA LYS A 951 57.79 55.78 -41.30
C LYS A 951 57.14 56.99 -41.99
N ARG A 952 56.42 57.78 -41.18
CA ARG A 952 55.76 59.01 -41.66
C ARG A 952 56.79 60.02 -42.18
N ASP A 953 57.75 60.35 -41.32
CA ASP A 953 58.75 61.39 -41.61
C ASP A 953 59.56 61.04 -42.87
N ILE A 954 59.98 59.78 -42.97
CA ILE A 954 60.69 59.29 -44.16
C ILE A 954 59.84 59.49 -45.42
N ASP A 955 58.58 59.07 -45.34
CA ASP A 955 57.66 59.15 -46.49
C ASP A 955 57.42 60.62 -46.90
N ASP A 956 57.15 61.48 -45.93
CA ASP A 956 57.05 62.93 -46.20
C ASP A 956 58.32 63.47 -46.89
N LEU A 957 59.45 63.09 -46.31
CA LEU A 957 60.78 63.56 -46.74
C LEU A 957 61.09 63.14 -48.18
N GLU A 958 60.74 61.92 -48.52
CA GLU A 958 60.99 61.37 -49.87
C GLU A 958 60.23 62.15 -50.96
N LEU A 959 59.08 62.71 -50.59
CA LEU A 959 58.27 63.53 -51.50
C LEU A 959 59.04 64.74 -52.07
N GLY B 10 29.41 -50.63 -6.31
CA GLY B 10 28.32 -51.25 -5.53
C GLY B 10 27.25 -51.88 -6.43
N ALA B 11 26.08 -52.10 -5.83
CA ALA B 11 24.94 -52.73 -6.51
C ALA B 11 24.05 -51.71 -7.22
N ALA B 12 23.61 -52.12 -8.41
CA ALA B 12 22.85 -51.27 -9.35
C ALA B 12 21.38 -51.04 -8.98
N ALA B 13 20.80 -50.12 -9.75
CA ALA B 13 19.36 -49.80 -9.76
C ALA B 13 18.89 -49.73 -11.24
N PRO B 14 17.63 -49.31 -11.47
CA PRO B 14 17.14 -48.96 -12.81
C PRO B 14 17.62 -47.56 -13.23
N TYR B 15 17.15 -47.10 -14.38
CA TYR B 15 17.68 -45.88 -15.03
C TYR B 15 17.35 -44.58 -14.29
N LEU B 16 18.26 -44.30 -13.37
CA LEU B 16 18.33 -43.12 -12.49
C LEU B 16 19.83 -42.92 -12.30
N ARG B 17 20.45 -44.04 -11.95
CA ARG B 17 21.88 -44.31 -12.10
C ARG B 17 22.16 -44.68 -13.56
N LYS B 18 23.45 -44.71 -13.91
CA LYS B 18 23.87 -45.29 -15.19
C LYS B 18 23.93 -46.80 -15.06
N SER B 19 24.38 -47.43 -16.13
CA SER B 19 24.56 -48.90 -16.19
C SER B 19 25.71 -49.33 -15.24
N GLU B 20 25.58 -48.99 -13.96
CA GLU B 20 26.69 -49.15 -12.99
C GLU B 20 27.02 -50.58 -12.60
N LYS B 21 26.22 -51.54 -13.06
CA LYS B 21 26.69 -52.93 -13.05
C LYS B 21 27.49 -53.16 -14.33
N GLU B 22 28.58 -52.42 -14.44
CA GLU B 22 29.49 -52.50 -15.60
C GLU B 22 30.23 -53.85 -15.61
N ARG B 23 30.75 -54.18 -16.79
CA ARG B 23 31.56 -55.40 -16.97
C ARG B 23 33.04 -55.04 -16.98
N LEU B 24 33.86 -56.06 -17.19
CA LEU B 24 35.32 -55.92 -17.24
C LEU B 24 35.89 -56.60 -18.49
N GLU B 25 35.16 -56.49 -19.59
CA GLU B 25 35.46 -57.18 -20.87
C GLU B 25 36.96 -57.33 -21.13
N ALA B 26 37.42 -58.57 -21.02
CA ALA B 26 38.84 -58.93 -21.13
C ALA B 26 39.51 -58.40 -22.40
N GLN B 27 38.74 -58.27 -23.49
CA GLN B 27 39.26 -57.71 -24.76
C GLN B 27 40.13 -56.47 -24.56
N THR B 28 39.68 -55.60 -23.66
CA THR B 28 40.33 -54.31 -23.40
C THR B 28 41.71 -54.38 -22.73
N ARG B 29 42.00 -55.51 -22.07
CA ARG B 29 43.20 -55.64 -21.21
C ARG B 29 44.57 -55.64 -21.93
N PRO B 30 44.76 -56.48 -22.97
CA PRO B 30 46.03 -56.56 -23.70
C PRO B 30 46.49 -55.21 -24.29
N PHE B 31 45.66 -54.18 -24.14
CA PHE B 31 45.92 -52.84 -24.66
C PHE B 31 46.80 -52.02 -23.73
N ASP B 32 46.83 -52.38 -22.45
CA ASP B 32 47.62 -51.65 -21.45
C ASP B 32 49.12 -51.98 -21.56
N LEU B 33 49.70 -51.73 -22.73
CA LEU B 33 51.10 -52.13 -23.00
C LEU B 33 51.64 -51.47 -24.27
N LYS B 34 52.06 -50.22 -24.20
CA LYS B 34 51.86 -49.28 -23.08
C LYS B 34 52.08 -47.87 -23.63
N LYS B 35 52.11 -47.80 -24.96
CA LYS B 35 52.52 -46.59 -25.68
C LYS B 35 51.43 -46.09 -26.61
N ASP B 36 50.28 -45.91 -26.01
CA ASP B 36 49.18 -45.32 -26.76
C ASP B 36 48.82 -43.99 -26.09
N VAL B 37 48.41 -43.05 -26.93
CA VAL B 37 48.28 -41.63 -26.56
C VAL B 37 47.09 -40.98 -27.26
N PHE B 38 46.87 -39.71 -26.93
CA PHE B 38 45.69 -38.98 -27.41
C PHE B 38 46.14 -37.93 -28.39
N VAL B 39 45.56 -38.06 -29.56
CA VAL B 39 45.79 -37.12 -30.66
C VAL B 39 44.54 -36.29 -30.91
N PRO B 40 44.75 -35.04 -31.31
CA PRO B 40 43.66 -34.11 -31.67
C PRO B 40 43.10 -34.42 -33.06
N ASP B 41 41.79 -34.52 -33.10
CA ASP B 41 41.00 -34.78 -34.31
C ASP B 41 39.90 -33.71 -34.43
N ASP B 42 39.36 -33.55 -35.63
CA ASP B 42 38.24 -32.62 -35.86
C ASP B 42 36.87 -33.29 -35.62
N LYS B 43 36.79 -34.56 -36.00
CA LYS B 43 35.52 -35.31 -36.00
C LYS B 43 34.97 -35.57 -34.61
N GLN B 44 35.80 -36.17 -33.77
CA GLN B 44 35.37 -36.54 -32.42
C GLN B 44 35.89 -35.58 -31.41
N GLU B 45 37.13 -35.07 -31.68
CA GLU B 45 37.86 -34.09 -30.86
C GLU B 45 39.21 -34.75 -30.58
N PHE B 46 39.25 -35.59 -29.54
CA PHE B 46 40.49 -36.21 -29.09
C PHE B 46 40.29 -37.70 -29.21
N VAL B 47 41.25 -38.33 -29.88
CA VAL B 47 41.15 -39.76 -30.22
C VAL B 47 42.41 -40.52 -29.73
N LYS B 48 42.51 -41.76 -30.19
CA LYS B 48 43.57 -42.68 -29.80
C LYS B 48 44.61 -42.82 -30.91
N ALA B 49 45.84 -42.61 -30.49
CA ALA B 49 47.02 -42.81 -31.33
C ALA B 49 48.01 -43.73 -30.64
N LYS B 50 48.94 -44.23 -31.44
CA LYS B 50 50.00 -45.13 -30.93
C LYS B 50 51.37 -44.57 -31.32
N ILE B 51 52.27 -44.56 -30.35
CA ILE B 51 53.68 -44.25 -30.61
C ILE B 51 54.29 -45.48 -31.29
N VAL B 52 54.75 -45.28 -32.52
CA VAL B 52 55.36 -46.37 -33.31
C VAL B 52 56.88 -46.31 -33.25
N SER B 53 57.37 -45.07 -33.24
CA SER B 53 58.81 -44.77 -33.32
C SER B 53 58.98 -43.31 -32.85
N ARG B 54 59.98 -43.10 -32.01
CA ARG B 54 60.23 -41.78 -31.43
C ARG B 54 61.60 -41.24 -31.86
N GLU B 55 61.55 -40.11 -32.56
CA GLU B 55 62.75 -39.45 -33.10
C GLU B 55 63.37 -38.50 -32.05
N GLY B 56 63.38 -38.93 -30.80
CA GLY B 56 63.88 -38.08 -29.69
C GLY B 56 62.78 -37.10 -29.26
N GLY B 57 62.94 -35.84 -29.67
CA GLY B 57 61.98 -34.76 -29.33
C GLY B 57 60.74 -34.77 -30.23
N LYS B 58 60.95 -35.30 -31.43
CA LYS B 58 59.87 -35.47 -32.42
C LYS B 58 59.41 -36.93 -32.36
N VAL B 59 58.14 -37.14 -32.69
CA VAL B 59 57.53 -38.47 -32.63
C VAL B 59 56.80 -38.77 -33.95
N THR B 60 56.65 -40.05 -34.23
CA THR B 60 55.83 -40.52 -35.35
C THR B 60 54.67 -41.33 -34.77
N ALA B 61 53.54 -40.65 -34.62
CA ALA B 61 52.35 -41.25 -34.01
C ALA B 61 51.20 -41.29 -35.03
N GLU B 62 50.67 -42.47 -35.28
CA GLU B 62 49.51 -42.62 -36.19
C GLU B 62 48.22 -42.19 -35.47
N THR B 63 47.17 -42.98 -35.64
CA THR B 63 45.83 -42.70 -35.14
C THR B 63 44.92 -43.90 -35.47
N GLU B 64 43.70 -43.86 -34.94
CA GLU B 64 42.61 -44.79 -35.29
C GLU B 64 42.45 -44.90 -36.82
N TYR B 65 42.65 -43.79 -37.53
CA TYR B 65 42.56 -43.79 -39.01
C TYR B 65 43.86 -44.19 -39.73
N GLY B 66 44.87 -44.59 -38.95
CA GLY B 66 46.12 -45.17 -39.48
C GLY B 66 47.10 -44.18 -40.11
N LYS B 67 46.68 -42.95 -40.37
CA LYS B 67 47.62 -42.00 -41.00
C LYS B 67 48.77 -41.63 -40.07
N THR B 68 49.93 -41.99 -40.58
CA THR B 68 51.21 -41.80 -39.86
C THR B 68 51.63 -40.34 -39.96
N VAL B 69 51.96 -39.76 -38.81
CA VAL B 69 52.28 -38.33 -38.71
C VAL B 69 53.43 -38.06 -37.72
N THR B 70 54.23 -37.08 -38.07
CA THR B 70 55.31 -36.60 -37.19
C THR B 70 54.79 -35.47 -36.30
N VAL B 71 55.01 -35.66 -35.01
CA VAL B 71 54.44 -34.80 -33.94
C VAL B 71 55.57 -34.31 -33.04
N LYS B 72 55.27 -33.31 -32.22
CA LYS B 72 56.21 -32.80 -31.21
C LYS B 72 55.80 -33.31 -29.83
N GLU B 73 56.76 -33.98 -29.20
CA GLU B 73 56.65 -34.59 -27.85
C GLU B 73 55.46 -34.12 -27.01
N ASP B 74 55.43 -32.82 -26.71
CA ASP B 74 54.65 -32.27 -25.58
C ASP B 74 53.13 -32.40 -25.73
N GLN B 75 52.65 -32.52 -26.96
CA GLN B 75 51.21 -32.68 -27.23
C GLN B 75 50.65 -34.02 -26.73
N VAL B 76 51.52 -35.02 -26.70
CA VAL B 76 51.15 -36.42 -26.42
C VAL B 76 50.56 -36.65 -25.00
N MET B 77 49.25 -36.59 -24.92
CA MET B 77 48.54 -36.92 -23.67
C MET B 77 48.42 -38.43 -23.54
N GLN B 78 48.81 -38.94 -22.38
CA GLN B 78 48.82 -40.38 -22.10
C GLN B 78 47.40 -40.95 -21.93
N GLN B 79 47.23 -42.17 -22.43
CA GLN B 79 45.96 -42.89 -22.33
C GLN B 79 45.56 -43.30 -20.93
N ASN B 80 44.30 -42.99 -20.62
CA ASN B 80 43.70 -43.29 -19.33
C ASN B 80 42.68 -44.42 -19.53
N PRO B 81 43.07 -45.64 -19.12
CA PRO B 81 42.38 -46.90 -19.45
C PRO B 81 40.86 -46.91 -19.20
N PRO B 82 40.14 -47.67 -20.03
CA PRO B 82 38.68 -47.87 -19.97
C PRO B 82 38.18 -48.50 -18.65
N LYS B 83 39.07 -48.63 -17.67
CA LYS B 83 38.69 -49.02 -16.29
C LYS B 83 37.68 -48.02 -15.70
N PHE B 84 37.62 -46.84 -16.33
CA PHE B 84 36.72 -45.75 -15.92
C PHE B 84 35.75 -45.38 -17.06
N ASP B 85 35.14 -46.39 -17.66
CA ASP B 85 34.19 -46.13 -18.75
C ASP B 85 32.76 -46.34 -18.25
N LYS B 86 32.02 -45.24 -18.26
CA LYS B 86 30.55 -45.23 -18.03
C LYS B 86 30.16 -45.59 -16.58
N ILE B 87 30.95 -45.06 -15.66
CA ILE B 87 30.67 -45.20 -14.22
C ILE B 87 29.93 -43.96 -13.74
N GLU B 88 29.39 -44.01 -12.51
CA GLU B 88 28.62 -42.89 -11.95
C GLU B 88 29.44 -41.59 -11.77
N ASP B 89 30.35 -41.66 -10.82
CA ASP B 89 31.23 -40.55 -10.48
C ASP B 89 32.31 -40.41 -11.56
N MET B 90 33.23 -39.50 -11.31
CA MET B 90 34.46 -39.33 -12.08
C MET B 90 35.73 -39.72 -11.36
N ALA B 91 35.70 -39.43 -10.07
CA ALA B 91 36.77 -39.70 -9.10
C ALA B 91 37.95 -40.55 -9.58
N MET B 92 37.67 -41.76 -10.06
CA MET B 92 38.70 -42.78 -10.34
C MET B 92 39.47 -42.66 -11.66
N LEU B 93 39.01 -41.82 -12.58
CA LEU B 93 39.77 -41.53 -13.81
C LEU B 93 41.19 -41.12 -13.39
N THR B 94 42.19 -41.83 -13.91
CA THR B 94 43.56 -41.71 -13.37
C THR B 94 44.35 -40.57 -14.03
N PHE B 95 44.83 -40.80 -15.24
CA PHE B 95 45.67 -39.84 -15.99
C PHE B 95 44.82 -38.66 -16.44
N LEU B 96 44.83 -37.61 -15.62
CA LEU B 96 43.92 -36.48 -15.80
C LEU B 96 44.41 -35.35 -16.70
N HIS B 97 44.60 -35.71 -17.97
CA HIS B 97 44.79 -34.70 -19.03
C HIS B 97 43.45 -34.51 -19.73
N GLU B 98 43.38 -33.53 -20.63
CA GLU B 98 42.11 -33.06 -21.22
C GLU B 98 41.17 -34.16 -21.78
N PRO B 99 41.62 -34.84 -22.82
CA PRO B 99 40.78 -35.75 -23.59
C PRO B 99 40.24 -36.93 -22.82
N ALA B 100 40.98 -37.35 -21.80
CA ALA B 100 40.53 -38.42 -20.89
C ALA B 100 39.16 -38.10 -20.25
N VAL B 101 38.89 -36.81 -20.07
CA VAL B 101 37.61 -36.35 -19.50
C VAL B 101 36.58 -36.11 -20.61
N LEU B 102 37.07 -35.51 -21.68
CA LEU B 102 36.23 -35.06 -22.78
C LEU B 102 35.35 -36.19 -23.33
N TYR B 103 36.02 -37.29 -23.66
CA TYR B 103 35.39 -38.50 -24.18
C TYR B 103 34.34 -39.07 -23.22
N ASN B 104 34.70 -39.07 -21.94
CA ASN B 104 33.93 -39.80 -20.93
C ASN B 104 32.56 -39.17 -20.63
N LEU B 105 32.49 -37.84 -20.67
CA LEU B 105 31.24 -37.12 -20.42
C LEU B 105 30.31 -37.06 -21.63
N LYS B 106 30.91 -36.95 -22.81
CA LYS B 106 30.13 -36.90 -24.07
C LYS B 106 29.25 -38.15 -24.19
N ASP B 107 29.87 -39.29 -23.90
CA ASP B 107 29.19 -40.59 -23.94
C ASP B 107 28.29 -40.87 -22.73
N ARG B 108 28.38 -40.02 -21.72
CA ARG B 108 27.51 -40.16 -20.54
C ARG B 108 26.14 -39.55 -20.80
N TYR B 109 26.18 -38.35 -21.38
CA TYR B 109 24.98 -37.62 -21.79
C TYR B 109 24.16 -38.46 -22.77
N GLY B 110 24.87 -38.91 -23.83
CA GLY B 110 24.26 -39.74 -24.88
C GLY B 110 23.62 -41.00 -24.30
N SER B 111 24.29 -41.56 -23.29
CA SER B 111 23.81 -42.76 -22.57
C SER B 111 22.64 -42.44 -21.62
N TRP B 112 21.99 -41.30 -21.84
CA TRP B 112 20.77 -40.88 -21.13
C TRP B 112 21.03 -40.28 -19.74
N MET B 113 22.20 -40.51 -19.17
CA MET B 113 22.53 -39.90 -17.87
C MET B 113 22.98 -38.46 -18.07
N ILE B 114 22.06 -37.55 -17.81
CA ILE B 114 22.34 -36.10 -17.90
C ILE B 114 23.37 -35.75 -16.81
N TYR B 115 22.85 -35.67 -15.59
CA TYR B 115 23.64 -35.30 -14.40
C TYR B 115 24.68 -36.40 -14.17
N THR B 116 25.83 -36.02 -13.64
CA THR B 116 26.94 -36.95 -13.39
C THR B 116 27.76 -36.40 -12.22
N TYR B 117 28.25 -37.31 -11.39
CA TYR B 117 29.17 -36.92 -10.31
C TYR B 117 30.57 -36.65 -10.86
N SER B 118 30.96 -35.40 -10.76
CA SER B 118 32.35 -34.96 -10.97
C SER B 118 32.83 -34.42 -9.62
N GLY B 119 32.53 -35.26 -8.61
CA GLY B 119 32.57 -34.89 -7.19
C GLY B 119 31.21 -34.27 -6.81
N LEU B 120 31.26 -33.46 -5.75
CA LEU B 120 30.10 -32.69 -5.28
C LEU B 120 29.60 -31.74 -6.38
N PHE B 121 30.57 -31.07 -7.00
CA PHE B 121 30.32 -30.12 -8.10
C PHE B 121 30.07 -30.95 -9.36
N CYS B 122 28.86 -31.47 -9.48
CA CYS B 122 28.46 -32.40 -10.56
C CYS B 122 28.42 -31.69 -11.92
N VAL B 123 28.30 -32.50 -12.96
CA VAL B 123 28.12 -32.00 -14.33
C VAL B 123 26.76 -32.48 -14.84
N THR B 124 26.04 -31.54 -15.45
CA THR B 124 24.79 -31.89 -16.15
C THR B 124 24.85 -31.31 -17.54
N VAL B 125 24.48 -32.14 -18.49
CA VAL B 125 24.41 -31.71 -19.90
C VAL B 125 22.95 -31.74 -20.32
N ASN B 126 22.39 -30.54 -20.34
CA ASN B 126 20.95 -30.35 -20.46
C ASN B 126 20.33 -31.22 -21.57
N PRO B 127 19.29 -31.97 -21.20
CA PRO B 127 18.55 -32.86 -22.11
C PRO B 127 17.53 -32.09 -22.95
N TYR B 128 16.89 -31.09 -22.33
CA TYR B 128 15.71 -30.40 -22.88
C TYR B 128 14.68 -31.43 -23.36
N LYS B 129 13.98 -32.00 -22.39
CA LYS B 129 12.86 -32.92 -22.62
C LYS B 129 12.34 -33.34 -21.25
N TRP B 130 11.04 -33.46 -21.14
CA TRP B 130 10.41 -33.87 -19.86
C TRP B 130 10.64 -35.37 -19.62
N LEU B 131 11.85 -35.68 -19.17
CA LEU B 131 12.22 -37.06 -18.83
C LEU B 131 11.44 -37.54 -17.60
N PRO B 132 10.87 -38.75 -17.71
CA PRO B 132 10.07 -39.37 -16.65
C PRO B 132 10.91 -39.97 -15.51
N VAL B 133 11.82 -39.18 -14.97
CA VAL B 133 12.63 -39.59 -13.82
C VAL B 133 12.10 -38.95 -12.53
N TYR B 134 11.53 -37.77 -12.66
CA TYR B 134 11.05 -36.97 -11.51
C TYR B 134 9.67 -37.37 -11.01
N THR B 135 9.43 -38.68 -10.90
CA THR B 135 8.13 -39.18 -10.46
C THR B 135 8.21 -39.64 -8.99
N PRO B 136 7.16 -39.55 -8.20
CA PRO B 136 7.18 -39.94 -6.78
C PRO B 136 7.47 -41.43 -6.52
N GLU B 137 7.69 -42.24 -7.55
CA GLU B 137 8.34 -43.55 -7.38
C GLU B 137 9.79 -43.32 -6.93
N VAL B 138 10.48 -42.48 -7.69
CA VAL B 138 11.81 -41.99 -7.32
C VAL B 138 11.75 -41.19 -6.01
N VAL B 139 10.71 -40.38 -5.90
CA VAL B 139 10.61 -39.53 -4.74
C VAL B 139 9.89 -40.27 -3.64
N ALA B 140 9.64 -41.56 -3.71
CA ALA B 140 9.11 -42.35 -2.58
C ALA B 140 10.27 -43.10 -1.93
N ALA B 141 11.14 -43.64 -2.80
CA ALA B 141 12.32 -44.37 -2.35
C ALA B 141 13.27 -43.42 -1.63
N TYR B 142 13.52 -42.24 -2.20
CA TYR B 142 14.54 -41.28 -1.71
C TYR B 142 14.06 -40.50 -0.47
N ARG B 143 13.85 -41.19 0.64
CA ARG B 143 13.42 -40.53 1.89
C ARG B 143 14.49 -40.75 2.97
N GLY B 144 15.52 -39.90 2.90
CA GLY B 144 16.69 -40.05 3.79
C GLY B 144 17.30 -41.45 3.62
N LYS B 145 17.46 -41.81 2.35
CA LYS B 145 17.94 -43.14 1.95
C LYS B 145 19.41 -43.35 2.22
N LYS B 146 19.77 -44.62 2.30
CA LYS B 146 21.19 -45.01 2.39
C LYS B 146 21.76 -44.98 0.97
N ARG B 147 22.31 -43.82 0.62
CA ARG B 147 22.64 -43.44 -0.77
C ARG B 147 23.48 -44.45 -1.58
N SER B 148 22.79 -45.46 -2.08
CA SER B 148 23.25 -46.29 -3.21
C SER B 148 22.04 -46.40 -4.15
N GLU B 149 20.87 -46.52 -3.53
CA GLU B 149 19.58 -46.30 -4.19
C GLU B 149 19.39 -44.80 -4.54
N ALA B 150 20.28 -43.96 -4.02
CA ALA B 150 20.27 -42.51 -4.31
C ALA B 150 21.52 -42.10 -5.14
N PRO B 151 21.37 -42.26 -6.45
CA PRO B 151 22.45 -42.04 -7.42
C PRO B 151 22.51 -40.58 -7.94
N PRO B 152 23.31 -40.33 -9.00
CA PRO B 152 23.55 -39.00 -9.59
C PRO B 152 22.42 -38.34 -10.39
N HIS B 153 21.26 -38.22 -9.77
CA HIS B 153 20.21 -37.30 -10.26
C HIS B 153 19.96 -36.26 -9.17
N ILE B 154 19.74 -35.02 -9.59
CA ILE B 154 19.58 -33.85 -8.70
C ILE B 154 18.95 -34.07 -7.32
N PHE B 155 18.02 -35.02 -7.20
CA PHE B 155 17.47 -35.36 -5.88
C PHE B 155 18.56 -35.70 -4.86
N SER B 156 19.62 -36.33 -5.32
CA SER B 156 20.76 -36.77 -4.49
C SER B 156 21.49 -35.61 -3.82
N ILE B 157 21.90 -34.62 -4.62
CA ILE B 157 22.66 -33.46 -4.12
C ILE B 157 21.82 -32.73 -3.07
N SER B 158 20.53 -32.70 -3.35
CA SER B 158 19.52 -32.07 -2.49
C SER B 158 19.20 -32.95 -1.26
N ASP B 159 19.35 -34.25 -1.45
CA ASP B 159 19.22 -35.26 -0.38
C ASP B 159 20.37 -35.03 0.62
N ASN B 160 21.58 -35.05 0.06
CA ASN B 160 22.83 -34.86 0.79
C ASN B 160 22.99 -33.50 1.44
N ALA B 161 22.32 -32.50 0.89
CA ALA B 161 22.35 -31.14 1.44
C ALA B 161 21.46 -31.06 2.69
N TYR B 162 20.27 -31.62 2.55
CA TYR B 162 19.25 -31.67 3.62
C TYR B 162 19.71 -32.53 4.79
N GLN B 163 20.13 -33.76 4.45
CA GLN B 163 20.64 -34.73 5.43
C GLN B 163 21.80 -34.12 6.22
N TYR B 164 22.64 -33.38 5.49
CA TYR B 164 23.79 -32.67 6.03
C TYR B 164 23.36 -31.50 6.92
N MET B 165 22.54 -30.61 6.40
CA MET B 165 22.25 -29.33 7.06
C MET B 165 21.46 -29.46 8.36
N LEU B 166 20.40 -30.28 8.36
CA LEU B 166 19.54 -30.43 9.55
C LEU B 166 20.34 -30.88 10.77
N THR B 167 21.47 -31.52 10.46
CA THR B 167 22.36 -32.07 11.48
C THR B 167 23.43 -31.09 11.94
N ASP B 168 23.93 -30.24 11.06
CA ASP B 168 25.11 -29.41 11.38
C ASP B 168 24.75 -27.95 11.70
N ARG B 169 23.63 -27.49 11.18
CA ARG B 169 23.07 -26.17 11.56
C ARG B 169 23.81 -24.96 10.96
N GLU B 170 24.66 -25.20 9.96
CA GLU B 170 25.30 -24.10 9.21
C GLU B 170 24.55 -23.89 7.89
N ASN B 171 24.47 -22.63 7.47
CA ASN B 171 23.73 -22.24 6.26
C ASN B 171 24.44 -22.63 4.97
N GLN B 172 23.62 -22.93 3.97
CA GLN B 172 24.04 -23.72 2.80
C GLN B 172 23.64 -23.01 1.49
N SER B 173 24.09 -23.56 0.38
CA SER B 173 23.79 -23.02 -0.96
C SER B 173 23.61 -24.14 -1.99
N ILE B 174 23.00 -23.77 -3.11
CA ILE B 174 22.79 -24.63 -4.28
C ILE B 174 22.92 -23.71 -5.51
N LEU B 175 24.05 -23.82 -6.17
CA LEU B 175 24.43 -22.93 -7.28
C LEU B 175 24.54 -23.75 -8.56
N ILE B 176 23.66 -23.45 -9.49
CA ILE B 176 23.71 -24.08 -10.82
C ILE B 176 24.17 -23.01 -11.81
N THR B 177 25.22 -23.32 -12.56
CA THR B 177 25.68 -22.44 -13.64
C THR B 177 25.37 -23.11 -14.98
N GLY B 178 25.48 -22.29 -16.02
CA GLY B 178 25.28 -22.77 -17.40
C GLY B 178 25.24 -21.59 -18.36
N GLU B 179 24.90 -21.91 -19.60
CA GLU B 179 24.79 -20.90 -20.67
C GLU B 179 23.31 -20.64 -20.97
N SER B 180 23.04 -20.17 -22.19
CA SER B 180 21.70 -19.83 -22.67
C SER B 180 20.84 -21.09 -22.89
N GLY B 181 19.95 -21.36 -21.97
CA GLY B 181 19.07 -22.54 -22.07
C GLY B 181 19.76 -23.81 -21.53
N ALA B 182 20.61 -23.60 -20.52
CA ALA B 182 21.20 -24.70 -19.75
C ALA B 182 20.21 -25.19 -18.69
N GLY B 183 18.97 -25.40 -19.18
CA GLY B 183 17.78 -25.78 -18.38
C GLY B 183 17.89 -25.49 -16.88
N LYS B 184 18.34 -24.30 -16.51
CA LYS B 184 18.61 -23.97 -15.10
C LYS B 184 17.35 -24.08 -14.24
N THR B 185 16.29 -23.46 -14.75
CA THR B 185 15.06 -23.24 -13.99
C THR B 185 14.35 -24.58 -13.77
N VAL B 186 14.33 -25.39 -14.83
CA VAL B 186 13.78 -26.76 -14.75
C VAL B 186 14.53 -27.60 -13.71
N ASN B 187 15.83 -27.34 -13.56
CA ASN B 187 16.66 -28.06 -12.59
C ASN B 187 16.36 -27.72 -11.14
N THR B 188 16.30 -26.43 -10.81
CA THR B 188 16.08 -26.00 -9.42
C THR B 188 14.73 -26.50 -8.87
N LYS B 189 13.74 -26.54 -9.75
CA LYS B 189 12.41 -27.06 -9.40
C LYS B 189 12.46 -28.54 -9.01
N ARG B 190 13.49 -29.22 -9.49
CA ARG B 190 13.84 -30.59 -9.10
C ARG B 190 14.50 -30.70 -7.72
N VAL B 191 15.31 -29.70 -7.42
CA VAL B 191 15.89 -29.55 -6.09
C VAL B 191 14.75 -29.40 -5.07
N ILE B 192 13.83 -28.51 -5.42
CA ILE B 192 12.62 -28.26 -4.62
C ILE B 192 11.72 -29.48 -4.58
N GLN B 193 11.64 -30.18 -5.71
CA GLN B 193 10.78 -31.36 -5.78
C GLN B 193 11.35 -32.47 -4.92
N TYR B 194 12.63 -32.49 -4.60
CA TYR B 194 13.15 -33.41 -3.57
C TYR B 194 12.60 -33.02 -2.20
N PHE B 195 12.70 -31.74 -1.87
CA PHE B 195 12.34 -31.22 -0.55
C PHE B 195 10.84 -31.36 -0.33
N ALA B 196 10.12 -30.76 -1.27
CA ALA B 196 8.66 -30.67 -1.27
C ALA B 196 7.93 -32.01 -1.16
N VAL B 197 8.66 -33.10 -1.29
CA VAL B 197 8.03 -34.42 -1.18
C VAL B 197 8.74 -35.39 -0.25
N ILE B 198 9.84 -34.99 0.38
CA ILE B 198 10.62 -35.94 1.21
C ILE B 198 10.59 -35.56 2.69
N ALA B 199 11.14 -34.39 2.95
CA ALA B 199 11.48 -33.94 4.28
C ALA B 199 10.28 -33.43 5.08
N ALA B 200 9.39 -32.79 4.35
CA ALA B 200 8.17 -32.19 4.91
C ALA B 200 7.18 -33.28 5.33
N ILE B 201 6.23 -32.88 6.18
CA ILE B 201 5.16 -33.78 6.66
C ILE B 201 4.09 -34.01 5.59
N GLY B 202 4.46 -34.80 4.59
CA GLY B 202 3.52 -35.18 3.52
C GLY B 202 3.18 -36.67 3.68
N ASP B 203 1.89 -36.96 3.76
CA ASP B 203 1.38 -38.34 3.83
C ASP B 203 1.78 -39.14 2.58
N ARG B 204 2.76 -40.02 2.75
CA ARG B 204 3.19 -40.92 1.67
C ARG B 204 2.47 -42.26 1.62
N SER B 205 2.00 -42.75 2.78
CA SER B 205 1.51 -44.14 2.92
C SER B 205 0.44 -44.64 1.93
N LYS B 206 -0.05 -43.79 1.05
CA LYS B 206 -0.94 -44.22 -0.05
C LYS B 206 -0.32 -43.93 -1.43
N LYS B 207 -0.67 -44.76 -2.40
CA LYS B 207 -0.18 -44.62 -3.78
C LYS B 207 -1.13 -43.75 -4.62
N ASP B 208 -1.01 -42.44 -4.43
CA ASP B 208 -1.82 -41.47 -5.18
C ASP B 208 -0.89 -40.47 -5.87
N GLN B 209 -1.31 -40.00 -7.03
CA GLN B 209 -0.56 -39.11 -7.93
C GLN B 209 -0.60 -37.67 -7.44
N SER B 210 0.43 -37.37 -6.67
CA SER B 210 0.36 -37.50 -5.20
C SER B 210 -0.69 -36.57 -4.57
N PRO B 211 -0.55 -35.27 -4.87
CA PRO B 211 -1.18 -34.20 -4.10
C PRO B 211 -1.81 -34.66 -2.78
N GLY B 212 -0.92 -34.96 -1.83
CA GLY B 212 -1.33 -35.47 -0.51
C GLY B 212 -0.80 -34.61 0.64
N LYS B 213 -0.79 -33.29 0.43
CA LYS B 213 -0.30 -32.32 1.43
C LYS B 213 1.23 -32.45 1.57
N GLY B 214 1.89 -31.46 2.20
CA GLY B 214 1.30 -30.31 2.90
C GLY B 214 1.32 -29.07 2.02
N THR B 215 0.31 -28.24 2.22
CA THR B 215 0.05 -27.06 1.36
C THR B 215 1.15 -26.01 1.31
N LEU B 216 2.05 -25.99 2.28
CA LEU B 216 3.27 -25.17 2.17
C LEU B 216 4.08 -25.57 0.94
N GLU B 217 4.22 -26.89 0.79
CA GLU B 217 4.94 -27.51 -0.33
C GLU B 217 4.22 -27.25 -1.65
N ASP B 218 2.90 -27.27 -1.59
CA ASP B 218 2.05 -27.01 -2.76
C ASP B 218 2.16 -25.54 -3.19
N GLN B 219 2.16 -24.64 -2.25
CA GLN B 219 2.25 -23.21 -2.58
C GLN B 219 3.65 -22.82 -3.08
N ILE B 220 4.67 -23.33 -2.40
CA ILE B 220 6.07 -23.11 -2.81
C ILE B 220 6.33 -23.58 -4.25
N ILE B 221 5.66 -24.67 -4.64
CA ILE B 221 5.77 -25.18 -6.02
C ILE B 221 5.13 -24.20 -7.01
N GLN B 222 3.87 -23.89 -6.77
CA GLN B 222 3.03 -23.13 -7.71
C GLN B 222 3.59 -21.75 -8.00
N ALA B 223 4.18 -21.13 -6.98
CA ALA B 223 4.81 -19.81 -7.12
C ALA B 223 5.86 -19.79 -8.25
N ASN B 224 6.56 -20.91 -8.43
CA ASN B 224 7.56 -21.04 -9.51
C ASN B 224 6.95 -20.93 -10.93
N PRO B 225 5.93 -21.71 -11.28
CA PRO B 225 5.20 -21.56 -12.55
C PRO B 225 4.61 -20.15 -12.68
N ALA B 226 4.06 -19.62 -11.59
CA ALA B 226 3.52 -18.25 -11.55
C ALA B 226 4.59 -17.22 -11.96
N LEU B 227 5.75 -17.31 -11.32
CA LEU B 227 6.90 -16.44 -11.65
C LEU B 227 7.37 -16.64 -13.10
N GLU B 228 7.28 -17.87 -13.59
CA GLU B 228 7.67 -18.18 -14.96
C GLU B 228 6.75 -17.53 -15.99
N ALA B 229 5.45 -17.54 -15.74
CA ALA B 229 4.47 -16.94 -16.66
C ALA B 229 4.73 -15.44 -16.85
N PHE B 230 4.91 -14.74 -15.74
CA PHE B 230 5.20 -13.30 -15.74
C PHE B 230 6.64 -12.98 -16.21
N GLY B 231 7.58 -13.68 -15.58
CA GLY B 231 9.02 -13.38 -15.71
C GLY B 231 9.63 -13.91 -17.00
N ASN B 232 9.20 -15.10 -17.42
CA ASN B 232 9.75 -15.75 -18.62
C ASN B 232 9.07 -15.22 -19.89
N ALA B 233 9.89 -15.04 -20.91
CA ALA B 233 9.42 -14.75 -22.27
C ALA B 233 9.91 -15.87 -23.20
N LYS B 234 10.62 -15.50 -24.25
CA LYS B 234 11.28 -16.44 -25.17
C LYS B 234 12.37 -15.71 -25.94
N THR B 235 13.51 -16.36 -26.06
CA THR B 235 14.61 -15.86 -26.89
C THR B 235 14.89 -16.83 -28.04
N VAL B 236 15.69 -16.35 -28.98
CA VAL B 236 16.04 -17.09 -30.22
C VAL B 236 16.60 -18.49 -29.90
N ARG B 237 17.36 -18.56 -28.80
CA ARG B 237 17.91 -19.83 -28.32
C ARG B 237 16.89 -20.56 -27.43
N ASN B 238 16.20 -19.80 -26.59
CA ASN B 238 15.44 -20.40 -25.48
C ASN B 238 13.99 -19.93 -25.39
N ASP B 239 13.09 -20.82 -25.83
CA ASP B 239 11.63 -20.66 -25.67
C ASP B 239 11.21 -20.25 -24.26
N ASN B 240 11.96 -20.74 -23.27
CA ASN B 240 11.68 -20.43 -21.88
C ASN B 240 12.82 -19.64 -21.26
N SER B 241 12.95 -18.41 -21.75
CA SER B 241 14.00 -17.48 -21.29
C SER B 241 13.46 -16.70 -20.10
N SER B 242 13.81 -17.16 -18.91
CA SER B 242 13.52 -16.42 -17.67
C SER B 242 14.22 -15.06 -17.79
N ARG B 243 13.41 -14.04 -18.08
CA ARG B 243 13.97 -12.73 -18.48
C ARG B 243 14.30 -11.86 -17.27
N PHE B 244 14.61 -12.54 -16.17
CA PHE B 244 14.87 -11.90 -14.88
C PHE B 244 15.96 -12.68 -14.12
N GLY B 245 15.89 -12.62 -12.79
CA GLY B 245 16.81 -13.39 -11.93
C GLY B 245 16.28 -13.41 -10.50
N LYS B 246 16.44 -14.56 -9.86
CA LYS B 246 15.94 -14.77 -8.50
C LYS B 246 16.92 -15.59 -7.66
N PHE B 247 16.99 -15.23 -6.39
CA PHE B 247 17.82 -15.91 -5.39
C PHE B 247 16.88 -16.44 -4.30
N ILE B 248 17.05 -17.70 -3.95
CA ILE B 248 16.08 -18.40 -3.09
C ILE B 248 16.76 -18.90 -1.81
N ARG B 249 16.32 -18.37 -0.69
CA ARG B 249 16.75 -18.86 0.63
C ARG B 249 15.66 -19.71 1.28
N ILE B 250 15.79 -21.01 1.08
CA ILE B 250 14.86 -22.02 1.61
C ILE B 250 15.05 -22.09 3.14
N HIS B 251 13.95 -22.18 3.87
CA HIS B 251 13.98 -22.19 5.34
C HIS B 251 13.42 -23.51 5.88
N PHE B 252 14.11 -24.01 6.90
CA PHE B 252 13.71 -25.24 7.60
C PHE B 252 13.55 -25.00 9.10
N GLY B 253 12.65 -25.78 9.70
CA GLY B 253 12.23 -25.56 11.09
C GLY B 253 13.18 -26.18 12.12
N ALA B 254 12.65 -26.33 13.33
CA ALA B 254 13.35 -26.97 14.46
C ALA B 254 13.58 -28.46 14.17
N THR B 255 12.48 -29.19 14.08
CA THR B 255 12.51 -30.64 13.84
C THR B 255 12.13 -30.98 12.39
N GLY B 256 13.19 -31.19 11.60
CA GLY B 256 13.06 -31.73 10.23
C GLY B 256 12.46 -30.79 9.17
N LYS B 257 11.12 -30.74 9.15
CA LYS B 257 10.35 -30.18 8.03
C LYS B 257 10.51 -28.68 7.74
N LEU B 258 9.95 -28.30 6.59
CA LEU B 258 10.08 -26.98 5.96
C LEU B 258 9.42 -25.84 6.75
N ALA B 259 10.04 -24.67 6.62
CA ALA B 259 9.60 -23.44 7.31
C ALA B 259 9.18 -22.30 6.39
N SER B 260 9.85 -22.11 5.25
CA SER B 260 9.49 -21.06 4.25
C SER B 260 10.57 -20.79 3.21
N ALA B 261 10.54 -19.61 2.58
CA ALA B 261 11.55 -19.21 1.60
C ALA B 261 11.54 -17.71 1.30
N ASP B 262 12.74 -17.14 1.33
CA ASP B 262 13.00 -15.73 1.00
C ASP B 262 13.67 -15.64 -0.37
N ILE B 263 12.96 -15.02 -1.30
CA ILE B 263 13.41 -14.91 -2.70
C ILE B 263 13.52 -13.44 -3.12
N GLU B 264 14.70 -13.02 -3.55
CA GLU B 264 14.84 -11.70 -4.17
C GLU B 264 15.04 -11.83 -5.69
N THR B 265 14.92 -10.69 -6.36
CA THR B 265 15.01 -10.63 -7.83
C THR B 265 16.07 -9.60 -8.24
N TYR B 266 16.84 -9.97 -9.26
CA TYR B 266 17.88 -9.07 -9.80
C TYR B 266 17.29 -8.11 -10.84
N LEU B 267 17.44 -8.45 -12.11
CA LEU B 267 16.97 -7.60 -13.21
C LEU B 267 15.75 -8.23 -13.90
N LEU B 268 15.11 -7.41 -14.72
CA LEU B 268 14.00 -7.83 -15.58
C LEU B 268 14.14 -7.11 -16.93
N GLU B 269 13.85 -7.80 -18.02
CA GLU B 269 13.83 -7.14 -19.34
C GLU B 269 12.50 -6.40 -19.56
N LYS B 270 12.44 -5.19 -19.02
CA LYS B 270 11.32 -4.27 -19.30
C LYS B 270 11.49 -3.57 -20.67
N SER B 271 12.73 -3.58 -21.17
CA SER B 271 13.08 -2.89 -22.43
C SER B 271 12.38 -3.50 -23.65
N ARG B 272 12.29 -4.83 -23.65
CA ARG B 272 11.72 -5.61 -24.77
C ARG B 272 10.28 -5.28 -25.14
N VAL B 273 9.52 -4.80 -24.15
CA VAL B 273 8.06 -4.61 -24.28
C VAL B 273 7.66 -3.77 -25.51
N ILE B 274 8.55 -2.89 -25.94
CA ILE B 274 8.28 -2.00 -27.09
C ILE B 274 8.26 -2.78 -28.42
N PHE B 275 9.36 -3.45 -28.70
CA PHE B 275 9.52 -4.29 -29.90
C PHE B 275 10.69 -5.24 -29.68
N GLN B 276 10.38 -6.52 -29.71
CA GLN B 276 11.39 -7.58 -29.53
C GLN B 276 12.16 -7.77 -30.83
N LEU B 277 13.41 -8.19 -30.70
CA LEU B 277 14.22 -8.56 -31.86
C LEU B 277 13.60 -9.76 -32.62
N LYS B 278 14.33 -10.86 -32.77
CA LYS B 278 13.98 -11.90 -33.74
C LYS B 278 13.46 -13.12 -33.03
N ALA B 279 12.24 -13.48 -33.44
CA ALA B 279 11.58 -14.73 -33.06
C ALA B 279 11.28 -14.90 -31.57
N GLU B 280 11.69 -13.93 -30.76
CA GLU B 280 11.37 -13.87 -29.32
C GLU B 280 9.84 -13.76 -29.15
N ARG B 281 9.41 -14.02 -27.93
CA ARG B 281 8.04 -13.72 -27.49
C ARG B 281 8.12 -12.81 -26.25
N ASP B 282 7.11 -11.98 -26.07
CA ASP B 282 6.98 -11.19 -24.83
C ASP B 282 6.45 -12.06 -23.68
N TYR B 283 6.37 -11.46 -22.52
CA TYR B 283 6.05 -12.19 -21.28
C TYR B 283 4.84 -13.12 -21.40
N HIS B 284 5.07 -14.38 -21.03
CA HIS B 284 4.11 -15.50 -21.19
C HIS B 284 2.69 -15.19 -20.73
N ILE B 285 2.59 -14.47 -19.61
CA ILE B 285 1.31 -14.13 -18.98
C ILE B 285 0.29 -13.56 -19.98
N PHE B 286 0.80 -12.81 -20.95
CA PHE B 286 -0.03 -12.16 -21.98
C PHE B 286 -0.78 -13.16 -22.85
N TYR B 287 -0.06 -14.04 -23.52
CA TYR B 287 -0.66 -14.95 -24.51
C TYR B 287 -1.72 -15.85 -23.84
N GLN B 288 -1.42 -16.20 -22.60
CA GLN B 288 -2.30 -17.03 -21.76
C GLN B 288 -3.65 -16.34 -21.53
N ILE B 289 -3.58 -15.05 -21.16
CA ILE B 289 -4.79 -14.25 -20.92
C ILE B 289 -5.60 -14.04 -22.22
N LEU B 290 -4.90 -13.93 -23.34
CA LEU B 290 -5.54 -13.70 -24.64
C LEU B 290 -6.40 -14.90 -25.08
N SER B 291 -5.81 -16.08 -25.02
CA SER B 291 -6.47 -17.28 -25.57
C SER B 291 -7.46 -17.95 -24.61
N ASN B 292 -7.11 -18.00 -23.34
CA ASN B 292 -7.99 -18.73 -22.40
C ASN B 292 -9.19 -17.95 -21.86
N LYS B 293 -9.10 -16.64 -21.89
CA LYS B 293 -10.16 -15.79 -21.33
C LYS B 293 -11.50 -15.93 -22.08
N LYS B 294 -12.55 -15.99 -21.27
CA LYS B 294 -13.94 -16.08 -21.74
C LYS B 294 -14.49 -14.75 -22.27
N PRO B 295 -15.58 -14.84 -23.05
CA PRO B 295 -16.24 -13.70 -23.70
C PRO B 295 -16.66 -12.58 -22.72
N GLU B 296 -16.95 -12.96 -21.48
CA GLU B 296 -17.28 -11.99 -20.42
C GLU B 296 -16.05 -11.14 -20.06
N LEU B 297 -15.01 -11.84 -19.62
CA LEU B 297 -13.77 -11.17 -19.20
C LEU B 297 -13.17 -10.34 -20.34
N LEU B 298 -13.37 -10.84 -21.56
CA LEU B 298 -12.93 -10.18 -22.79
C LEU B 298 -13.44 -8.74 -22.89
N ASP B 299 -14.65 -8.51 -22.40
CA ASP B 299 -15.22 -7.17 -22.39
C ASP B 299 -14.47 -6.30 -21.36
N MET B 300 -14.71 -6.59 -20.08
CA MET B 300 -14.11 -5.85 -18.96
C MET B 300 -12.59 -5.66 -19.12
N LEU B 301 -11.89 -6.77 -19.34
CA LEU B 301 -10.43 -6.77 -19.51
C LEU B 301 -9.96 -6.05 -20.78
N LEU B 302 -10.85 -5.94 -21.76
CA LEU B 302 -10.61 -5.15 -22.98
C LEU B 302 -9.53 -5.75 -23.88
N ILE B 303 -9.70 -7.02 -24.18
CA ILE B 303 -8.85 -7.70 -25.17
C ILE B 303 -9.45 -7.51 -26.57
N THR B 304 -8.61 -7.52 -27.57
CA THR B 304 -9.09 -7.64 -28.96
C THR B 304 -9.72 -9.02 -29.15
N ASN B 305 -10.84 -9.06 -29.87
CA ASN B 305 -11.44 -10.34 -30.24
C ASN B 305 -10.52 -11.01 -31.26
N ASN B 306 -10.24 -10.23 -32.31
CA ASN B 306 -9.26 -10.59 -33.35
C ASN B 306 -7.83 -10.59 -32.81
N PRO B 307 -6.96 -11.34 -33.49
CA PRO B 307 -5.52 -11.35 -33.20
C PRO B 307 -4.74 -10.46 -34.17
N TYR B 308 -3.44 -10.33 -33.90
CA TYR B 308 -2.48 -9.51 -34.68
C TYR B 308 -2.77 -8.00 -34.64
N ASP B 309 -3.75 -7.61 -33.82
CA ASP B 309 -4.04 -6.21 -33.54
C ASP B 309 -2.94 -5.61 -32.65
N TYR B 310 -2.58 -6.36 -31.60
CA TYR B 310 -1.61 -5.90 -30.59
C TYR B 310 -0.28 -5.44 -31.12
N ALA B 311 -0.01 -4.17 -30.87
CA ALA B 311 1.18 -3.49 -31.42
C ALA B 311 2.50 -3.77 -30.68
N PHE B 312 2.42 -4.01 -29.37
CA PHE B 312 3.62 -4.36 -28.58
C PHE B 312 4.21 -5.74 -28.83
N ILE B 313 3.50 -6.51 -29.65
CA ILE B 313 3.97 -7.84 -30.06
C ILE B 313 4.59 -7.76 -31.46
N SER B 314 5.90 -7.61 -31.47
CA SER B 314 6.62 -7.52 -32.73
C SER B 314 6.69 -8.85 -33.48
N GLN B 315 7.35 -8.83 -34.64
CA GLN B 315 7.51 -10.01 -35.50
C GLN B 315 6.15 -10.62 -35.87
N GLY B 316 5.56 -11.37 -34.95
CA GLY B 316 4.20 -11.94 -35.10
C GLY B 316 3.82 -12.73 -33.85
N GLU B 317 2.96 -13.73 -34.08
CA GLU B 317 2.56 -14.66 -33.01
C GLU B 317 3.42 -15.92 -33.14
N THR B 318 4.54 -15.89 -32.43
CA THR B 318 5.52 -16.99 -32.47
C THR B 318 5.06 -18.07 -31.48
N THR B 319 5.28 -19.32 -31.87
CA THR B 319 4.86 -20.47 -31.05
C THR B 319 6.03 -21.05 -30.26
N VAL B 320 5.67 -21.90 -29.31
CA VAL B 320 6.63 -22.71 -28.55
C VAL B 320 6.33 -24.18 -28.89
N ALA B 321 7.39 -24.94 -29.06
CA ALA B 321 7.31 -26.35 -29.44
C ALA B 321 6.69 -27.20 -28.33
N SER B 322 5.41 -27.57 -28.52
CA SER B 322 4.75 -28.67 -27.78
C SER B 322 3.77 -28.22 -26.69
N ILE B 323 3.88 -26.95 -26.28
CA ILE B 323 2.93 -26.36 -25.33
C ILE B 323 1.83 -25.62 -26.11
N ASP B 324 0.74 -25.36 -25.41
CA ASP B 324 -0.31 -24.45 -25.90
C ASP B 324 -0.01 -23.06 -25.33
N ASP B 325 -0.92 -22.12 -25.55
CA ASP B 325 -0.93 -20.84 -24.82
C ASP B 325 -2.14 -20.82 -23.88
N ALA B 326 -3.19 -21.50 -24.34
CA ALA B 326 -4.53 -21.44 -23.77
C ALA B 326 -4.72 -22.18 -22.45
N GLU B 327 -4.46 -23.49 -22.44
CA GLU B 327 -4.71 -24.31 -21.25
C GLU B 327 -3.75 -24.01 -20.10
N GLU B 328 -2.54 -23.56 -20.45
CA GLU B 328 -1.57 -23.10 -19.45
C GLU B 328 -2.11 -21.94 -18.61
N LEU B 329 -3.04 -21.18 -19.17
CA LEU B 329 -3.68 -20.09 -18.42
C LEU B 329 -4.50 -20.61 -17.24
N MET B 330 -5.35 -21.58 -17.51
CA MET B 330 -6.29 -22.11 -16.49
C MET B 330 -5.53 -22.76 -15.32
N ALA B 331 -4.44 -23.43 -15.68
CA ALA B 331 -3.56 -24.07 -14.70
C ALA B 331 -2.99 -23.06 -13.70
N THR B 332 -2.39 -21.99 -14.22
CA THR B 332 -1.71 -21.00 -13.38
C THR B 332 -2.70 -20.13 -12.60
N ASP B 333 -3.81 -19.76 -13.24
CA ASP B 333 -4.87 -18.99 -12.57
C ASP B 333 -5.37 -19.73 -11.32
N ASN B 334 -5.45 -21.05 -11.42
CA ASN B 334 -5.79 -21.90 -10.27
C ASN B 334 -4.67 -21.87 -9.23
N ALA B 335 -3.44 -21.79 -9.72
CA ALA B 335 -2.23 -21.58 -8.91
C ALA B 335 -2.26 -20.29 -8.08
N PHE B 336 -2.99 -19.32 -8.56
CA PHE B 336 -3.28 -18.11 -7.78
C PHE B 336 -4.26 -18.40 -6.66
N ASP B 337 -5.35 -19.09 -7.00
CA ASP B 337 -6.34 -19.54 -6.00
C ASP B 337 -5.64 -20.36 -4.91
N VAL B 338 -4.74 -21.22 -5.37
CA VAL B 338 -3.91 -22.03 -4.46
C VAL B 338 -2.96 -21.19 -3.61
N LEU B 339 -2.52 -20.05 -4.13
CA LEU B 339 -1.70 -19.11 -3.34
C LEU B 339 -2.51 -18.44 -2.22
N GLY B 340 -3.79 -18.25 -2.49
CA GLY B 340 -4.73 -17.68 -1.52
C GLY B 340 -5.09 -16.24 -1.88
N PHE B 341 -4.97 -15.93 -3.17
CA PHE B 341 -5.41 -14.64 -3.73
C PHE B 341 -6.92 -14.46 -3.53
N THR B 342 -7.29 -13.21 -3.32
CA THR B 342 -8.70 -12.82 -3.22
C THR B 342 -9.30 -12.79 -4.64
N SER B 343 -10.62 -12.93 -4.69
CA SER B 343 -11.36 -13.02 -5.96
C SER B 343 -11.23 -11.75 -6.80
N GLU B 344 -11.01 -10.64 -6.12
CA GLU B 344 -10.73 -9.33 -6.73
C GLU B 344 -9.35 -9.38 -7.38
N GLU B 345 -8.36 -9.67 -6.53
CA GLU B 345 -6.93 -9.59 -6.89
C GLU B 345 -6.55 -10.46 -8.08
N LYS B 346 -7.32 -11.53 -8.30
CA LYS B 346 -7.20 -12.36 -9.51
C LYS B 346 -7.25 -11.48 -10.76
N ASN B 347 -8.36 -10.75 -10.88
CA ASN B 347 -8.58 -9.82 -11.98
C ASN B 347 -7.66 -8.60 -11.90
N SER B 348 -7.30 -8.19 -10.68
CA SER B 348 -6.51 -6.97 -10.45
C SER B 348 -5.10 -7.06 -11.01
N MET B 349 -4.42 -8.15 -10.69
CA MET B 349 -3.06 -8.37 -11.20
C MET B 349 -3.03 -8.52 -12.72
N TYR B 350 -4.05 -9.16 -13.27
CA TYR B 350 -4.19 -9.29 -14.73
C TYR B 350 -4.50 -7.93 -15.37
N LYS B 351 -5.31 -7.13 -14.68
CA LYS B 351 -5.65 -5.77 -15.12
C LYS B 351 -4.40 -4.93 -15.34
N LEU B 352 -3.56 -4.89 -14.32
CA LEU B 352 -2.34 -4.09 -14.38
C LEU B 352 -1.33 -4.65 -15.38
N THR B 353 -1.23 -5.98 -15.41
CA THR B 353 -0.28 -6.67 -16.29
C THR B 353 -0.63 -6.47 -17.76
N GLY B 354 -1.90 -6.59 -18.14
CA GLY B 354 -2.34 -6.60 -19.55
C GLY B 354 -2.23 -5.27 -20.31
N ALA B 355 -2.13 -4.17 -19.57
CA ALA B 355 -2.12 -2.85 -20.21
C ALA B 355 -0.86 -2.68 -21.04
N ILE B 356 0.24 -3.27 -20.57
CA ILE B 356 1.55 -3.28 -21.26
C ILE B 356 1.51 -3.90 -22.64
N MET B 357 0.43 -4.60 -22.98
CA MET B 357 0.15 -4.95 -24.37
C MET B 357 -0.57 -3.80 -25.08
N HIS B 358 -1.58 -3.28 -24.40
CA HIS B 358 -2.44 -2.19 -24.88
C HIS B 358 -1.74 -0.88 -25.27
N PHE B 359 -0.66 -0.54 -24.56
CA PHE B 359 -0.03 0.79 -24.72
C PHE B 359 0.61 1.06 -26.08
N GLY B 360 1.16 -0.01 -26.67
CA GLY B 360 1.90 0.08 -27.95
C GLY B 360 1.05 0.52 -29.14
N ASN B 361 -0.26 0.48 -28.96
CA ASN B 361 -1.22 0.81 -30.02
C ASN B 361 -1.31 2.31 -30.34
N MET B 362 -0.97 3.16 -29.37
CA MET B 362 -1.08 4.62 -29.53
C MET B 362 -0.22 5.14 -30.69
N LYS B 363 -0.86 5.29 -31.84
CA LYS B 363 -0.19 5.61 -33.10
C LYS B 363 -0.18 7.13 -33.37
N PHE B 364 0.87 7.77 -32.87
CA PHE B 364 1.16 9.17 -33.22
C PHE B 364 1.43 9.31 -34.73
N LYS B 365 1.01 10.43 -35.28
CA LYS B 365 1.10 10.71 -36.72
C LYS B 365 1.69 12.11 -36.96
N LEU B 366 2.57 12.19 -37.96
CA LEU B 366 3.20 13.46 -38.32
C LEU B 366 2.18 14.44 -38.92
N LYS B 367 2.07 15.58 -38.24
CA LYS B 367 1.29 16.74 -38.72
C LYS B 367 2.23 17.94 -38.70
N GLN B 368 3.03 18.04 -39.76
CA GLN B 368 4.19 18.95 -39.85
C GLN B 368 3.81 20.44 -39.93
N ARG B 369 3.44 20.99 -38.79
CA ARG B 369 3.23 22.45 -38.66
C ARG B 369 3.95 22.95 -37.42
N GLU B 370 4.85 22.11 -36.91
CA GLU B 370 5.44 22.25 -35.56
C GLU B 370 6.08 20.92 -35.14
N GLU B 371 5.49 19.84 -35.64
CA GLU B 371 5.84 18.44 -35.32
C GLU B 371 5.29 17.94 -33.98
N GLN B 372 4.52 18.76 -33.28
CA GLN B 372 3.83 18.31 -32.05
C GLN B 372 2.63 17.42 -32.41
N ALA B 373 2.90 16.12 -32.48
CA ALA B 373 1.86 15.14 -32.80
C ALA B 373 1.01 14.79 -31.59
N GLU B 374 -0.28 14.64 -31.87
CA GLU B 374 -1.24 14.00 -30.97
C GLU B 374 -1.71 12.73 -31.69
N PRO B 375 -1.83 11.62 -30.95
CA PRO B 375 -2.08 10.29 -31.52
C PRO B 375 -3.51 10.15 -32.07
N ASP B 376 -3.61 9.47 -33.22
CA ASP B 376 -4.88 9.27 -33.93
C ASP B 376 -5.75 8.14 -33.36
N GLY B 377 -6.42 8.44 -32.24
CA GLY B 377 -7.43 7.53 -31.70
C GLY B 377 -7.72 7.84 -30.24
N THR B 378 -8.11 6.78 -29.53
CA THR B 378 -8.43 6.82 -28.09
C THR B 378 -8.54 5.40 -27.53
N GLU B 379 -9.07 4.49 -28.33
CA GLU B 379 -9.34 3.12 -27.87
C GLU B 379 -8.05 2.47 -27.35
N GLU B 380 -6.98 2.77 -28.06
CA GLU B 380 -5.60 2.31 -27.79
C GLU B 380 -5.19 2.60 -26.34
N ALA B 381 -5.51 3.81 -25.88
CA ALA B 381 -5.10 4.28 -24.54
C ALA B 381 -6.22 4.14 -23.51
N ASP B 382 -7.43 3.90 -23.99
CA ASP B 382 -8.61 3.70 -23.13
C ASP B 382 -8.55 2.31 -22.50
N LYS B 383 -8.18 1.33 -23.32
CA LYS B 383 -7.99 -0.05 -22.85
C LYS B 383 -6.86 -0.13 -21.82
N SER B 384 -6.00 0.88 -21.85
CA SER B 384 -5.04 1.12 -20.78
C SER B 384 -5.71 1.76 -19.57
N ALA B 385 -6.36 2.89 -19.82
CA ALA B 385 -6.96 3.74 -18.77
C ALA B 385 -7.90 2.96 -17.86
N TYR B 386 -8.88 2.29 -18.44
CA TYR B 386 -9.92 1.58 -17.66
C TYR B 386 -9.34 0.52 -16.72
N LEU B 387 -8.39 -0.25 -17.24
CA LEU B 387 -7.72 -1.29 -16.43
C LEU B 387 -6.98 -0.70 -15.24
N MET B 388 -6.70 0.60 -15.30
CA MET B 388 -6.03 1.39 -14.27
C MET B 388 -6.93 2.19 -13.33
N GLY B 389 -7.98 2.73 -13.94
CA GLY B 389 -8.90 3.66 -13.28
C GLY B 389 -8.20 4.98 -12.92
N LEU B 390 -7.41 5.48 -13.87
CA LEU B 390 -6.79 6.79 -13.74
C LEU B 390 -7.66 7.80 -14.51
N ASN B 391 -7.66 9.05 -14.07
CA ASN B 391 -8.52 10.08 -14.67
C ASN B 391 -8.29 10.12 -16.19
N SER B 392 -9.32 9.68 -16.91
CA SER B 392 -9.25 9.50 -18.37
C SER B 392 -8.85 10.79 -19.09
N ALA B 393 -9.36 11.91 -18.59
CA ALA B 393 -8.98 13.25 -19.08
C ALA B 393 -7.51 13.57 -18.75
N ASP B 394 -7.10 13.28 -17.52
CA ASP B 394 -5.69 13.44 -17.11
C ASP B 394 -4.73 12.67 -18.02
N LEU B 395 -5.15 11.46 -18.40
CA LEU B 395 -4.36 10.60 -19.29
C LEU B 395 -4.17 11.25 -20.67
N LEU B 396 -5.27 11.30 -21.43
CA LEU B 396 -5.24 11.71 -22.84
C LEU B 396 -4.75 13.13 -23.10
N LYS B 397 -4.84 13.98 -22.08
CA LYS B 397 -4.23 15.32 -22.15
C LYS B 397 -2.75 15.31 -21.74
N GLY B 398 -2.52 14.87 -20.50
CA GLY B 398 -1.23 15.03 -19.81
C GLY B 398 -0.06 14.38 -20.55
N LEU B 399 -0.36 13.28 -21.23
CA LEU B 399 0.63 12.55 -22.05
C LEU B 399 1.39 13.47 -23.01
N CYS B 400 0.63 14.37 -23.64
CA CYS B 400 1.20 15.28 -24.64
C CYS B 400 1.58 16.65 -24.05
N HIS B 401 0.74 17.14 -23.14
CA HIS B 401 0.98 18.43 -22.46
C HIS B 401 1.04 18.26 -20.94
N PRO B 402 2.24 18.07 -20.40
CA PRO B 402 2.47 17.97 -18.95
C PRO B 402 3.00 19.31 -18.39
N ARG B 403 2.85 19.45 -17.07
CA ARG B 403 3.45 20.56 -16.32
C ARG B 403 4.94 20.31 -16.09
N VAL B 404 5.77 21.12 -16.71
CA VAL B 404 7.23 21.00 -16.65
C VAL B 404 7.81 21.76 -15.45
N LYS B 405 8.46 21.00 -14.57
CA LYS B 405 9.32 21.59 -13.53
C LYS B 405 10.50 22.29 -14.22
N VAL B 406 10.50 23.61 -14.11
CA VAL B 406 11.59 24.45 -14.64
C VAL B 406 12.28 25.09 -13.44
N GLY B 407 13.47 24.55 -13.14
CA GLY B 407 14.19 24.92 -11.91
C GLY B 407 13.38 24.44 -10.70
N ASN B 408 12.44 25.27 -10.29
CA ASN B 408 11.49 24.94 -9.21
C ASN B 408 10.04 25.30 -9.60
N GLU B 409 9.89 26.24 -10.52
CA GLU B 409 8.55 26.67 -10.94
C GLU B 409 7.94 25.75 -12.02
N TYR B 410 6.78 26.16 -12.52
CA TYR B 410 5.98 25.33 -13.42
C TYR B 410 5.66 26.04 -14.75
N VAL B 411 5.98 25.33 -15.83
CA VAL B 411 5.66 25.77 -17.20
C VAL B 411 4.95 24.61 -17.91
N THR B 412 4.46 24.83 -19.12
CA THR B 412 3.79 23.79 -19.92
C THR B 412 4.49 23.67 -21.28
N LYS B 413 4.24 22.55 -21.94
CA LYS B 413 4.79 22.29 -23.28
C LYS B 413 4.08 21.09 -23.92
N GLY B 414 3.89 21.24 -25.24
CA GLY B 414 3.58 20.11 -26.11
C GLY B 414 4.83 19.35 -26.47
N GLN B 415 4.84 18.05 -26.43
CA GLN B 415 6.04 17.32 -26.85
C GLN B 415 5.97 17.04 -28.36
N ASN B 416 7.09 17.25 -29.03
CA ASN B 416 7.23 16.88 -30.46
C ASN B 416 6.96 15.39 -30.62
N VAL B 417 6.52 15.01 -31.83
CA VAL B 417 6.03 13.67 -32.16
C VAL B 417 6.79 12.51 -31.47
N GLN B 418 8.04 12.34 -31.90
CA GLN B 418 8.89 11.24 -31.47
C GLN B 418 9.16 11.27 -29.97
N GLN B 419 9.20 12.47 -29.44
CA GLN B 419 9.41 12.65 -27.99
C GLN B 419 8.30 11.93 -27.21
N VAL B 420 7.07 12.12 -27.66
CA VAL B 420 5.89 11.54 -27.02
C VAL B 420 5.80 10.04 -27.33
N ILE B 421 5.97 9.68 -28.60
CA ILE B 421 5.89 8.28 -29.04
C ILE B 421 6.76 7.35 -28.16
N TYR B 422 8.00 7.77 -27.92
CA TYR B 422 8.94 6.97 -27.13
C TYR B 422 8.58 7.07 -25.65
N ALA B 423 8.17 8.27 -25.25
CA ALA B 423 7.77 8.57 -23.86
C ALA B 423 6.53 7.80 -23.41
N THR B 424 5.69 7.38 -24.35
CA THR B 424 4.52 6.54 -24.05
C THR B 424 4.99 5.08 -23.91
N GLY B 425 5.89 4.69 -24.81
CA GLY B 425 6.52 3.36 -24.77
C GLY B 425 7.28 3.16 -23.45
N ALA B 426 7.76 4.28 -22.92
CA ALA B 426 8.43 4.32 -21.61
C ALA B 426 7.45 3.95 -20.50
N LEU B 427 6.21 4.41 -20.65
CA LEU B 427 5.17 4.26 -19.64
C LEU B 427 4.78 2.81 -19.37
N ALA B 428 4.59 2.06 -20.44
CA ALA B 428 4.25 0.63 -20.32
C ALA B 428 5.41 -0.18 -19.72
N LYS B 429 6.64 0.11 -20.11
CA LYS B 429 7.78 -0.62 -19.55
C LYS B 429 8.09 -0.16 -18.12
N ALA B 430 7.62 1.05 -17.80
CA ALA B 430 7.72 1.62 -16.46
C ALA B 430 6.79 0.88 -15.50
N VAL B 431 5.62 0.49 -16.01
CA VAL B 431 4.67 -0.26 -15.18
C VAL B 431 5.19 -1.68 -14.90
N TYR B 432 5.83 -2.29 -15.91
CA TYR B 432 6.28 -3.68 -15.83
C TYR B 432 7.45 -3.88 -14.87
N GLU B 433 8.40 -2.96 -14.92
CA GLU B 433 9.56 -3.04 -14.01
C GLU B 433 9.06 -2.97 -12.56
N ARG B 434 8.11 -2.08 -12.34
CA ARG B 434 7.54 -1.81 -11.02
C ARG B 434 6.66 -2.97 -10.54
N MET B 435 5.85 -3.50 -11.46
CA MET B 435 4.86 -4.53 -11.13
C MET B 435 5.53 -5.84 -10.72
N PHE B 436 6.61 -6.20 -11.42
CA PHE B 436 7.30 -7.46 -11.16
C PHE B 436 8.07 -7.38 -9.84
N ASN B 437 8.63 -6.19 -9.57
CA ASN B 437 9.29 -5.92 -8.29
C ASN B 437 8.27 -5.91 -7.15
N TRP B 438 7.09 -5.39 -7.43
CA TRP B 438 5.99 -5.50 -6.47
C TRP B 438 5.51 -6.93 -6.30
N MET B 439 5.54 -7.70 -7.38
CA MET B 439 5.00 -9.07 -7.40
C MET B 439 5.83 -9.97 -6.49
N VAL B 440 7.14 -9.99 -6.70
CA VAL B 440 8.05 -10.82 -5.90
C VAL B 440 7.95 -10.52 -4.40
N THR B 441 7.88 -9.25 -4.07
CA THR B 441 7.85 -8.82 -2.66
C THR B 441 6.52 -9.23 -2.01
N ARG B 442 5.44 -9.08 -2.76
CA ARG B 442 4.10 -9.51 -2.33
C ARG B 442 3.91 -11.03 -2.31
N ILE B 443 4.74 -11.75 -3.06
CA ILE B 443 4.66 -13.23 -3.11
C ILE B 443 5.50 -13.87 -1.99
N ASN B 444 6.62 -13.23 -1.65
CA ASN B 444 7.44 -13.68 -0.51
C ASN B 444 6.62 -13.61 0.76
N ALA B 445 5.71 -12.63 0.77
CA ALA B 445 4.81 -12.36 1.91
C ALA B 445 4.00 -13.58 2.34
N THR B 446 3.48 -14.33 1.36
CA THR B 446 2.64 -15.51 1.68
C THR B 446 3.49 -16.68 2.22
N LEU B 447 4.79 -16.60 1.97
CA LEU B 447 5.70 -17.72 2.25
C LEU B 447 6.77 -17.43 3.29
N GLU B 448 6.65 -16.35 4.06
CA GLU B 448 7.61 -16.07 5.13
C GLU B 448 7.47 -17.19 6.17
N THR B 449 8.60 -17.54 6.77
CA THR B 449 8.67 -18.57 7.81
C THR B 449 7.86 -18.17 9.02
N LYS B 450 6.59 -18.56 9.03
CA LYS B 450 5.65 -18.19 10.09
C LYS B 450 6.16 -18.71 11.44
N GLN B 451 7.03 -17.92 12.03
CA GLN B 451 7.56 -18.02 13.40
C GLN B 451 8.16 -19.39 13.75
N PRO B 452 9.30 -19.71 13.13
CA PRO B 452 10.21 -20.77 13.57
C PRO B 452 11.60 -20.12 13.73
N ARG B 453 12.63 -20.95 13.69
CA ARG B 453 14.02 -20.48 13.71
C ARG B 453 14.55 -20.43 12.27
N GLN B 454 14.46 -19.23 11.69
CA GLN B 454 14.84 -18.99 10.28
C GLN B 454 16.27 -19.47 9.96
N TYR B 455 16.30 -20.69 9.47
CA TYR B 455 17.54 -21.38 9.08
C TYR B 455 17.41 -21.69 7.58
N PHE B 456 18.47 -21.41 6.82
CA PHE B 456 18.36 -21.49 5.36
C PHE B 456 19.43 -22.21 4.55
N ILE B 457 18.98 -22.54 3.35
CA ILE B 457 19.80 -22.88 2.17
C ILE B 457 19.59 -21.72 1.20
N GLY B 458 20.59 -21.46 0.35
CA GLY B 458 20.48 -20.43 -0.69
C GLY B 458 20.73 -21.04 -2.06
N VAL B 459 19.78 -20.90 -2.96
CA VAL B 459 19.89 -21.41 -4.33
C VAL B 459 19.96 -20.20 -5.26
N LEU B 460 20.99 -20.17 -6.08
CA LEU B 460 21.20 -19.04 -7.01
C LEU B 460 20.72 -19.38 -8.41
N ASP B 461 19.64 -18.72 -8.80
CA ASP B 461 19.00 -18.94 -10.10
C ASP B 461 18.92 -17.62 -10.89
N ILE B 462 19.98 -17.37 -11.66
CA ILE B 462 20.06 -16.18 -12.52
C ILE B 462 20.14 -16.63 -13.98
N ALA B 463 19.07 -16.37 -14.70
CA ALA B 463 18.91 -16.86 -16.08
C ALA B 463 19.47 -15.86 -17.09
N GLY B 464 20.61 -16.25 -17.65
CA GLY B 464 21.35 -15.41 -18.59
C GLY B 464 22.54 -16.15 -19.16
N PHE B 465 23.55 -15.37 -19.49
CA PHE B 465 24.68 -15.80 -20.32
C PHE B 465 24.13 -16.39 -21.62
N GLU B 466 23.50 -15.51 -22.36
CA GLU B 466 22.91 -15.84 -23.67
C GLU B 466 23.71 -15.08 -24.73
N ILE B 467 24.01 -15.78 -25.81
CA ILE B 467 24.87 -15.23 -26.87
C ILE B 467 24.04 -15.06 -28.15
N PHE B 468 23.75 -13.80 -28.45
CA PHE B 468 23.11 -13.40 -29.71
C PHE B 468 23.92 -12.24 -30.28
N ASP B 469 23.67 -11.85 -31.52
CA ASP B 469 24.33 -10.66 -32.08
C ASP B 469 24.04 -9.44 -31.20
N PHE B 470 22.77 -9.30 -30.84
CA PHE B 470 22.34 -8.31 -29.84
C PHE B 470 22.68 -8.76 -28.41
N ASN B 471 23.72 -8.13 -27.89
CA ASN B 471 23.96 -8.07 -26.44
C ASN B 471 24.07 -6.60 -26.08
N SER B 472 23.28 -6.17 -25.11
CA SER B 472 23.38 -4.77 -24.68
C SER B 472 23.67 -4.65 -23.18
N PHE B 473 23.31 -3.50 -22.62
CA PHE B 473 23.48 -3.21 -21.19
C PHE B 473 22.65 -4.17 -20.34
N GLU B 474 21.55 -4.64 -20.91
CA GLU B 474 20.64 -5.60 -20.27
C GLU B 474 21.39 -6.92 -20.05
N GLN B 475 22.02 -7.39 -21.13
CA GLN B 475 22.84 -8.61 -21.11
C GLN B 475 24.09 -8.43 -20.24
N LEU B 476 24.59 -7.20 -20.17
CA LEU B 476 25.81 -6.90 -19.39
C LEU B 476 25.60 -7.02 -17.89
N CYS B 477 24.50 -6.45 -17.40
CA CYS B 477 24.21 -6.45 -15.95
C CYS B 477 23.91 -7.86 -15.44
N ILE B 478 23.37 -8.69 -16.33
CA ILE B 478 23.05 -10.10 -16.02
C ILE B 478 24.31 -10.97 -16.10
N ASN B 479 25.03 -10.83 -17.20
CA ASN B 479 26.23 -11.66 -17.43
C ASN B 479 27.37 -11.30 -16.49
N PHE B 480 27.29 -10.10 -15.93
CA PHE B 480 28.20 -9.64 -14.87
C PHE B 480 27.98 -10.26 -13.49
N THR B 481 26.96 -11.10 -13.39
CA THR B 481 26.75 -11.91 -12.16
C THR B 481 27.20 -13.34 -12.45
N ASN B 482 26.82 -13.81 -13.64
CA ASN B 482 27.16 -15.14 -14.15
C ASN B 482 28.68 -15.34 -14.25
N GLU B 483 29.37 -14.24 -14.54
CA GLU B 483 30.84 -14.21 -14.58
C GLU B 483 31.39 -14.58 -13.18
N LYS B 484 30.90 -13.87 -12.18
CA LYS B 484 31.30 -14.06 -10.78
C LYS B 484 30.87 -15.39 -10.18
N LEU B 485 29.73 -15.92 -10.63
CA LEU B 485 29.28 -17.25 -10.22
C LEU B 485 30.30 -18.30 -10.70
N GLN B 486 30.69 -18.14 -11.96
CA GLN B 486 31.74 -18.97 -12.56
C GLN B 486 33.08 -18.80 -11.81
N GLN B 487 33.27 -17.59 -11.29
CA GLN B 487 34.42 -17.28 -10.44
C GLN B 487 34.30 -17.93 -9.06
N PHE B 488 33.09 -17.96 -8.53
CA PHE B 488 32.79 -18.69 -7.29
C PHE B 488 33.01 -20.18 -7.49
N PHE B 489 32.84 -20.67 -8.70
CA PHE B 489 33.18 -22.07 -9.03
C PHE B 489 34.68 -22.30 -8.80
N ASN B 490 35.49 -21.37 -9.28
CA ASN B 490 36.95 -21.39 -9.00
C ASN B 490 37.21 -21.24 -7.50
N HIS B 491 36.59 -20.22 -6.92
CA HIS B 491 36.69 -19.92 -5.48
C HIS B 491 36.11 -21.01 -4.58
N HIS B 492 35.35 -21.94 -5.14
CA HIS B 492 34.64 -22.96 -4.34
C HIS B 492 35.11 -24.38 -4.62
N MET B 493 35.41 -24.68 -5.88
CA MET B 493 35.85 -26.03 -6.27
C MET B 493 37.28 -26.30 -5.80
N PHE B 494 38.17 -25.37 -6.11
CA PHE B 494 39.52 -25.38 -5.53
C PHE B 494 39.44 -25.01 -4.04
N VAL B 495 38.96 -23.80 -3.81
CA VAL B 495 39.13 -23.11 -2.53
C VAL B 495 38.08 -23.49 -1.48
N LEU B 496 36.89 -22.92 -1.57
CA LEU B 496 35.90 -22.98 -0.50
C LEU B 496 35.47 -24.39 -0.11
N GLU B 497 35.63 -25.33 -1.02
CA GLU B 497 35.46 -26.77 -0.73
C GLU B 497 36.39 -27.14 0.42
N GLN B 498 37.69 -27.00 0.16
CA GLN B 498 38.73 -27.32 1.14
C GLN B 498 38.85 -26.31 2.29
N GLU B 499 38.39 -25.07 2.07
CA GLU B 499 38.25 -24.11 3.19
C GLU B 499 37.24 -24.64 4.20
N GLU B 500 36.13 -25.14 3.68
CA GLU B 500 35.10 -25.84 4.48
C GLU B 500 35.68 -27.07 5.19
N TYR B 501 36.60 -27.76 4.52
CA TYR B 501 37.31 -28.90 5.12
C TYR B 501 38.23 -28.45 6.26
N LYS B 502 38.91 -27.36 6.00
CA LYS B 502 39.84 -26.70 6.94
C LYS B 502 39.14 -26.33 8.24
N LYS B 503 37.95 -25.75 8.11
CA LYS B 503 37.15 -25.35 9.27
C LYS B 503 36.72 -26.58 10.07
N GLU B 504 36.12 -27.52 9.35
CA GLU B 504 35.69 -28.79 9.92
C GLU B 504 36.83 -29.58 10.54
N GLY B 505 38.07 -29.36 10.06
CA GLY B 505 39.30 -30.04 10.47
C GLY B 505 39.20 -31.56 10.22
N ILE B 506 39.47 -31.87 8.97
CA ILE B 506 39.45 -33.26 8.48
C ILE B 506 40.86 -33.63 8.02
N GLU B 507 40.99 -34.88 7.59
CA GLU B 507 42.22 -35.38 6.96
C GLU B 507 42.24 -34.97 5.48
N TRP B 508 42.60 -33.73 5.21
CA TRP B 508 42.65 -33.23 3.83
C TRP B 508 44.01 -32.61 3.55
N THR B 509 44.33 -32.50 2.27
CA THR B 509 45.57 -31.85 1.80
C THR B 509 45.19 -30.79 0.77
N PHE B 510 45.64 -29.57 1.00
CA PHE B 510 45.36 -28.44 0.09
C PHE B 510 46.10 -28.59 -1.24
N ILE B 511 45.33 -28.49 -2.31
CA ILE B 511 45.86 -28.56 -3.69
C ILE B 511 45.13 -27.47 -4.50
N ASP B 512 45.83 -26.83 -5.42
CA ASP B 512 45.17 -25.86 -6.33
C ASP B 512 45.89 -25.73 -7.67
N PHE B 513 45.16 -25.13 -8.60
CA PHE B 513 45.67 -24.77 -9.93
C PHE B 513 45.23 -23.34 -10.27
N GLY B 514 46.06 -22.69 -11.11
CA GLY B 514 45.77 -21.31 -11.55
C GLY B 514 44.64 -21.23 -12.58
N MET B 515 43.41 -21.23 -12.08
CA MET B 515 42.22 -20.87 -12.88
C MET B 515 41.51 -19.71 -12.18
N ASP B 516 41.84 -18.50 -12.63
CA ASP B 516 41.34 -17.27 -11.99
C ASP B 516 40.81 -16.24 -13.01
N LEU B 517 39.94 -15.36 -12.53
CA LEU B 517 39.33 -14.29 -13.33
C LEU B 517 39.48 -12.89 -12.71
N GLN B 518 39.85 -12.84 -11.43
CA GLN B 518 39.72 -11.61 -10.62
C GLN B 518 40.37 -10.36 -11.23
N ALA B 519 41.55 -10.54 -11.85
CA ALA B 519 42.26 -9.43 -12.51
C ALA B 519 41.57 -9.11 -13.85
N CYS B 520 40.29 -8.79 -13.75
CA CYS B 520 39.42 -8.59 -14.91
C CYS B 520 37.99 -8.25 -14.48
N ILE B 521 37.41 -9.11 -13.65
CA ILE B 521 36.03 -8.94 -13.20
C ILE B 521 35.98 -8.62 -11.70
N ASP B 522 35.36 -7.49 -11.41
CA ASP B 522 35.24 -7.01 -10.03
C ASP B 522 34.43 -8.00 -9.18
N LEU B 523 34.91 -8.21 -7.96
CA LEU B 523 34.31 -9.19 -7.04
C LEU B 523 33.49 -8.51 -5.95
N ILE B 524 34.21 -7.80 -5.08
CA ILE B 524 33.62 -7.08 -3.95
C ILE B 524 32.70 -5.98 -4.50
N GLU B 525 31.71 -5.59 -3.70
CA GLU B 525 30.76 -4.54 -4.10
C GLU B 525 31.52 -3.31 -4.60
N LYS B 526 32.54 -2.87 -3.86
CA LYS B 526 33.24 -1.62 -4.18
C LYS B 526 33.84 -1.64 -5.59
N PRO B 527 34.60 -2.67 -6.00
CA PRO B 527 35.09 -2.80 -7.37
C PRO B 527 33.91 -2.74 -8.37
N MET B 528 32.85 -3.48 -8.08
CA MET B 528 31.60 -3.41 -8.87
C MET B 528 30.91 -2.03 -8.80
N GLY B 529 31.23 -1.28 -7.75
CA GLY B 529 30.68 0.05 -7.46
C GLY B 529 31.71 1.16 -7.72
N ILE B 530 32.75 0.80 -8.44
CA ILE B 530 33.70 1.76 -9.04
C ILE B 530 33.61 1.58 -10.56
N MET B 531 33.16 0.38 -10.95
CA MET B 531 32.91 -0.03 -12.33
C MET B 531 31.55 0.54 -12.78
N SER B 532 31.58 1.55 -13.64
CA SER B 532 32.80 2.13 -14.24
C SER B 532 32.60 3.60 -14.62
N ILE B 533 32.65 3.89 -15.92
CA ILE B 533 32.45 5.26 -16.45
C ILE B 533 30.95 5.57 -16.43
N LEU B 534 30.18 4.49 -16.38
CA LEU B 534 28.75 4.51 -16.20
C LEU B 534 28.40 4.50 -14.70
N GLU B 535 29.36 4.95 -13.93
CA GLU B 535 29.20 5.13 -12.49
C GLU B 535 29.68 6.53 -12.12
N GLU B 536 30.99 6.71 -12.15
CA GLU B 536 31.58 8.02 -11.84
C GLU B 536 31.31 9.16 -12.83
N GLU B 537 30.69 8.88 -13.97
CA GLU B 537 30.31 9.95 -14.92
C GLU B 537 28.90 9.91 -15.52
N CYS B 538 28.05 9.03 -15.02
CA CYS B 538 26.68 8.88 -15.55
C CYS B 538 25.66 10.00 -15.36
N MET B 539 26.13 11.20 -15.06
CA MET B 539 25.20 12.31 -14.81
C MET B 539 25.52 13.59 -15.57
N PHE B 540 26.66 13.57 -16.26
CA PHE B 540 27.15 14.75 -16.97
C PHE B 540 26.70 14.71 -18.43
N PRO B 541 26.22 15.87 -18.91
CA PRO B 541 25.61 16.01 -20.25
C PRO B 541 26.53 15.66 -21.43
N LYS B 542 27.84 15.73 -21.22
CA LYS B 542 28.82 15.49 -22.31
C LYS B 542 29.20 14.01 -22.53
N ALA B 543 28.87 13.14 -21.58
CA ALA B 543 29.20 11.71 -21.70
C ALA B 543 28.29 11.01 -22.71
N THR B 544 28.92 10.27 -23.60
CA THR B 544 28.21 9.47 -24.63
C THR B 544 28.66 8.01 -24.55
N ASP B 545 27.89 7.15 -25.22
CA ASP B 545 28.26 5.72 -25.35
C ASP B 545 29.56 5.53 -26.14
N MET B 546 29.93 6.56 -26.90
CA MET B 546 31.23 6.59 -27.60
C MET B 546 32.38 6.71 -26.58
N THR B 547 32.31 7.74 -25.77
CA THR B 547 33.33 8.01 -24.74
C THR B 547 33.42 6.88 -23.70
N PHE B 548 32.28 6.20 -23.48
CA PHE B 548 32.24 5.06 -22.54
C PHE B 548 33.24 3.98 -22.95
N LYS B 549 33.26 3.66 -24.24
CA LYS B 549 34.19 2.67 -24.78
C LYS B 549 35.64 3.17 -24.67
N ALA B 550 35.82 4.48 -24.90
CA ALA B 550 37.14 5.12 -24.88
C ALA B 550 37.80 5.06 -23.49
N LYS B 551 37.04 5.42 -22.46
CA LYS B 551 37.59 5.41 -21.09
C LYS B 551 37.84 3.99 -20.56
N LEU B 552 37.14 3.02 -21.14
CA LEU B 552 37.48 1.60 -20.95
C LEU B 552 38.84 1.31 -21.56
N PHE B 553 39.00 1.80 -22.79
CA PHE B 553 40.20 1.61 -23.60
C PHE B 553 41.46 2.24 -23.04
N ASP B 554 41.28 3.27 -22.22
CA ASP B 554 42.42 3.91 -21.58
C ASP B 554 42.86 3.12 -20.34
N ASN B 555 41.87 2.82 -19.50
CA ASN B 555 42.10 2.26 -18.16
C ASN B 555 42.38 0.76 -18.13
N HIS B 556 41.79 0.03 -19.08
CA HIS B 556 41.82 -1.45 -19.04
C HIS B 556 42.77 -2.07 -20.06
N LEU B 557 42.98 -1.35 -21.17
CA LEU B 557 43.67 -1.90 -22.34
C LEU B 557 45.20 -1.90 -22.16
N GLY B 558 45.84 -2.81 -22.90
CA GLY B 558 47.32 -2.91 -22.90
C GLY B 558 47.83 -3.75 -21.71
N LYS B 559 47.89 -3.12 -20.55
CA LYS B 559 48.46 -3.75 -19.34
C LYS B 559 47.67 -4.95 -18.79
N SER B 560 46.34 -4.83 -18.76
CA SER B 560 45.47 -5.93 -18.31
C SER B 560 45.12 -6.83 -19.49
N ALA B 561 45.75 -8.01 -19.50
CA ALA B 561 45.67 -8.97 -20.63
C ALA B 561 44.31 -9.63 -20.85
N ASN B 562 43.46 -9.62 -19.83
CA ASN B 562 42.16 -10.30 -19.90
C ASN B 562 41.13 -9.67 -20.83
N PHE B 563 41.34 -8.39 -21.15
CA PHE B 563 40.39 -7.60 -21.94
C PHE B 563 40.61 -7.76 -23.44
N GLN B 564 39.52 -7.99 -24.15
CA GLN B 564 39.53 -8.17 -25.61
C GLN B 564 38.89 -6.93 -26.25
N LYS B 565 39.61 -6.41 -27.24
CA LYS B 565 39.18 -5.19 -27.93
C LYS B 565 38.40 -5.52 -29.22
N PRO B 566 37.61 -4.54 -29.68
CA PRO B 566 36.78 -4.67 -30.90
C PRO B 566 37.61 -4.89 -32.16
N ARG B 567 36.93 -5.37 -33.18
CA ARG B 567 37.51 -5.55 -34.52
C ARG B 567 37.02 -4.40 -35.43
N ASN B 568 37.56 -3.22 -35.15
CA ASN B 568 37.32 -1.95 -35.87
C ASN B 568 35.95 -1.29 -35.97
N ILE B 569 34.97 -1.61 -35.11
CA ILE B 569 33.74 -0.78 -35.07
C ILE B 569 33.95 0.43 -34.14
N LYS B 570 35.08 1.09 -34.28
CA LYS B 570 35.42 2.22 -33.41
C LYS B 570 35.68 3.49 -34.21
N GLY B 571 35.18 4.60 -33.66
CA GLY B 571 35.37 5.93 -34.28
C GLY B 571 34.08 6.62 -34.74
N LYS B 572 33.10 5.80 -35.10
CA LYS B 572 31.81 6.23 -35.69
C LYS B 572 30.87 5.01 -35.55
N PRO B 573 30.88 4.56 -34.29
CA PRO B 573 30.87 3.15 -33.91
C PRO B 573 29.49 2.67 -33.47
N GLU B 574 29.32 1.36 -33.56
CA GLU B 574 28.29 0.64 -32.80
C GLU B 574 28.84 0.47 -31.38
N ALA B 575 30.18 0.36 -31.34
CA ALA B 575 31.00 0.21 -30.12
C ALA B 575 30.81 -1.18 -29.51
N HIS B 576 31.77 -2.05 -29.82
CA HIS B 576 31.82 -3.41 -29.28
C HIS B 576 33.11 -3.61 -28.49
N PHE B 577 33.04 -4.49 -27.50
CA PHE B 577 34.24 -4.93 -26.74
C PHE B 577 33.95 -6.33 -26.19
N SER B 578 34.98 -6.95 -25.65
CA SER B 578 34.85 -8.28 -25.04
C SER B 578 35.88 -8.49 -23.92
N LEU B 579 35.56 -9.45 -23.06
CA LEU B 579 36.42 -9.83 -21.95
C LEU B 579 36.53 -11.34 -21.87
N ILE B 580 37.60 -11.83 -21.25
CA ILE B 580 37.82 -13.27 -21.07
C ILE B 580 36.79 -13.92 -20.12
N HIS B 581 35.61 -14.18 -20.66
CA HIS B 581 34.60 -14.94 -19.93
C HIS B 581 34.74 -16.40 -20.36
N TYR B 582 35.03 -17.25 -19.38
CA TYR B 582 35.20 -18.70 -19.59
C TYR B 582 34.46 -19.34 -20.77
N ALA B 583 33.14 -19.22 -20.75
CA ALA B 583 32.29 -19.95 -21.70
C ALA B 583 32.13 -19.33 -23.10
N GLY B 584 32.74 -18.16 -23.33
CA GLY B 584 32.67 -17.53 -24.66
C GLY B 584 32.92 -16.02 -24.63
N ILE B 585 33.49 -15.56 -25.73
CA ILE B 585 33.77 -14.13 -26.00
C ILE B 585 32.48 -13.43 -26.46
N VAL B 586 31.85 -12.72 -25.54
CA VAL B 586 30.52 -12.12 -25.83
C VAL B 586 30.74 -10.77 -26.54
N ASP B 587 30.04 -10.61 -27.65
CA ASP B 587 29.99 -9.33 -28.39
C ASP B 587 28.86 -8.45 -27.86
N TYR B 588 29.23 -7.45 -27.08
CA TYR B 588 28.26 -6.46 -26.56
C TYR B 588 28.28 -5.22 -27.45
N ASN B 589 27.15 -4.52 -27.50
CA ASN B 589 27.07 -3.22 -28.18
C ASN B 589 26.78 -2.12 -27.16
N ILE B 590 27.50 -1.02 -27.30
CA ILE B 590 27.53 0.04 -26.25
C ILE B 590 26.48 1.13 -26.48
N ILE B 591 26.25 1.48 -27.74
CA ILE B 591 25.30 2.56 -28.08
C ILE B 591 23.92 2.30 -27.45
N GLY B 592 23.49 3.25 -26.64
CA GLY B 592 22.18 3.14 -25.96
C GLY B 592 22.28 2.94 -24.45
N TRP B 593 23.49 2.73 -23.93
CA TRP B 593 23.69 2.46 -22.51
C TRP B 593 23.33 3.64 -21.60
N LEU B 594 23.54 4.86 -22.11
CA LEU B 594 23.17 6.08 -21.37
C LEU B 594 21.72 6.03 -20.92
N GLN B 595 20.82 6.06 -21.89
CA GLN B 595 19.36 5.97 -21.66
C GLN B 595 18.95 4.69 -20.93
N LYS B 596 19.73 3.63 -21.10
CA LYS B 596 19.48 2.36 -20.38
C LYS B 596 19.88 2.46 -18.90
N ASN B 597 20.70 3.46 -18.59
CA ASN B 597 21.16 3.74 -17.23
C ASN B 597 20.68 5.12 -16.76
N LYS B 598 19.73 5.69 -17.50
CA LYS B 598 19.00 6.91 -17.09
C LYS B 598 17.50 6.66 -17.06
N ASP B 599 17.01 5.94 -18.07
CA ASP B 599 15.64 5.40 -18.11
C ASP B 599 14.51 6.43 -17.94
N PRO B 600 14.64 7.63 -18.52
CA PRO B 600 13.69 8.75 -18.32
C PRO B 600 12.33 8.48 -18.97
N LEU B 601 11.29 9.02 -18.35
CA LEU B 601 9.91 8.95 -18.85
C LEU B 601 9.20 10.31 -18.63
N ASN B 602 7.95 10.43 -19.06
CA ASN B 602 7.07 11.54 -18.64
C ASN B 602 6.74 11.44 -17.14
N GLU B 603 6.94 12.55 -16.46
CA GLU B 603 6.64 12.67 -15.03
C GLU B 603 5.14 12.50 -14.74
N THR B 604 4.42 13.58 -15.02
CA THR B 604 2.99 13.83 -14.79
C THR B 604 2.15 12.58 -14.93
N VAL B 605 2.25 11.91 -16.07
CA VAL B 605 1.39 10.75 -16.34
C VAL B 605 1.68 9.67 -15.30
N VAL B 606 2.85 9.46 -14.77
CA VAL B 606 3.07 8.46 -13.71
C VAL B 606 2.61 9.02 -12.36
N GLY B 607 2.86 10.32 -12.17
CA GLY B 607 2.46 11.06 -10.97
C GLY B 607 0.93 11.06 -10.79
N LEU B 608 0.24 10.99 -11.93
CA LEU B 608 -1.22 10.93 -11.97
C LEU B 608 -1.72 9.48 -11.85
N TYR B 609 -0.81 8.56 -12.12
CA TYR B 609 -1.02 7.12 -11.88
C TYR B 609 -0.94 6.87 -10.39
N GLN B 610 -0.12 7.62 -9.69
CA GLN B 610 -0.03 7.50 -8.23
C GLN B 610 -1.42 7.76 -7.62
N LYS B 611 -2.09 8.77 -8.18
CA LYS B 611 -3.48 9.09 -7.84
C LYS B 611 -4.38 8.18 -8.70
N SER B 612 -4.23 6.87 -8.50
CA SER B 612 -4.94 5.87 -9.32
C SER B 612 -5.91 5.05 -8.47
N SER B 613 -6.44 3.99 -9.06
CA SER B 613 -7.42 3.12 -8.39
C SER B 613 -6.99 1.66 -8.44
N LEU B 614 -7.99 0.81 -8.22
CA LEU B 614 -7.89 -0.66 -8.30
C LEU B 614 -6.84 -1.21 -7.36
N LYS B 615 -6.62 -0.50 -6.24
CA LYS B 615 -5.69 -0.91 -5.16
C LYS B 615 -4.33 -1.38 -5.70
N LEU B 616 -4.26 -2.62 -6.16
CA LEU B 616 -3.05 -3.23 -6.75
C LEU B 616 -2.43 -2.37 -7.84
N LEU B 617 -3.25 -1.67 -8.61
CA LEU B 617 -2.73 -0.73 -9.62
C LEU B 617 -1.98 0.42 -8.99
N SER B 618 -2.54 0.89 -7.88
CA SER B 618 -2.02 2.06 -7.16
C SER B 618 -0.72 1.79 -6.39
N THR B 619 -0.70 0.71 -5.61
CA THR B 619 0.42 0.40 -4.69
C THR B 619 1.78 0.43 -5.39
N LEU B 620 1.78 0.01 -6.64
CA LEU B 620 2.96 -0.05 -7.50
C LEU B 620 3.73 1.25 -7.72
N PHE B 621 3.27 2.37 -7.16
CA PHE B 621 3.78 3.68 -7.55
C PHE B 621 4.73 4.46 -6.66
N ALA B 622 4.59 4.33 -5.34
CA ALA B 622 5.25 5.31 -4.45
C ALA B 622 6.53 4.81 -3.76
N ASN B 623 6.90 5.62 -2.78
CA ASN B 623 7.94 5.37 -1.80
C ASN B 623 7.81 4.12 -0.94
N TYR B 624 7.10 4.34 0.16
CA TYR B 624 7.55 3.94 1.49
C TYR B 624 8.56 2.80 1.56
N ALA B 625 8.19 1.68 0.93
CA ALA B 625 9.08 0.52 0.78
C ALA B 625 9.56 0.02 2.16
N GLY B 626 8.72 0.25 3.18
CA GLY B 626 9.04 -0.24 4.54
C GLY B 626 10.35 0.35 5.09
N ALA B 627 10.70 1.57 4.67
CA ALA B 627 11.96 2.21 5.07
C ALA B 627 11.86 3.73 4.86
N ASP B 628 12.57 4.46 5.72
CA ASP B 628 12.59 5.93 5.68
C ASP B 628 14.03 6.47 5.63
N ALA B 629 14.37 7.09 4.53
CA ALA B 629 15.72 7.65 4.36
C ALA B 629 15.68 8.79 3.36
N PRO B 630 16.56 9.78 3.54
CA PRO B 630 16.68 10.93 2.64
C PRO B 630 17.16 10.45 1.27
N ILE B 631 16.71 11.17 0.25
CA ILE B 631 17.07 10.86 -1.14
C ILE B 631 18.09 11.91 -1.62
N GLU B 632 19.29 11.45 -1.91
CA GLU B 632 20.37 12.33 -2.38
C GLU B 632 20.62 12.15 -3.88
N LYS B 633 19.75 11.50 -4.49
CA LYS B 633 19.73 11.29 -5.94
C LYS B 633 20.67 10.34 -6.52
N GLY B 634 21.11 10.74 -7.68
CA GLY B 634 21.42 9.83 -8.78
C GLY B 634 20.69 8.50 -8.57
N LYS B 635 19.38 8.48 -8.87
CA LYS B 635 18.57 7.23 -8.87
C LYS B 635 17.07 7.46 -9.06
N GLY B 636 16.03 6.99 -8.34
CA GLY B 636 15.80 6.15 -7.15
C GLY B 636 15.39 6.85 -5.91
N LYS B 637 15.40 6.04 -4.87
CA LYS B 637 14.85 6.52 -3.60
C LYS B 637 15.95 6.29 -2.57
N ALA B 638 16.07 5.02 -2.21
CA ALA B 638 17.33 4.43 -1.77
C ALA B 638 17.57 3.26 -2.72
N LYS B 639 18.70 3.26 -3.42
CA LYS B 639 19.75 4.29 -3.34
C LYS B 639 19.91 4.84 -4.74
N LYS B 640 19.85 6.15 -4.98
CA LYS B 640 19.57 7.27 -4.07
C LYS B 640 18.94 8.42 -4.88
N GLY B 641 18.34 9.36 -4.18
CA GLY B 641 17.35 10.33 -4.67
C GLY B 641 16.84 10.38 -6.09
N SER B 642 17.19 10.76 -7.35
CA SER B 642 16.20 10.78 -8.43
C SER B 642 16.84 11.29 -9.73
N SER B 643 16.51 10.58 -10.79
CA SER B 643 17.11 10.64 -12.13
C SER B 643 16.43 9.51 -12.93
N PHE B 644 15.15 9.36 -12.60
CA PHE B 644 14.34 8.16 -12.79
C PHE B 644 14.96 6.87 -12.22
N GLN B 645 16.15 6.50 -12.68
CA GLN B 645 16.62 5.12 -12.51
C GLN B 645 17.89 4.97 -11.69
N THR B 646 19.05 4.91 -12.34
CA THR B 646 20.35 4.49 -11.79
C THR B 646 20.27 3.15 -11.07
N VAL B 647 19.72 2.14 -11.75
CA VAL B 647 19.51 0.78 -11.21
C VAL B 647 20.79 0.02 -10.91
N SER B 648 21.82 0.42 -11.63
CA SER B 648 23.15 -0.20 -11.53
C SER B 648 23.76 0.09 -10.14
N ALA B 649 23.35 1.20 -9.54
CA ALA B 649 23.75 1.58 -8.17
C ALA B 649 22.93 0.79 -7.14
N LEU B 650 21.65 0.65 -7.43
CA LEU B 650 20.77 -0.23 -6.64
C LEU B 650 21.25 -1.68 -6.68
N HIS B 651 21.91 -2.03 -7.79
CA HIS B 651 22.54 -3.35 -7.95
C HIS B 651 23.93 -3.41 -7.30
N ARG B 652 24.26 -2.39 -6.50
CA ARG B 652 25.50 -2.38 -5.70
C ARG B 652 25.14 -2.81 -4.29
N GLU B 653 24.12 -2.14 -3.75
CA GLU B 653 23.64 -2.39 -2.38
C GLU B 653 23.33 -3.87 -2.13
N ASN B 654 22.38 -4.39 -2.90
CA ASN B 654 21.97 -5.80 -2.74
C ASN B 654 23.09 -6.77 -3.06
N LEU B 655 24.00 -6.33 -3.92
CA LEU B 655 25.13 -7.17 -4.35
C LEU B 655 26.05 -7.52 -3.18
N ASN B 656 26.28 -6.55 -2.30
CA ASN B 656 27.08 -6.78 -1.10
C ASN B 656 26.38 -7.76 -0.16
N LYS B 657 25.07 -7.58 -0.04
CA LYS B 657 24.23 -8.36 0.89
C LYS B 657 24.10 -9.85 0.51
N LEU B 658 24.11 -10.12 -0.79
CA LEU B 658 24.01 -11.50 -1.29
C LEU B 658 25.32 -12.25 -1.16
N MET B 659 26.38 -11.57 -1.59
CA MET B 659 27.70 -12.17 -1.79
C MET B 659 28.41 -12.57 -0.50
N THR B 660 28.59 -11.60 0.39
CA THR B 660 29.36 -11.82 1.64
C THR B 660 28.78 -12.98 2.46
N ASN B 661 27.44 -13.04 2.47
CA ASN B 661 26.69 -14.14 3.09
C ASN B 661 26.88 -15.46 2.34
N LEU B 662 26.92 -15.38 1.01
CA LEU B 662 27.13 -16.55 0.15
C LEU B 662 28.49 -17.23 0.33
N ARG B 663 29.47 -16.45 0.77
CA ARG B 663 30.81 -17.00 1.09
C ARG B 663 30.72 -17.92 2.31
N SER B 664 29.92 -17.46 3.26
CA SER B 664 29.73 -18.12 4.57
C SER B 664 28.80 -19.32 4.49
N THR B 665 28.18 -19.52 3.34
CA THR B 665 27.31 -20.69 3.12
C THR B 665 28.05 -21.78 2.35
N HIS B 666 27.82 -23.01 2.80
CA HIS B 666 28.27 -24.22 2.11
C HIS B 666 27.88 -24.19 0.64
N PRO B 667 28.84 -24.34 -0.26
CA PRO B 667 28.56 -24.43 -1.70
C PRO B 667 28.08 -25.84 -2.10
N HIS B 668 26.93 -25.86 -2.76
CA HIS B 668 26.52 -27.01 -3.58
C HIS B 668 26.40 -26.51 -5.01
N PHE B 669 26.89 -27.30 -5.96
CA PHE B 669 26.99 -26.82 -7.35
C PHE B 669 26.56 -27.85 -8.38
N VAL B 670 25.99 -27.34 -9.46
CA VAL B 670 25.74 -28.13 -10.67
C VAL B 670 26.13 -27.25 -11.87
N ARG B 671 27.08 -27.77 -12.63
CA ARG B 671 27.72 -27.07 -13.75
C ARG B 671 27.11 -27.57 -15.08
N CYS B 672 25.96 -27.00 -15.41
CA CYS B 672 25.16 -27.43 -16.58
C CYS B 672 25.75 -26.93 -17.91
N ILE B 673 26.02 -27.88 -18.80
CA ILE B 673 26.60 -27.61 -20.13
C ILE B 673 25.54 -27.83 -21.22
N ILE B 674 25.72 -27.09 -22.30
CA ILE B 674 24.82 -27.10 -23.47
C ILE B 674 25.41 -27.96 -24.60
N PRO B 675 24.56 -28.83 -25.15
CA PRO B 675 24.93 -29.78 -26.22
C PRO B 675 24.88 -29.23 -27.65
N ASN B 676 23.94 -28.33 -27.94
CA ASN B 676 23.77 -27.78 -29.29
C ASN B 676 23.17 -26.37 -29.24
N GLU B 677 23.40 -25.63 -30.32
CA GLU B 677 22.76 -24.32 -30.53
C GLU B 677 21.29 -24.49 -30.94
N THR B 678 21.07 -25.49 -31.78
CA THR B 678 19.79 -25.73 -32.50
C THR B 678 18.56 -25.97 -31.63
N LYS B 679 18.64 -25.81 -30.30
CA LYS B 679 17.47 -25.94 -29.41
C LYS B 679 16.85 -27.36 -29.51
N SER B 680 17.62 -28.31 -30.02
CA SER B 680 17.06 -29.63 -30.33
C SER B 680 17.35 -30.62 -29.22
N PRO B 681 16.32 -31.38 -28.83
CA PRO B 681 16.43 -32.43 -27.79
C PRO B 681 17.26 -33.62 -28.27
N GLY B 682 18.11 -34.10 -27.36
CA GLY B 682 18.92 -35.32 -27.56
C GLY B 682 20.19 -35.10 -28.38
N VAL B 683 20.12 -34.19 -29.35
CA VAL B 683 21.26 -33.88 -30.24
C VAL B 683 22.41 -33.27 -29.43
N MET B 684 23.62 -33.63 -29.84
CA MET B 684 24.86 -33.03 -29.32
C MET B 684 25.82 -32.75 -30.48
N ASP B 685 26.64 -31.71 -30.31
CA ASP B 685 27.69 -31.37 -31.27
C ASP B 685 29.05 -31.52 -30.58
N ASN B 686 30.02 -32.02 -31.33
CA ASN B 686 31.39 -32.22 -30.81
C ASN B 686 32.23 -30.95 -30.70
N PRO B 687 32.23 -30.12 -31.74
CA PRO B 687 32.98 -28.85 -31.75
C PRO B 687 32.63 -27.95 -30.56
N LEU B 688 31.32 -27.87 -30.29
CA LEU B 688 30.80 -27.11 -29.16
C LEU B 688 31.27 -27.70 -27.82
N VAL B 689 30.94 -28.97 -27.63
CA VAL B 689 31.25 -29.69 -26.37
C VAL B 689 32.76 -29.79 -26.12
N MET B 690 33.52 -29.93 -27.21
CA MET B 690 34.98 -29.90 -27.17
C MET B 690 35.49 -28.70 -26.40
N HIS B 691 34.99 -27.59 -26.89
CA HIS B 691 35.31 -26.27 -26.35
C HIS B 691 34.78 -26.12 -24.92
N GLN B 692 33.53 -26.49 -24.70
CA GLN B 692 32.84 -26.26 -23.43
C GLN B 692 33.45 -27.01 -22.24
N LEU B 693 33.86 -28.27 -22.46
CA LEU B 693 34.53 -29.06 -21.41
C LEU B 693 35.92 -28.51 -21.06
N ARG B 694 36.54 -27.90 -22.06
CA ARG B 694 37.81 -27.17 -21.85
C ARG B 694 37.56 -25.85 -21.11
N CYS B 695 36.35 -25.31 -21.25
CA CYS B 695 36.00 -23.99 -20.74
C CYS B 695 35.39 -23.92 -19.34
N ASN B 696 34.73 -24.98 -18.87
CA ASN B 696 34.11 -24.95 -17.53
C ASN B 696 35.02 -25.48 -16.42
N GLY B 697 36.35 -25.39 -16.67
CA GLY B 697 37.37 -25.84 -15.70
C GLY B 697 37.09 -27.27 -15.21
N VAL B 698 36.56 -28.10 -16.11
CA VAL B 698 36.10 -29.46 -15.80
C VAL B 698 37.29 -30.39 -15.50
N LEU B 699 38.40 -30.15 -16.18
CA LEU B 699 39.60 -30.98 -16.03
C LEU B 699 40.18 -30.82 -14.62
N GLU B 700 40.74 -29.64 -14.38
CA GLU B 700 41.21 -29.21 -13.04
C GLU B 700 40.14 -29.49 -11.97
N GLY B 701 38.88 -29.34 -12.39
CA GLY B 701 37.70 -29.56 -11.54
C GLY B 701 37.55 -31.00 -11.05
N ILE B 702 38.00 -31.95 -11.88
CA ILE B 702 37.99 -33.38 -11.51
C ILE B 702 39.29 -33.75 -10.80
N ARG B 703 40.34 -32.97 -11.02
CA ARG B 703 41.65 -33.21 -10.41
C ARG B 703 41.63 -33.02 -8.89
N ILE B 704 40.73 -32.16 -8.41
CA ILE B 704 40.58 -31.95 -6.95
C ILE B 704 39.38 -32.75 -6.46
N CYS B 705 38.27 -32.54 -7.16
CA CYS B 705 36.99 -33.19 -6.83
C CYS B 705 36.94 -34.67 -7.24
N ARG B 706 38.10 -35.32 -7.23
CA ARG B 706 38.16 -36.77 -7.38
C ARG B 706 38.17 -37.46 -6.02
N LYS B 707 38.73 -36.75 -5.03
CA LYS B 707 38.69 -37.17 -3.62
C LYS B 707 37.64 -36.37 -2.84
N GLY B 708 37.24 -35.22 -3.41
CA GLY B 708 36.23 -34.33 -2.81
C GLY B 708 34.93 -35.09 -2.50
N PHE B 709 34.63 -35.19 -1.22
CA PHE B 709 33.48 -35.93 -0.71
C PHE B 709 32.14 -35.26 -1.05
N PRO B 710 31.29 -35.99 -1.76
CA PRO B 710 29.94 -35.54 -2.16
C PRO B 710 28.86 -35.88 -1.12
N ASN B 711 29.24 -36.76 -0.19
CA ASN B 711 28.42 -37.12 0.98
C ASN B 711 29.02 -36.49 2.22
N ARG B 712 28.17 -35.89 3.04
CA ARG B 712 28.68 -35.16 4.23
C ARG B 712 27.52 -34.91 5.19
N ILE B 713 27.65 -35.49 6.38
CA ILE B 713 26.63 -35.44 7.46
C ILE B 713 27.29 -35.05 8.79
N LEU B 714 26.85 -35.65 9.90
CA LEU B 714 27.33 -35.35 11.24
C LEU B 714 27.89 -36.64 11.87
N TYR B 715 29.09 -36.45 12.39
CA TYR B 715 29.95 -37.46 13.04
C TYR B 715 29.40 -38.00 14.37
N GLY B 716 28.78 -37.14 15.17
CA GLY B 716 28.11 -37.57 16.42
C GLY B 716 27.05 -38.66 16.17
N ASP B 717 26.26 -38.44 15.12
CA ASP B 717 25.20 -39.37 14.70
C ASP B 717 25.82 -40.69 14.24
N PHE B 718 26.66 -40.62 13.21
CA PHE B 718 27.30 -41.81 12.63
C PHE B 718 28.03 -42.67 13.68
N ARG B 719 28.62 -42.02 14.68
CA ARG B 719 29.26 -42.73 15.79
C ARG B 719 28.23 -43.45 16.67
N GLN B 720 27.18 -42.71 17.01
CA GLN B 720 26.10 -43.22 17.88
C GLN B 720 25.26 -44.29 17.18
N ARG B 721 25.14 -44.17 15.86
CA ARG B 721 24.31 -45.03 15.04
C ARG B 721 25.00 -46.36 14.68
N TYR B 722 26.34 -46.38 14.73
CA TYR B 722 27.11 -47.59 14.41
C TYR B 722 27.47 -48.42 15.63
N ARG B 723 27.62 -47.73 16.76
CA ARG B 723 28.00 -48.33 18.06
C ARG B 723 28.42 -49.80 18.14
N ILE B 724 27.46 -50.66 18.35
CA ILE B 724 27.74 -52.05 18.73
C ILE B 724 28.05 -52.99 17.57
N LEU B 725 28.32 -52.45 16.38
CA LEU B 725 28.84 -53.25 15.24
C LEU B 725 30.08 -54.05 15.64
N ASN B 726 30.89 -53.44 16.49
CA ASN B 726 32.14 -54.04 16.99
C ASN B 726 32.03 -54.39 18.49
N PRO B 727 31.07 -55.26 18.82
CA PRO B 727 30.87 -55.77 20.18
C PRO B 727 32.13 -56.54 20.64
N ALA B 728 32.97 -56.91 19.68
CA ALA B 728 34.28 -57.52 19.95
C ALA B 728 35.30 -56.49 20.41
N ALA B 729 35.25 -55.31 19.82
CA ALA B 729 36.31 -54.33 20.03
C ALA B 729 36.01 -53.17 20.96
N ILE B 730 34.81 -52.61 20.85
CA ILE B 730 34.41 -51.48 21.69
C ILE B 730 33.38 -51.91 22.74
N PRO B 731 33.84 -52.01 23.98
CA PRO B 731 32.96 -52.16 25.15
C PRO B 731 32.30 -50.81 25.44
N GLU B 732 31.09 -50.85 25.98
CA GLU B 732 30.29 -49.64 26.25
C GLU B 732 29.67 -49.77 27.64
N GLY B 733 29.41 -48.61 28.22
CA GLY B 733 28.79 -48.53 29.55
C GLY B 733 29.67 -47.83 30.57
N GLN B 734 30.97 -48.03 30.46
CA GLN B 734 32.00 -47.48 31.35
C GLN B 734 32.97 -46.67 30.50
N PHE B 735 32.75 -46.67 29.21
CA PHE B 735 32.91 -45.46 28.37
C PHE B 735 34.31 -45.32 27.78
N ILE B 736 34.32 -44.80 26.56
CA ILE B 736 35.55 -44.68 25.75
C ILE B 736 35.72 -43.24 25.27
N ASP B 737 36.80 -43.01 24.53
CA ASP B 737 37.12 -41.69 23.98
C ASP B 737 36.02 -41.23 23.01
N SER B 738 35.93 -39.92 22.85
CA SER B 738 34.99 -39.29 21.92
C SER B 738 35.29 -39.65 20.46
N ARG B 739 36.58 -39.76 20.15
CA ARG B 739 37.07 -40.02 18.78
C ARG B 739 37.45 -41.48 18.55
N LYS B 740 38.34 -41.98 19.41
CA LYS B 740 39.00 -43.29 19.23
C LYS B 740 38.02 -44.46 19.03
N GLY B 741 36.76 -44.25 19.44
CA GLY B 741 35.69 -45.24 19.29
C GLY B 741 35.21 -45.46 17.85
N ALA B 742 35.28 -44.41 17.04
CA ALA B 742 34.69 -44.43 15.69
C ALA B 742 35.35 -45.42 14.70
N GLU B 743 36.65 -45.64 14.85
CA GLU B 743 37.43 -46.40 13.87
C GLU B 743 37.07 -47.89 13.87
N LYS B 744 36.68 -48.38 15.03
CA LYS B 744 36.23 -49.77 15.15
C LYS B 744 34.78 -49.92 14.73
N LEU B 745 33.97 -48.93 15.05
CA LEU B 745 32.57 -48.85 14.61
C LEU B 745 32.42 -48.64 13.11
N LEU B 746 33.49 -48.15 12.53
CA LEU B 746 33.63 -48.09 11.08
C LEU B 746 34.12 -49.45 10.56
N SER B 747 35.33 -49.78 10.99
CA SER B 747 36.09 -50.96 10.52
C SER B 747 35.47 -52.31 10.84
N SER B 748 34.39 -52.33 11.62
CA SER B 748 33.69 -53.59 11.96
C SER B 748 33.31 -54.34 10.68
N LEU B 749 32.39 -53.75 9.91
CA LEU B 749 32.02 -54.26 8.59
C LEU B 749 33.00 -53.81 7.51
N ASP B 750 34.29 -53.94 7.84
CA ASP B 750 35.39 -53.56 6.95
C ASP B 750 35.42 -52.08 6.64
N ILE B 751 34.62 -51.65 5.64
CA ILE B 751 34.56 -50.28 5.10
C ILE B 751 35.92 -49.89 4.48
N ASP B 752 35.92 -49.77 3.17
CA ASP B 752 37.17 -49.40 2.47
C ASP B 752 37.69 -48.03 2.91
N HIS B 753 38.97 -48.06 3.26
CA HIS B 753 39.70 -46.98 3.93
C HIS B 753 39.63 -45.61 3.25
N ASN B 754 39.94 -45.59 1.95
CA ASN B 754 39.97 -44.31 1.20
C ASN B 754 38.61 -43.59 1.19
N GLN B 755 37.56 -44.40 1.14
CA GLN B 755 36.21 -43.89 0.88
C GLN B 755 35.41 -43.54 2.14
N TYR B 756 36.12 -42.94 3.09
CA TYR B 756 35.52 -42.31 4.28
C TYR B 756 36.57 -41.39 4.87
N LYS B 757 36.09 -40.37 5.58
CA LYS B 757 36.98 -39.36 6.20
C LYS B 757 36.38 -38.81 7.46
N PHE B 758 37.26 -38.64 8.44
CA PHE B 758 36.88 -38.07 9.74
C PHE B 758 37.08 -36.55 9.73
N GLY B 759 36.19 -35.90 10.48
CA GLY B 759 36.21 -34.44 10.66
C GLY B 759 35.94 -34.11 12.13
N HIS B 760 35.40 -32.91 12.34
CA HIS B 760 35.07 -32.47 13.70
C HIS B 760 33.60 -32.69 14.03
N THR B 761 32.71 -32.01 13.30
CA THR B 761 31.28 -32.28 13.45
C THR B 761 30.77 -33.03 12.22
N LYS B 762 30.98 -32.45 11.05
CA LYS B 762 30.62 -33.17 9.83
C LYS B 762 31.56 -34.30 9.48
N VAL B 763 30.93 -35.38 9.06
CA VAL B 763 31.65 -36.57 8.59
C VAL B 763 31.49 -36.62 7.06
N PHE B 764 32.51 -37.14 6.41
CA PHE B 764 32.55 -37.12 4.93
C PHE B 764 32.63 -38.52 4.33
N PHE B 765 31.73 -38.75 3.38
CA PHE B 765 31.70 -39.99 2.59
C PHE B 765 31.65 -39.75 1.09
N LYS B 766 32.10 -40.76 0.38
CA LYS B 766 32.02 -40.83 -1.09
C LYS B 766 30.68 -41.44 -1.51
N ALA B 767 30.39 -41.30 -2.80
CA ALA B 767 29.29 -42.06 -3.42
C ALA B 767 29.67 -43.55 -3.45
N GLY B 768 28.69 -44.38 -3.83
CA GLY B 768 28.87 -45.83 -3.91
C GLY B 768 29.04 -46.47 -2.52
N LEU B 769 30.30 -46.60 -2.11
CA LEU B 769 30.70 -47.37 -0.92
C LEU B 769 29.79 -47.20 0.30
N LEU B 770 29.36 -45.96 0.55
CA LEU B 770 28.55 -45.63 1.73
C LEU B 770 27.24 -46.43 1.76
N GLY B 771 26.37 -46.10 0.80
CA GLY B 771 24.93 -46.40 0.84
C GLY B 771 24.53 -47.83 1.21
N LEU B 772 24.90 -48.78 0.37
CA LEU B 772 24.45 -50.17 0.54
C LEU B 772 25.04 -50.82 1.80
N LEU B 773 26.28 -50.45 2.13
CA LEU B 773 26.87 -50.82 3.43
C LEU B 773 26.09 -50.22 4.61
N GLU B 774 25.35 -49.18 4.30
CA GLU B 774 24.48 -48.52 5.25
C GLU B 774 23.09 -49.18 5.33
N GLU B 775 22.69 -49.90 4.28
CA GLU B 775 21.46 -50.72 4.32
C GLU B 775 21.76 -52.04 5.05
N MET B 776 22.93 -52.60 4.73
CA MET B 776 23.41 -53.85 5.34
C MET B 776 23.43 -53.79 6.87
N ARG B 777 23.61 -52.57 7.40
CA ARG B 777 23.59 -52.34 8.85
C ARG B 777 22.24 -52.64 9.51
N ASP B 778 21.18 -52.79 8.72
CA ASP B 778 19.90 -53.33 9.23
C ASP B 778 20.00 -54.83 9.49
N GLU B 779 20.51 -55.55 8.50
CA GLU B 779 20.72 -57.00 8.61
C GLU B 779 21.75 -57.34 9.70
N ARG B 780 22.76 -56.48 9.83
CA ARG B 780 23.83 -56.68 10.82
C ARG B 780 23.54 -56.13 12.22
N LEU B 781 23.00 -54.91 12.31
CA LEU B 781 22.77 -54.29 13.62
C LEU B 781 21.69 -54.92 14.49
N SER B 782 22.05 -56.05 15.07
CA SER B 782 21.25 -56.71 16.13
C SER B 782 21.66 -56.05 17.46
N ARG B 783 21.61 -56.84 18.53
CA ARG B 783 22.00 -56.45 19.89
C ARG B 783 21.34 -55.13 20.30
N ILE B 784 22.15 -54.14 20.66
CA ILE B 784 21.67 -52.95 21.38
C ILE B 784 20.79 -52.02 20.55
N ILE B 785 21.16 -51.79 19.30
CA ILE B 785 20.37 -50.92 18.42
C ILE B 785 18.93 -51.34 18.32
N THR B 786 18.78 -52.58 17.97
CA THR B 786 17.45 -53.17 17.81
C THR B 786 16.83 -53.50 19.16
N ARG B 787 17.65 -53.62 20.20
CA ARG B 787 17.14 -53.85 21.57
C ARG B 787 16.57 -52.60 22.19
N ILE B 788 17.02 -51.42 21.77
CA ILE B 788 16.43 -50.15 22.23
C ILE B 788 15.03 -50.03 21.60
N GLN B 789 15.00 -50.27 20.29
CA GLN B 789 13.79 -50.19 19.47
C GLN B 789 12.82 -51.26 19.94
N ALA B 790 13.35 -52.45 20.25
CA ALA B 790 12.54 -53.60 20.71
C ALA B 790 11.95 -53.33 22.09
N GLN B 791 12.75 -52.73 22.96
CA GLN B 791 12.28 -52.34 24.30
C GLN B 791 11.18 -51.29 24.17
N SER B 792 11.33 -50.39 23.19
CA SER B 792 10.30 -49.40 22.85
C SER B 792 9.05 -50.07 22.27
N ARG B 793 9.26 -51.18 21.56
CA ARG B 793 8.16 -52.00 21.03
C ARG B 793 7.38 -52.64 22.17
N GLY B 794 8.14 -53.14 23.16
CA GLY B 794 7.60 -53.75 24.38
C GLY B 794 6.95 -52.69 25.28
N VAL B 795 7.50 -51.48 25.26
CA VAL B 795 6.97 -50.32 26.00
C VAL B 795 5.58 -50.01 25.45
N LEU B 796 5.56 -49.78 24.14
CA LEU B 796 4.34 -49.48 23.39
C LEU B 796 3.30 -50.58 23.55
N ALA B 797 3.65 -51.78 23.12
CA ALA B 797 2.76 -52.95 23.09
C ALA B 797 2.19 -53.32 24.47
N ARG B 798 3.00 -53.15 25.51
CA ARG B 798 2.56 -53.47 26.89
C ARG B 798 1.37 -52.59 27.31
N MET B 799 1.35 -51.37 26.78
CA MET B 799 0.31 -50.40 27.10
C MET B 799 -0.82 -50.37 26.04
N GLU B 800 -0.44 -50.42 24.76
CA GLU B 800 -1.36 -50.03 23.69
C GLU B 800 -1.73 -51.11 22.65
N TYR B 801 -1.67 -52.39 23.01
CA TYR B 801 -2.09 -53.43 22.04
C TYR B 801 -3.59 -53.31 21.74
N LYS B 802 -4.39 -53.24 22.81
CA LYS B 802 -5.85 -53.07 22.73
C LYS B 802 -6.48 -53.85 21.56
N LYS B 803 -7.58 -53.32 21.02
CA LYS B 803 -8.27 -53.87 19.84
C LYS B 803 -8.89 -55.25 20.14
N LEU B 804 -8.08 -56.30 20.08
CA LEU B 804 -8.54 -57.68 20.25
C LEU B 804 -9.02 -58.00 21.66
N LEU B 805 -8.53 -57.21 22.62
CA LEU B 805 -8.73 -57.48 24.05
C LEU B 805 -10.15 -57.83 24.47
N GLU B 806 -11.03 -56.84 24.46
CA GLU B 806 -12.42 -57.02 24.93
C GLU B 806 -13.37 -57.58 23.85
N ARG B 807 -12.81 -58.00 22.73
CA ARG B 807 -13.61 -58.44 21.57
C ARG B 807 -14.40 -59.73 21.85
N ARG B 808 -13.71 -60.74 22.35
CA ARG B 808 -14.26 -62.09 22.54
C ARG B 808 -15.49 -62.13 23.45
N ASP B 809 -15.43 -61.39 24.56
CA ASP B 809 -16.54 -61.36 25.53
C ASP B 809 -17.76 -60.65 24.91
N SER B 810 -17.50 -59.52 24.29
CA SER B 810 -18.54 -58.74 23.58
C SER B 810 -19.14 -59.55 22.42
N LEU B 811 -18.25 -60.25 21.71
CA LEU B 811 -18.60 -61.03 20.51
C LEU B 811 -19.62 -62.13 20.82
N LEU B 812 -19.40 -62.79 21.96
CA LEU B 812 -20.33 -63.82 22.44
C LEU B 812 -21.69 -63.21 22.73
N VAL B 813 -21.67 -62.05 23.38
CA VAL B 813 -22.87 -61.28 23.76
C VAL B 813 -23.64 -60.76 22.54
N ILE B 814 -22.90 -60.40 21.52
CA ILE B 814 -23.51 -59.95 20.25
C ILE B 814 -24.43 -61.07 19.77
N GLN B 815 -23.96 -62.31 19.88
CA GLN B 815 -24.75 -63.49 19.57
C GLN B 815 -26.00 -63.63 20.46
N TRP B 816 -25.77 -63.36 21.73
CA TRP B 816 -26.85 -63.39 22.74
C TRP B 816 -27.96 -62.36 22.42
N ASN B 817 -27.60 -61.35 21.63
CA ASN B 817 -28.56 -60.34 21.14
C ASN B 817 -29.12 -60.70 19.77
N ILE B 818 -28.25 -61.22 18.91
CA ILE B 818 -28.58 -61.52 17.50
C ILE B 818 -29.67 -62.58 17.38
N ARG B 819 -29.64 -63.53 18.31
CA ARG B 819 -30.62 -64.62 18.38
C ARG B 819 -32.03 -64.08 18.75
N ALA B 820 -32.11 -62.79 19.07
CA ALA B 820 -33.38 -62.17 19.51
C ALA B 820 -33.63 -60.78 18.90
N PHE B 821 -33.17 -60.55 17.66
CA PHE B 821 -33.25 -59.21 17.05
C PHE B 821 -34.70 -58.77 16.80
N MET B 822 -35.57 -59.70 16.47
CA MET B 822 -37.00 -59.41 16.23
C MET B 822 -37.68 -58.72 17.44
N GLY B 823 -37.13 -58.95 18.63
CA GLY B 823 -37.70 -58.38 19.86
C GLY B 823 -37.03 -57.05 20.24
N VAL B 824 -35.71 -57.03 20.15
CA VAL B 824 -34.83 -55.92 20.61
C VAL B 824 -35.49 -54.53 20.74
N LYS B 825 -36.01 -54.01 19.64
CA LYS B 825 -36.49 -52.62 19.58
C LYS B 825 -37.59 -52.34 20.63
N ASN B 826 -38.32 -53.39 20.99
CA ASN B 826 -39.34 -53.35 22.05
C ASN B 826 -38.63 -53.57 23.39
N TRP B 827 -38.27 -52.48 24.07
CA TRP B 827 -37.42 -52.57 25.28
C TRP B 827 -37.89 -51.63 26.42
N PRO B 828 -37.07 -51.45 27.48
CA PRO B 828 -37.34 -50.53 28.60
C PRO B 828 -36.61 -49.20 28.47
N TRP B 829 -35.36 -49.10 28.96
CA TRP B 829 -34.64 -47.82 29.06
C TRP B 829 -34.54 -47.15 27.69
N MET B 830 -35.19 -46.00 27.57
CA MET B 830 -35.15 -45.22 26.32
C MET B 830 -34.67 -43.78 26.56
N LYS B 831 -35.61 -42.90 26.90
CA LYS B 831 -35.30 -41.47 26.96
C LYS B 831 -35.80 -40.77 28.22
N LEU B 832 -36.85 -41.24 28.88
CA LEU B 832 -37.41 -40.53 30.05
C LEU B 832 -36.43 -40.39 31.21
N TYR B 833 -35.71 -39.27 31.21
CA TYR B 833 -34.61 -38.99 32.16
C TYR B 833 -33.88 -37.68 31.83
N PHE B 834 -34.42 -36.86 30.93
CA PHE B 834 -33.62 -35.80 30.31
C PHE B 834 -33.93 -34.35 30.66
N LYS B 835 -35.04 -33.80 30.14
CA LYS B 835 -35.18 -32.36 29.84
C LYS B 835 -34.88 -31.45 31.02
N ILE B 836 -35.17 -31.93 32.22
CA ILE B 836 -34.93 -31.13 33.43
C ILE B 836 -33.47 -30.69 33.63
N LYS B 837 -32.54 -31.55 33.22
CA LYS B 837 -31.11 -31.40 33.56
C LYS B 837 -30.47 -30.03 33.29
N PRO B 838 -30.86 -29.33 32.21
CA PRO B 838 -30.39 -27.96 31.97
C PRO B 838 -30.90 -26.90 32.96
N LEU B 839 -31.97 -27.20 33.67
CA LEU B 839 -32.66 -26.21 34.53
C LEU B 839 -32.13 -26.17 35.96
N LEU B 840 -31.89 -27.36 36.51
CA LEU B 840 -31.40 -27.57 37.87
C LEU B 840 -30.02 -26.92 38.10
N LYS B 841 -29.80 -26.42 39.31
CA LYS B 841 -28.51 -25.83 39.70
C LYS B 841 -27.39 -26.88 39.89
N SER B 842 -26.97 -27.09 41.13
CA SER B 842 -25.78 -27.89 41.49
C SER B 842 -26.12 -29.39 41.41
N ALA B 843 -26.10 -29.88 40.17
CA ALA B 843 -26.50 -31.25 39.84
C ALA B 843 -25.68 -32.34 40.56
N GLU B 844 -24.56 -32.74 39.96
CA GLU B 844 -23.76 -33.87 40.46
C GLU B 844 -22.94 -33.44 41.68
N ARG B 845 -23.60 -33.49 42.83
CA ARG B 845 -22.99 -33.03 44.10
C ARG B 845 -22.05 -34.06 44.72
N GLU B 846 -22.61 -35.02 45.46
CA GLU B 846 -21.91 -35.79 46.50
C GLU B 846 -20.53 -36.30 46.10
N LYS B 847 -20.49 -37.02 44.98
CA LYS B 847 -19.22 -37.58 44.48
C LYS B 847 -18.21 -36.48 44.13
N GLU B 848 -18.69 -35.48 43.42
CA GLU B 848 -17.89 -34.29 43.10
C GLU B 848 -17.55 -33.51 44.36
N MET B 849 -18.36 -33.65 45.41
CA MET B 849 -18.11 -33.09 46.74
C MET B 849 -16.88 -33.75 47.39
N ALA B 850 -16.80 -35.06 47.23
CA ALA B 850 -15.64 -35.83 47.70
C ALA B 850 -14.39 -35.44 46.91
N SER B 851 -14.60 -35.13 45.63
CA SER B 851 -13.54 -34.69 44.71
C SER B 851 -13.19 -33.21 44.88
N MET B 852 -14.09 -32.44 45.48
CA MET B 852 -14.03 -30.96 45.48
C MET B 852 -12.68 -30.40 45.91
N LYS B 853 -12.25 -30.76 47.12
CA LYS B 853 -11.01 -30.19 47.69
C LYS B 853 -9.78 -30.46 46.82
N GLU B 854 -9.58 -31.71 46.44
CA GLU B 854 -8.46 -32.08 45.57
C GLU B 854 -8.53 -31.40 44.19
N GLU B 855 -9.76 -31.25 43.69
CA GLU B 855 -9.99 -30.53 42.42
C GLU B 855 -9.64 -29.04 42.54
N PHE B 856 -9.95 -28.45 43.70
CA PHE B 856 -9.66 -27.04 43.95
C PHE B 856 -8.16 -26.79 44.11
N THR B 857 -7.55 -27.58 44.98
CA THR B 857 -6.13 -27.43 45.33
C THR B 857 -5.19 -27.67 44.14
N ARG B 858 -5.30 -28.84 43.52
CA ARG B 858 -4.36 -29.24 42.45
C ARG B 858 -4.43 -28.35 41.22
N LEU B 859 -5.63 -27.84 40.91
CA LEU B 859 -5.80 -26.93 39.77
C LEU B 859 -5.03 -25.62 40.01
N LYS B 860 -5.03 -25.17 41.26
CA LYS B 860 -4.27 -23.99 41.68
C LYS B 860 -2.78 -24.31 41.75
N GLU B 861 -2.46 -25.47 42.33
CA GLU B 861 -1.09 -25.97 42.43
C GLU B 861 -0.44 -26.06 41.05
N ALA B 862 -1.27 -26.40 40.06
CA ALA B 862 -0.83 -26.48 38.66
C ALA B 862 -0.72 -25.08 38.07
N LEU B 863 -1.75 -24.26 38.26
CA LEU B 863 -1.77 -22.89 37.73
C LEU B 863 -0.63 -22.03 38.28
N GLU B 864 -0.05 -22.48 39.40
CA GLU B 864 1.14 -21.87 39.99
C GLU B 864 2.37 -22.09 39.11
N LYS B 865 2.56 -23.34 38.69
CA LYS B 865 3.66 -23.70 37.77
C LYS B 865 3.25 -23.31 36.36
N SER B 866 2.00 -23.57 36.03
CA SER B 866 1.38 -23.32 34.71
C SER B 866 1.16 -21.85 34.40
N GLU B 867 1.48 -20.99 35.36
CA GLU B 867 1.97 -19.65 35.04
C GLU B 867 3.46 -19.58 35.38
N ALA B 868 3.99 -18.47 35.87
CA ALA B 868 5.41 -18.35 36.23
C ALA B 868 6.41 -18.52 35.07
N ARG B 869 6.43 -19.62 34.32
CA ARG B 869 7.45 -19.89 33.29
C ARG B 869 7.39 -19.01 32.04
N ARG B 870 6.75 -19.44 30.94
CA ARG B 870 6.43 -18.58 29.78
C ARG B 870 6.18 -17.15 30.29
N LYS B 871 5.45 -17.17 31.39
CA LYS B 871 4.88 -16.08 32.15
C LYS B 871 5.94 -15.09 32.62
N GLU B 872 7.08 -15.58 33.09
CA GLU B 872 8.23 -14.73 33.41
C GLU B 872 9.10 -14.53 32.18
N LEU B 873 9.23 -15.57 31.37
CA LEU B 873 9.97 -15.52 30.09
C LEU B 873 9.45 -14.47 29.12
N GLU B 874 8.29 -13.89 29.42
CA GLU B 874 7.75 -12.75 28.65
C GLU B 874 8.73 -11.57 28.72
N GLU B 875 9.22 -11.30 29.93
CA GLU B 875 10.23 -10.25 30.13
C GLU B 875 11.55 -10.63 29.43
N LYS B 876 11.90 -11.91 29.53
CA LYS B 876 13.10 -12.45 28.88
C LYS B 876 12.95 -12.46 27.37
N MET B 877 11.71 -12.62 26.91
CA MET B 877 11.34 -12.58 25.49
C MET B 877 11.67 -11.18 24.96
N VAL B 878 11.23 -10.18 25.71
CA VAL B 878 11.47 -8.77 25.39
C VAL B 878 12.96 -8.43 25.54
N SER B 879 13.63 -9.08 26.50
CA SER B 879 15.07 -8.85 26.73
C SER B 879 15.91 -9.32 25.53
N LEU B 880 15.52 -10.46 24.96
CA LEU B 880 16.14 -10.96 23.72
C LEU B 880 15.86 -9.98 22.58
N LEU B 881 14.63 -9.48 22.59
CA LEU B 881 14.18 -8.41 21.68
C LEU B 881 14.94 -7.11 21.90
N GLN B 882 15.41 -6.86 23.12
CA GLN B 882 16.17 -5.65 23.42
C GLN B 882 17.56 -5.69 22.77
N GLU B 883 18.22 -6.85 22.85
CA GLU B 883 19.45 -7.04 22.06
C GLU B 883 19.16 -6.84 20.57
N LYS B 884 17.97 -7.25 20.15
CA LYS B 884 17.51 -7.03 18.77
C LYS B 884 17.21 -5.56 18.49
N ASN B 885 16.70 -4.85 19.51
CA ASN B 885 16.41 -3.41 19.42
C ASN B 885 17.71 -2.65 19.17
N ASP B 886 18.70 -2.87 20.02
CA ASP B 886 20.00 -2.20 19.88
C ASP B 886 20.78 -2.61 18.64
N LEU B 887 20.84 -3.90 18.34
CA LEU B 887 21.49 -4.34 17.08
C LEU B 887 20.89 -3.68 15.85
N GLN B 888 19.58 -3.47 15.90
CA GLN B 888 18.84 -2.81 14.81
C GLN B 888 18.95 -1.28 14.88
N LEU B 889 18.92 -0.75 16.08
CA LEU B 889 19.00 0.70 16.31
C LEU B 889 20.39 1.22 15.93
N GLN B 890 21.38 0.36 16.17
CA GLN B 890 22.78 0.62 15.81
C GLN B 890 22.93 0.66 14.29
N VAL B 891 22.45 -0.41 13.65
CA VAL B 891 22.52 -0.56 12.19
C VAL B 891 21.82 0.60 11.47
N GLN B 892 20.62 0.94 11.90
CA GLN B 892 19.84 2.02 11.29
C GLN B 892 20.58 3.35 11.40
N ALA B 893 21.19 3.55 12.57
CA ALA B 893 22.05 4.72 12.83
C ALA B 893 23.31 4.69 11.95
N GLU B 894 23.76 3.49 11.59
CA GLU B 894 24.87 3.31 10.65
C GLU B 894 24.42 3.49 9.19
N GLN B 895 23.12 3.39 8.99
CA GLN B 895 22.48 3.76 7.71
C GLN B 895 22.39 5.29 7.65
N ASP B 896 22.13 5.93 8.78
CA ASP B 896 22.20 7.40 8.91
C ASP B 896 23.65 7.90 8.89
N ASN B 897 24.55 7.04 9.35
CA ASN B 897 25.99 7.28 9.26
C ASN B 897 26.39 7.39 7.78
N LEU B 898 25.98 6.37 7.03
CA LEU B 898 26.17 6.35 5.58
C LEU B 898 25.23 7.34 4.88
N ALA B 899 24.13 7.68 5.54
CA ALA B 899 23.07 8.54 5.00
C ALA B 899 23.56 9.98 4.87
N ASP B 900 24.11 10.53 5.96
CA ASP B 900 24.69 11.88 5.92
C ASP B 900 25.90 11.88 4.98
N ALA B 901 26.62 10.76 5.04
CA ALA B 901 27.73 10.45 4.11
C ALA B 901 27.25 10.38 2.65
N GLU B 902 25.96 10.19 2.42
CA GLU B 902 25.39 10.21 1.06
C GLU B 902 25.52 11.59 0.44
N GLU B 903 25.21 12.63 1.23
CA GLU B 903 25.39 14.01 0.75
C GLU B 903 26.88 14.36 0.72
N ARG B 904 27.59 13.93 1.76
CA ARG B 904 29.05 14.11 1.87
C ARG B 904 29.82 13.46 0.72
N CYS B 905 29.42 12.25 0.35
CA CYS B 905 30.11 11.47 -0.70
C CYS B 905 29.93 12.12 -2.07
N ASP B 906 28.68 12.26 -2.49
CA ASP B 906 28.37 12.78 -3.83
C ASP B 906 28.82 14.24 -3.98
N GLN B 907 28.79 14.98 -2.88
CA GLN B 907 29.26 16.37 -2.87
C GLN B 907 30.76 16.43 -3.24
N LEU B 908 31.50 15.42 -2.81
CA LEU B 908 32.92 15.30 -3.13
C LEU B 908 33.11 14.90 -4.60
N ILE B 909 32.23 14.03 -5.10
CA ILE B 909 32.28 13.60 -6.51
C ILE B 909 32.01 14.81 -7.42
N LYS B 910 31.07 15.64 -7.01
CA LYS B 910 30.77 16.90 -7.72
C LYS B 910 31.94 17.88 -7.57
N ASN B 911 32.44 18.03 -6.37
CA ASN B 911 33.61 18.90 -6.12
C ASN B 911 34.84 18.50 -6.95
N LYS B 912 34.94 17.21 -7.24
CA LYS B 912 35.98 16.71 -8.17
C LYS B 912 35.77 17.36 -9.54
N ILE B 913 34.60 17.13 -10.11
CA ILE B 913 34.32 17.42 -11.53
C ILE B 913 34.56 18.90 -11.85
N GLN B 914 34.15 19.79 -10.93
CA GLN B 914 34.34 21.23 -11.11
C GLN B 914 35.83 21.56 -11.04
N LEU B 915 36.48 21.09 -9.98
CA LEU B 915 37.94 21.26 -9.81
C LEU B 915 38.76 20.68 -10.97
N GLU B 916 38.24 19.62 -11.59
CA GLU B 916 38.85 19.01 -12.78
C GLU B 916 38.82 20.03 -13.93
N ALA B 917 37.65 20.67 -14.07
CA ALA B 917 37.41 21.70 -15.09
C ALA B 917 38.14 23.02 -14.77
N LYS B 918 38.44 23.24 -13.49
CA LYS B 918 39.25 24.38 -13.07
C LYS B 918 40.71 24.15 -13.47
N VAL B 919 41.18 22.92 -13.33
CA VAL B 919 42.57 22.54 -13.64
C VAL B 919 42.83 22.50 -15.15
N LYS B 920 42.22 21.53 -15.83
CA LYS B 920 42.54 21.23 -17.24
C LYS B 920 42.51 22.49 -18.12
N GLU B 921 41.59 23.40 -17.82
CA GLU B 921 41.51 24.68 -18.54
C GLU B 921 42.66 25.62 -18.18
N MET B 922 42.97 25.75 -16.90
CA MET B 922 44.07 26.63 -16.44
C MET B 922 45.40 26.23 -17.08
N ASN B 923 45.59 24.91 -17.21
CA ASN B 923 46.74 24.36 -17.94
C ASN B 923 46.63 24.63 -19.44
N GLU B 924 45.41 24.51 -19.95
CA GLU B 924 45.13 24.80 -21.36
C GLU B 924 45.40 26.28 -21.66
N ARG B 925 45.19 27.13 -20.70
CA ARG B 925 45.42 28.57 -20.89
C ARG B 925 46.90 28.93 -20.86
N LEU B 926 47.70 28.07 -20.25
CA LEU B 926 49.16 28.18 -20.33
C LEU B 926 49.59 27.85 -21.76
N GLU B 927 49.04 26.77 -22.29
CA GLU B 927 49.27 26.37 -23.69
C GLU B 927 48.72 27.43 -24.65
N ASP B 928 47.68 28.16 -24.20
CA ASP B 928 47.18 29.34 -24.91
C ASP B 928 48.23 30.46 -24.92
N GLU B 929 48.60 30.92 -23.73
CA GLU B 929 49.46 32.09 -23.57
C GLU B 929 50.94 31.90 -23.90
N GLU B 930 51.41 30.66 -23.98
CA GLU B 930 52.77 30.39 -24.48
C GLU B 930 52.82 30.66 -25.98
N GLU B 931 51.85 30.08 -26.69
CA GLU B 931 51.70 30.33 -28.14
C GLU B 931 51.30 31.77 -28.40
N MET B 932 50.42 32.31 -27.57
CA MET B 932 50.03 33.73 -27.64
C MET B 932 51.24 34.64 -27.40
N ASN B 933 52.08 34.25 -26.45
CA ASN B 933 53.34 34.96 -26.18
C ASN B 933 54.25 34.87 -27.41
N ALA B 934 54.23 33.74 -28.08
CA ALA B 934 55.06 33.48 -29.28
C ALA B 934 54.55 34.28 -30.48
N GLU B 935 53.24 34.31 -30.65
CA GLU B 935 52.61 35.04 -31.76
C GLU B 935 52.89 36.54 -31.64
N LEU B 936 52.72 37.04 -30.41
CA LEU B 936 53.06 38.44 -30.09
C LEU B 936 54.54 38.75 -30.31
N THR B 937 55.39 37.95 -29.69
CA THR B 937 56.85 38.15 -29.76
C THR B 937 57.38 38.06 -31.20
N ALA B 938 56.74 37.24 -32.02
CA ALA B 938 57.08 37.11 -33.45
C ALA B 938 56.68 38.38 -34.21
N LYS B 939 55.53 38.94 -33.86
CA LYS B 939 55.08 40.24 -34.40
C LYS B 939 56.08 41.32 -33.97
N LYS B 940 56.42 41.28 -32.69
CA LYS B 940 57.43 42.17 -32.09
C LYS B 940 58.77 42.03 -32.82
N ARG B 941 59.11 40.81 -33.24
CA ARG B 941 60.33 40.55 -34.02
C ARG B 941 60.28 41.27 -35.37
N LYS B 942 59.09 41.36 -35.94
CA LYS B 942 58.88 42.12 -37.20
C LYS B 942 58.90 43.64 -36.94
N LEU B 943 58.33 44.03 -35.80
CA LEU B 943 58.22 45.44 -35.41
C LEU B 943 59.57 46.04 -35.04
N GLU B 944 60.36 45.22 -34.36
CA GLU B 944 61.71 45.60 -33.91
C GLU B 944 62.67 45.63 -35.11
N ASP B 945 62.48 44.70 -36.02
CA ASP B 945 63.34 44.61 -37.21
C ASP B 945 63.15 45.85 -38.12
N GLU B 946 61.89 46.18 -38.41
CA GLU B 946 61.60 47.30 -39.31
C GLU B 946 62.13 48.61 -38.71
N CYS B 947 61.77 48.86 -37.45
CA CYS B 947 62.18 50.08 -36.74
C CYS B 947 63.70 50.28 -36.74
N SER B 948 64.43 49.16 -36.72
CA SER B 948 65.90 49.21 -36.76
C SER B 948 66.42 49.51 -38.16
N GLU B 949 65.79 48.93 -39.19
CA GLU B 949 66.08 49.29 -40.59
C GLU B 949 65.72 50.75 -40.87
N LEU B 950 64.67 51.23 -40.19
CA LEU B 950 64.22 52.63 -40.30
C LEU B 950 65.27 53.59 -39.77
N LYS B 951 65.68 53.35 -38.53
CA LYS B 951 66.66 54.21 -37.85
C LYS B 951 68.04 54.17 -38.52
N ARG B 952 68.41 52.97 -39.00
CA ARG B 952 69.67 52.78 -39.73
C ARG B 952 69.67 53.47 -41.09
N ASP B 953 68.65 53.17 -41.90
CA ASP B 953 68.56 53.74 -43.26
C ASP B 953 68.46 55.26 -43.28
N ILE B 954 67.92 55.82 -42.19
CA ILE B 954 67.93 57.28 -41.99
C ILE B 954 69.38 57.77 -41.84
N ASP B 955 70.18 57.02 -41.09
CA ASP B 955 71.59 57.37 -40.86
C ASP B 955 72.36 57.40 -42.20
N ASP B 956 72.21 56.35 -42.98
CA ASP B 956 72.82 56.30 -44.32
C ASP B 956 72.32 57.48 -45.18
N LEU B 957 71.01 57.67 -45.14
CA LEU B 957 70.34 58.73 -45.89
C LEU B 957 70.89 60.11 -45.53
N GLU B 958 71.13 60.33 -44.24
CA GLU B 958 71.66 61.61 -43.75
C GLU B 958 73.13 61.80 -44.14
N LEU B 959 73.89 60.70 -44.12
CA LEU B 959 75.29 60.71 -44.56
C LEU B 959 75.39 61.07 -46.06
N ILE C 44 -52.13 -10.13 -8.77
CA ILE C 44 -51.24 -10.64 -7.71
C ILE C 44 -51.89 -10.44 -6.32
N GLU C 45 -51.62 -11.38 -5.42
CA GLU C 45 -52.28 -11.38 -4.10
C GLU C 45 -51.25 -11.57 -2.97
N PHE C 46 -51.76 -11.88 -1.78
CA PHE C 46 -50.94 -12.21 -0.61
C PHE C 46 -51.25 -13.62 -0.11
N THR C 47 -50.25 -14.47 -0.25
CA THR C 47 -50.33 -15.87 0.19
C THR C 47 -50.54 -15.99 1.72
N PRO C 48 -50.94 -17.17 2.20
CA PRO C 48 -51.16 -17.43 3.64
C PRO C 48 -49.91 -17.25 4.51
N GLU C 49 -48.73 -17.52 3.95
CA GLU C 49 -47.48 -17.24 4.68
C GLU C 49 -47.27 -15.72 4.92
N GLN C 50 -47.70 -14.92 3.95
CA GLN C 50 -47.63 -13.46 4.01
C GLN C 50 -48.57 -12.90 5.07
N ILE C 51 -49.75 -13.50 5.22
CA ILE C 51 -50.74 -13.08 6.23
C ILE C 51 -50.22 -13.25 7.67
N GLU C 52 -49.71 -14.45 7.93
CA GLU C 52 -49.24 -14.86 9.25
C GLU C 52 -48.04 -14.03 9.73
N GLU C 53 -47.12 -13.74 8.80
CA GLU C 53 -45.92 -12.94 9.13
C GLU C 53 -46.29 -11.51 9.56
N PHE C 54 -47.27 -10.95 8.85
CA PHE C 54 -47.79 -9.59 9.11
C PHE C 54 -48.45 -9.49 10.47
N LYS C 55 -49.17 -10.56 10.79
CA LYS C 55 -49.89 -10.72 12.06
C LYS C 55 -48.93 -10.94 13.25
N GLU C 56 -48.01 -11.89 13.07
CA GLU C 56 -47.03 -12.30 14.10
C GLU C 56 -46.32 -11.08 14.71
N ALA C 57 -46.08 -10.09 13.84
CA ALA C 57 -45.50 -8.79 14.22
C ALA C 57 -46.55 -7.80 14.72
N PHE C 58 -47.67 -7.68 14.00
CA PHE C 58 -48.75 -6.71 14.28
C PHE C 58 -49.25 -6.78 15.74
N MET C 59 -49.43 -8.01 16.23
CA MET C 59 -49.86 -8.28 17.61
C MET C 59 -48.89 -7.70 18.64
N LEU C 60 -47.60 -7.88 18.36
CA LEU C 60 -46.51 -7.30 19.18
C LEU C 60 -46.45 -5.77 19.10
N PHE C 61 -46.76 -5.25 17.91
CA PHE C 61 -46.69 -3.80 17.62
C PHE C 61 -47.76 -3.05 18.39
N ASP C 62 -49.00 -3.44 18.13
CA ASP C 62 -50.16 -2.89 18.87
C ASP C 62 -50.04 -3.25 20.37
N ARG C 63 -49.42 -2.33 21.09
CA ARG C 63 -49.18 -2.44 22.53
C ARG C 63 -50.21 -1.61 23.30
N THR C 64 -51.29 -2.29 23.65
CA THR C 64 -52.42 -1.63 24.33
C THR C 64 -53.17 -2.65 25.18
N PRO C 65 -53.53 -2.25 26.42
CA PRO C 65 -54.33 -3.10 27.33
C PRO C 65 -55.74 -3.36 26.80
N LYS C 66 -56.29 -2.36 26.11
CA LYS C 66 -57.63 -2.42 25.51
C LYS C 66 -57.53 -2.25 23.99
N CYS C 67 -57.60 -3.38 23.30
CA CYS C 67 -57.58 -3.41 21.83
C CYS C 67 -56.18 -2.87 21.38
N GLU C 68 -55.96 -1.99 20.40
CA GLU C 68 -56.98 -1.41 19.52
C GLU C 68 -57.28 -2.17 18.24
N MET C 69 -56.64 -3.33 18.07
CA MET C 69 -56.72 -4.09 16.80
C MET C 69 -56.22 -3.18 15.65
N LYS C 70 -55.30 -2.29 16.01
CA LYS C 70 -54.87 -1.19 15.12
C LYS C 70 -53.43 -0.82 15.48
N ILE C 71 -52.74 -0.28 14.49
CA ILE C 71 -51.42 0.33 14.66
C ILE C 71 -51.55 1.84 14.39
N THR C 72 -50.42 2.53 14.47
CA THR C 72 -50.36 3.95 14.10
C THR C 72 -49.65 4.06 12.74
N TYR C 73 -50.01 5.08 11.98
CA TYR C 73 -49.44 5.31 10.63
C TYR C 73 -47.90 5.47 10.59
N GLY C 74 -47.30 5.64 11.78
CA GLY C 74 -45.83 5.64 11.97
C GLY C 74 -45.28 4.20 12.04
N GLN C 75 -45.98 3.36 12.81
CA GLN C 75 -45.71 1.91 12.91
C GLN C 75 -45.88 1.20 11.57
N CYS C 76 -46.70 1.79 10.69
CA CYS C 76 -46.86 1.37 9.29
C CYS C 76 -45.51 1.24 8.56
N GLY C 77 -44.57 2.09 8.95
CA GLY C 77 -43.19 2.10 8.43
C GLY C 77 -42.37 0.90 8.92
N ASP C 78 -42.00 0.97 10.20
CA ASP C 78 -41.18 -0.06 10.88
C ASP C 78 -41.72 -1.48 10.78
N VAL C 79 -43.04 -1.62 10.62
CA VAL C 79 -43.67 -2.92 10.31
C VAL C 79 -43.21 -3.52 8.99
N LEU C 80 -43.20 -2.69 7.96
CA LEU C 80 -42.73 -3.07 6.63
C LEU C 80 -41.26 -3.48 6.65
N ARG C 81 -40.48 -2.75 7.46
CA ARG C 81 -39.06 -3.06 7.72
C ARG C 81 -38.90 -4.44 8.41
N ALA C 82 -39.60 -4.61 9.53
CA ALA C 82 -39.61 -5.87 10.29
C ALA C 82 -40.09 -7.06 9.46
N LEU C 83 -41.05 -6.79 8.58
CA LEU C 83 -41.58 -7.80 7.63
C LEU C 83 -40.59 -8.25 6.57
N GLY C 84 -39.49 -7.49 6.44
CA GLY C 84 -38.42 -7.79 5.49
C GLY C 84 -38.57 -7.00 4.18
N GLN C 85 -39.28 -5.88 4.27
CA GLN C 85 -39.40 -4.90 3.18
C GLN C 85 -38.57 -3.65 3.54
N ASN C 86 -38.23 -2.90 2.50
CA ASN C 86 -37.37 -1.72 2.65
C ASN C 86 -37.89 -0.52 1.83
N PRO C 87 -38.86 0.20 2.40
CA PRO C 87 -39.33 1.45 1.78
C PRO C 87 -38.68 2.67 2.45
N THR C 88 -38.61 3.76 1.70
CA THR C 88 -38.22 5.09 2.25
C THR C 88 -39.42 5.65 3.03
N GLN C 89 -39.13 6.65 3.85
CA GLN C 89 -40.17 7.45 4.51
C GLN C 89 -41.07 8.13 3.46
N ALA C 90 -40.41 8.60 2.40
CA ALA C 90 -41.06 9.18 1.22
C ALA C 90 -41.99 8.18 0.51
N GLU C 91 -41.67 6.89 0.54
CA GLU C 91 -42.55 5.83 0.01
C GLU C 91 -43.80 5.66 0.88
N VAL C 92 -43.61 5.78 2.19
CA VAL C 92 -44.70 5.74 3.19
C VAL C 92 -45.56 7.01 3.03
N LEU C 93 -44.91 8.15 2.86
CA LEU C 93 -45.58 9.42 2.52
C LEU C 93 -46.24 9.44 1.15
N ARG C 94 -45.75 8.60 0.26
CA ARG C 94 -46.37 8.39 -1.06
C ARG C 94 -47.71 7.63 -0.92
N VAL C 95 -47.81 6.85 0.15
CA VAL C 95 -48.98 5.99 0.38
C VAL C 95 -49.83 6.33 1.63
N LEU C 96 -49.42 7.36 2.36
CA LEU C 96 -50.16 7.81 3.54
C LEU C 96 -50.92 9.08 3.22
N GLY C 97 -52.09 9.19 3.85
CA GLY C 97 -52.96 10.36 3.71
C GLY C 97 -52.73 11.36 4.87
N LYS C 98 -51.55 11.25 5.46
CA LYS C 98 -51.10 12.12 6.56
C LYS C 98 -49.90 12.94 6.09
N PRO C 99 -50.16 14.17 5.63
CA PRO C 99 -49.11 15.12 5.21
C PRO C 99 -48.33 15.71 6.41
N ARG C 100 -48.45 15.09 7.58
CA ARG C 100 -47.70 15.48 8.77
C ARG C 100 -46.83 14.33 9.31
N GLN C 101 -46.61 13.35 8.43
CA GLN C 101 -45.70 12.20 8.60
C GLN C 101 -45.74 11.65 10.04
N GLU C 102 -44.78 10.77 10.34
CA GLU C 102 -43.75 10.99 11.40
C GLU C 102 -44.26 10.84 12.83
N GLU C 103 -45.39 11.48 13.08
CA GLU C 103 -45.93 11.66 14.44
C GLU C 103 -46.94 10.57 14.77
N LEU C 104 -46.95 10.25 16.05
CA LEU C 104 -47.91 9.28 16.58
C LEU C 104 -49.02 10.11 17.21
N ASN C 105 -50.22 10.00 16.62
CA ASN C 105 -51.51 10.61 17.06
C ASN C 105 -52.21 11.40 15.95
N THR C 106 -52.77 10.65 15.01
CA THR C 106 -53.65 11.21 13.96
C THR C 106 -54.64 10.14 13.52
N LYS C 107 -54.17 9.23 12.65
CA LYS C 107 -55.02 8.16 12.14
C LYS C 107 -54.44 6.79 12.48
N MET C 108 -55.23 5.98 13.13
CA MET C 108 -54.85 4.57 13.31
C MET C 108 -55.36 3.73 12.15
N MET C 109 -54.59 2.70 11.82
CA MET C 109 -54.91 1.78 10.72
C MET C 109 -55.09 0.37 11.26
N ASP C 110 -56.11 -0.31 10.76
CA ASP C 110 -56.28 -1.76 11.00
C ASP C 110 -55.37 -2.58 10.09
N PHE C 111 -55.28 -3.87 10.33
CA PHE C 111 -54.64 -4.80 9.37
C PHE C 111 -55.39 -4.82 8.02
N GLU C 112 -56.70 -4.60 8.11
CA GLU C 112 -57.62 -4.46 6.97
C GLU C 112 -57.26 -3.30 6.04
N THR C 113 -56.43 -2.40 6.56
CA THR C 113 -55.86 -1.32 5.77
C THR C 113 -54.38 -1.56 5.46
N PHE C 114 -53.68 -2.19 6.41
CA PHE C 114 -52.27 -2.59 6.25
C PHE C 114 -52.07 -3.58 5.10
N LEU C 115 -52.75 -4.73 5.12
CA LEU C 115 -52.60 -5.77 4.08
C LEU C 115 -52.75 -5.30 2.62
N PRO C 116 -53.73 -4.41 2.32
CA PRO C 116 -53.83 -3.75 1.00
C PRO C 116 -52.57 -2.95 0.66
N MET C 117 -52.07 -2.18 1.62
CA MET C 117 -50.80 -1.43 1.50
C MET C 117 -49.59 -2.35 1.26
N LEU C 118 -49.64 -3.54 1.85
CA LEU C 118 -48.59 -4.56 1.66
C LEU C 118 -48.60 -5.18 0.30
N GLN C 119 -49.82 -5.40 -0.17
CA GLN C 119 -50.03 -5.83 -1.56
C GLN C 119 -49.51 -4.75 -2.52
N HIS C 120 -49.65 -3.48 -2.12
CA HIS C 120 -49.16 -2.34 -2.89
C HIS C 120 -47.62 -2.28 -2.95
N ILE C 121 -47.02 -2.42 -1.78
CA ILE C 121 -45.55 -2.42 -1.63
C ILE C 121 -44.93 -3.57 -2.42
N SER C 122 -45.59 -4.73 -2.36
CA SER C 122 -45.15 -5.96 -3.06
C SER C 122 -45.03 -5.75 -4.58
N LYS C 123 -45.85 -4.85 -5.11
CA LYS C 123 -45.83 -4.48 -6.55
C LYS C 123 -44.63 -3.62 -6.96
N ASN C 124 -44.20 -2.75 -6.05
CA ASN C 124 -43.23 -1.68 -6.38
C ASN C 124 -41.84 -2.22 -6.72
N LYS C 125 -41.21 -1.51 -7.67
CA LYS C 125 -39.81 -1.75 -8.07
C LYS C 125 -38.82 -0.69 -7.54
N ASP C 126 -39.23 0.58 -7.61
CA ASP C 126 -38.39 1.72 -7.16
C ASP C 126 -38.18 1.69 -5.64
N THR C 127 -37.21 0.90 -5.25
CA THR C 127 -36.78 0.75 -3.84
C THR C 127 -35.30 1.13 -3.69
N GLY C 128 -34.52 0.80 -4.73
CA GLY C 128 -33.06 1.02 -4.76
C GLY C 128 -32.33 -0.32 -4.73
N THR C 129 -31.63 -0.59 -5.82
CA THR C 129 -30.84 -1.81 -5.97
C THR C 129 -29.38 -1.55 -5.55
N TYR C 130 -28.57 -2.60 -5.61
CA TYR C 130 -27.12 -2.49 -5.48
C TYR C 130 -26.53 -1.53 -6.55
N GLU C 131 -27.11 -1.60 -7.75
CA GLU C 131 -26.71 -0.76 -8.90
C GLU C 131 -26.93 0.74 -8.64
N ASP C 132 -28.13 1.07 -8.15
CA ASP C 132 -28.45 2.46 -7.76
C ASP C 132 -27.51 3.01 -6.67
N PHE C 133 -26.91 2.10 -5.91
CA PHE C 133 -25.93 2.44 -4.86
C PHE C 133 -24.49 2.49 -5.38
N VAL C 134 -24.15 1.54 -6.24
CA VAL C 134 -22.82 1.49 -6.90
C VAL C 134 -22.57 2.78 -7.69
N GLU C 135 -23.64 3.33 -8.27
CA GLU C 135 -23.62 4.68 -8.86
C GLU C 135 -23.17 5.73 -7.83
N GLY C 136 -23.98 5.83 -6.76
CA GLY C 136 -23.84 6.86 -5.71
C GLY C 136 -22.46 6.87 -5.05
N LEU C 137 -21.87 5.69 -4.88
CA LEU C 137 -20.56 5.51 -4.21
C LEU C 137 -19.38 6.07 -5.02
N ARG C 138 -19.54 6.05 -6.35
CA ARG C 138 -18.46 6.38 -7.30
C ARG C 138 -18.05 7.85 -7.43
N VAL C 139 -18.51 8.68 -6.51
CA VAL C 139 -17.99 10.05 -6.33
C VAL C 139 -17.30 10.21 -4.96
N PHE C 140 -17.72 9.35 -4.04
CA PHE C 140 -17.22 9.34 -2.65
C PHE C 140 -15.84 8.71 -2.53
N ASP C 141 -15.51 7.82 -3.48
CA ASP C 141 -14.13 7.38 -3.59
C ASP C 141 -13.38 8.46 -4.39
N LYS C 142 -12.40 9.05 -3.73
CA LYS C 142 -11.55 10.07 -4.35
C LYS C 142 -10.57 9.49 -5.39
N GLU C 143 -10.64 8.17 -5.55
CA GLU C 143 -9.86 7.36 -6.52
C GLU C 143 -10.26 5.88 -6.47
N GLY C 144 -11.41 5.59 -7.11
CA GLY C 144 -12.06 4.25 -7.18
C GLY C 144 -11.26 3.04 -6.64
N ASN C 145 -11.42 2.79 -5.34
CA ASN C 145 -10.80 1.66 -4.61
C ASN C 145 -11.81 0.82 -3.82
N GLY C 146 -12.91 1.48 -3.41
CA GLY C 146 -13.91 0.94 -2.46
C GLY C 146 -13.74 1.61 -1.09
N THR C 147 -12.49 1.82 -0.70
CA THR C 147 -12.07 2.38 0.62
C THR C 147 -12.30 3.90 0.72
N VAL C 148 -13.44 4.26 1.30
CA VAL C 148 -13.82 5.68 1.49
C VAL C 148 -13.55 6.14 2.94
N MET C 149 -13.25 7.43 3.06
CA MET C 149 -12.97 8.08 4.36
C MET C 149 -14.24 8.22 5.20
N GLY C 150 -14.10 7.78 6.46
CA GLY C 150 -15.20 7.81 7.45
C GLY C 150 -15.73 9.22 7.75
N ALA C 151 -14.82 10.17 7.90
CA ALA C 151 -15.16 11.59 8.18
C ALA C 151 -15.96 12.24 7.04
N GLU C 152 -15.58 11.89 5.81
CA GLU C 152 -16.28 12.34 4.58
C GLU C 152 -17.68 11.74 4.48
N LEU C 153 -17.78 10.45 4.80
CA LEU C 153 -19.07 9.74 4.82
C LEU C 153 -20.04 10.35 5.84
N ARG C 154 -19.48 10.78 6.97
CA ARG C 154 -20.26 11.46 8.02
C ARG C 154 -20.88 12.76 7.51
N HIS C 155 -20.04 13.66 6.99
CA HIS C 155 -20.49 14.99 6.53
C HIS C 155 -21.64 14.90 5.51
N VAL C 156 -21.54 13.91 4.62
CA VAL C 156 -22.49 13.78 3.50
C VAL C 156 -23.85 13.17 3.87
N LEU C 157 -23.82 12.10 4.67
CA LEU C 157 -25.06 11.42 5.09
C LEU C 157 -26.01 12.33 5.87
N ALA C 158 -25.40 13.19 6.68
CA ALA C 158 -26.13 14.19 7.47
C ALA C 158 -26.77 15.30 6.63
N THR C 159 -26.17 15.59 5.46
CA THR C 159 -26.58 16.73 4.62
C THR C 159 -27.53 16.36 3.47
N LEU C 160 -27.34 15.17 2.89
CA LEU C 160 -28.00 14.79 1.63
C LEU C 160 -29.07 13.71 1.80
N GLY C 161 -29.74 13.44 0.68
CA GLY C 161 -30.79 12.40 0.58
C GLY C 161 -31.95 12.71 1.54
N GLU C 162 -32.26 11.71 2.35
CA GLU C 162 -33.26 11.84 3.44
C GLU C 162 -32.75 12.62 4.64
N ARG C 163 -31.42 12.58 4.83
CA ARG C 163 -30.71 13.02 6.05
C ARG C 163 -30.94 12.05 7.21
N LEU C 164 -29.82 11.78 7.88
CA LEU C 164 -29.79 10.95 9.09
C LEU C 164 -29.68 11.82 10.33
N THR C 165 -29.92 11.18 11.46
CA THR C 165 -29.70 11.80 12.78
C THR C 165 -28.25 11.56 13.21
N GLU C 166 -27.79 12.33 14.19
CA GLU C 166 -26.45 12.16 14.79
C GLU C 166 -26.16 10.70 15.15
N ASP C 167 -27.16 10.11 15.79
CA ASP C 167 -27.11 8.71 16.25
C ASP C 167 -26.96 7.73 15.08
N GLU C 168 -27.82 7.88 14.06
CA GLU C 168 -27.78 6.97 12.89
C GLU C 168 -26.44 6.98 12.16
N VAL C 169 -25.76 8.12 12.21
CA VAL C 169 -24.38 8.26 11.68
C VAL C 169 -23.40 7.47 12.55
N GLU C 170 -23.30 7.86 13.82
CA GLU C 170 -22.35 7.29 14.79
C GLU C 170 -22.52 5.77 14.94
N LYS C 171 -23.78 5.33 14.93
CA LYS C 171 -24.14 3.91 15.04
C LYS C 171 -23.68 3.09 13.82
N LEU C 172 -23.86 3.66 12.63
CA LEU C 172 -23.55 2.92 11.40
C LEU C 172 -22.03 2.72 11.25
N MET C 173 -21.25 3.69 11.71
CA MET C 173 -19.78 3.64 11.64
C MET C 173 -19.18 3.19 12.99
N ALA C 174 -19.30 1.90 13.23
CA ALA C 174 -18.67 1.24 14.39
C ALA C 174 -17.89 0.00 13.94
N GLY C 175 -17.51 0.07 12.66
CA GLY C 175 -16.93 -1.06 11.92
C GLY C 175 -17.49 -1.04 10.48
N GLN C 176 -16.68 -1.41 9.50
CA GLN C 176 -15.26 -1.80 9.64
C GLN C 176 -14.35 -0.57 9.62
N GLU C 177 -14.18 0.06 10.78
CA GLU C 177 -13.19 1.14 10.92
C GLU C 177 -11.86 0.57 11.39
N ASP C 178 -10.90 0.68 10.49
CA ASP C 178 -9.50 0.29 10.77
C ASP C 178 -8.70 1.53 11.23
N SER C 179 -7.46 1.31 11.64
CA SER C 179 -6.56 2.37 12.12
C SER C 179 -6.27 3.50 11.10
N ASN C 180 -6.66 3.27 9.85
CA ASN C 180 -6.65 4.32 8.81
C ASN C 180 -7.96 5.13 8.77
N GLY C 181 -9.07 4.41 8.68
CA GLY C 181 -10.43 5.00 8.60
C GLY C 181 -11.06 4.77 7.22
N CYS C 182 -10.91 3.55 6.72
CA CYS C 182 -11.33 3.17 5.35
C CYS C 182 -12.54 2.22 5.35
N ILE C 183 -13.71 2.82 5.33
CA ILE C 183 -14.98 2.09 5.15
C ILE C 183 -15.13 1.66 3.68
N ASN C 184 -15.17 0.36 3.46
CA ASN C 184 -15.27 -0.22 2.11
C ASN C 184 -16.72 -0.20 1.63
N TYR C 185 -17.04 0.80 0.81
CA TYR C 185 -18.44 1.11 0.47
C TYR C 185 -19.29 -0.02 -0.13
N GLU C 186 -18.65 -0.92 -0.86
CA GLU C 186 -19.36 -2.01 -1.56
C GLU C 186 -19.81 -3.15 -0.64
N ALA C 187 -18.86 -3.72 0.11
CA ALA C 187 -19.16 -4.77 1.10
C ALA C 187 -20.11 -4.25 2.19
N PHE C 188 -19.96 -2.96 2.46
CA PHE C 188 -20.85 -2.15 3.33
C PHE C 188 -22.30 -2.16 2.81
N VAL C 189 -22.45 -1.89 1.53
CA VAL C 189 -23.75 -1.94 0.84
C VAL C 189 -24.33 -3.37 0.82
N LYS C 190 -23.49 -4.34 0.49
CA LYS C 190 -23.89 -5.76 0.48
C LYS C 190 -24.43 -6.23 1.84
N HIS C 191 -23.86 -5.67 2.91
CA HIS C 191 -24.37 -5.90 4.28
C HIS C 191 -25.76 -5.29 4.47
N ILE C 192 -25.93 -4.07 3.97
CA ILE C 192 -27.22 -3.36 4.01
C ILE C 192 -28.30 -4.15 3.24
N MET C 193 -27.89 -4.74 2.12
CA MET C 193 -28.73 -5.66 1.35
C MET C 193 -29.03 -6.95 2.11
N SER C 194 -28.00 -7.46 2.79
CA SER C 194 -28.07 -8.70 3.57
C SER C 194 -29.12 -8.61 4.68
N SER C 195 -28.96 -7.60 5.56
CA SER C 195 -29.84 -7.22 6.72
C SER C 195 -29.08 -7.18 8.06
N ILE D 44 13.17 -79.06 29.99
CA ILE D 44 12.34 -77.96 30.53
C ILE D 44 10.89 -78.12 30.07
N GLU D 45 9.96 -77.63 30.89
CA GLU D 45 8.50 -77.75 30.69
C GLU D 45 7.81 -76.73 31.60
N PHE D 46 6.57 -76.39 31.23
CA PHE D 46 5.86 -75.23 31.80
C PHE D 46 5.21 -75.58 33.12
N THR D 47 5.48 -74.69 34.04
CA THR D 47 4.95 -74.82 35.41
C THR D 47 3.49 -74.36 35.46
N PRO D 48 2.76 -74.71 36.53
CA PRO D 48 1.34 -74.33 36.72
C PRO D 48 1.08 -72.82 36.68
N GLU D 49 2.04 -72.04 37.17
CA GLU D 49 1.95 -70.57 37.05
C GLU D 49 2.14 -70.09 35.61
N GLN D 50 3.11 -70.69 34.91
CA GLN D 50 3.44 -70.33 33.52
C GLN D 50 2.33 -70.71 32.54
N ILE D 51 1.71 -71.86 32.81
CA ILE D 51 0.58 -72.37 32.00
C ILE D 51 -0.62 -71.40 32.09
N GLU D 52 -0.84 -70.84 33.28
CA GLU D 52 -1.89 -69.81 33.51
C GLU D 52 -1.58 -68.51 32.77
N GLU D 53 -0.29 -68.14 32.73
CA GLU D 53 0.15 -66.93 32.03
C GLU D 53 -0.11 -67.07 30.52
N PHE D 54 0.25 -68.23 30.00
CA PHE D 54 0.03 -68.57 28.58
C PHE D 54 -1.43 -68.71 28.19
N LYS D 55 -2.21 -69.29 29.10
CA LYS D 55 -3.65 -69.49 28.88
C LYS D 55 -4.41 -68.17 28.85
N GLU D 56 -4.12 -67.28 29.81
CA GLU D 56 -4.80 -65.99 29.91
C GLU D 56 -4.62 -65.16 28.63
N ALA D 57 -3.35 -64.96 28.26
CA ALA D 57 -3.00 -64.16 27.07
C ALA D 57 -3.60 -64.77 25.80
N PHE D 58 -3.54 -66.09 25.67
CA PHE D 58 -4.08 -66.78 24.48
C PHE D 58 -5.61 -66.62 24.38
N MET D 59 -6.28 -66.80 25.51
CA MET D 59 -7.76 -66.66 25.59
C MET D 59 -8.19 -65.23 25.24
N LEU D 60 -7.37 -64.26 25.63
CA LEU D 60 -7.58 -62.85 25.24
C LEU D 60 -7.50 -62.65 23.72
N PHE D 61 -6.54 -63.34 23.13
CA PHE D 61 -6.20 -63.16 21.69
C PHE D 61 -7.29 -63.72 20.78
N ASP D 62 -8.00 -64.72 21.29
CA ASP D 62 -9.18 -65.25 20.59
C ASP D 62 -10.26 -64.17 20.46
N ARG D 63 -10.19 -63.48 19.33
CA ARG D 63 -11.12 -62.39 18.99
C ARG D 63 -12.07 -62.86 17.87
N THR D 64 -13.22 -63.34 18.31
CA THR D 64 -14.20 -63.89 17.36
C THR D 64 -15.60 -63.72 17.97
N PRO D 65 -16.60 -63.38 17.13
CA PRO D 65 -18.01 -63.25 17.56
C PRO D 65 -18.56 -64.59 18.09
N LYS D 66 -18.08 -65.68 17.49
CA LYS D 66 -18.43 -67.04 17.90
C LYS D 66 -17.23 -67.80 18.49
N CYS D 67 -16.10 -67.11 18.65
CA CYS D 67 -14.86 -67.71 19.19
C CYS D 67 -14.42 -68.92 18.33
N GLU D 68 -13.14 -69.21 18.41
CA GLU D 68 -12.64 -70.49 17.88
C GLU D 68 -11.40 -71.04 18.58
N MET D 69 -10.67 -70.17 19.28
CA MET D 69 -9.45 -70.51 20.05
C MET D 69 -8.15 -70.50 19.22
N LYS D 70 -8.03 -69.56 18.29
CA LYS D 70 -6.79 -69.47 17.49
C LYS D 70 -6.20 -68.07 17.41
N ILE D 71 -4.89 -68.08 17.19
CA ILE D 71 -4.11 -66.86 16.94
C ILE D 71 -3.57 -66.90 15.51
N THR D 72 -3.42 -65.70 14.95
CA THR D 72 -2.76 -65.54 13.64
C THR D 72 -1.24 -65.61 13.87
N TYR D 73 -0.52 -65.88 12.80
CA TYR D 73 0.94 -65.93 12.84
C TYR D 73 1.59 -64.55 13.01
N GLY D 74 0.88 -63.53 12.53
CA GLY D 74 1.28 -62.11 12.71
C GLY D 74 1.18 -61.70 14.18
N GLN D 75 0.06 -62.08 14.80
CA GLN D 75 -0.22 -61.80 16.21
C GLN D 75 0.71 -62.53 17.19
N CYS D 76 1.41 -63.54 16.68
CA CYS D 76 2.47 -64.26 17.41
C CYS D 76 3.55 -63.30 17.97
N GLY D 77 3.68 -62.15 17.32
CA GLY D 77 4.63 -61.09 17.72
C GLY D 77 4.35 -60.56 19.13
N ASP D 78 3.28 -59.76 19.20
CA ASP D 78 2.86 -59.08 20.43
C ASP D 78 2.36 -60.01 21.55
N VAL D 79 1.94 -61.23 21.18
CA VAL D 79 1.60 -62.29 22.16
C VAL D 79 2.75 -62.57 23.12
N LEU D 80 3.83 -63.03 22.50
CA LEU D 80 5.08 -63.37 23.19
C LEU D 80 5.60 -62.18 23.98
N ARG D 81 5.44 -61.00 23.39
CA ARG D 81 5.84 -59.73 24.00
C ARG D 81 5.09 -59.48 25.32
N ALA D 82 3.77 -59.62 25.26
CA ALA D 82 2.89 -59.53 26.45
C ALA D 82 3.21 -60.64 27.46
N LEU D 83 3.63 -61.78 26.94
CA LEU D 83 4.12 -62.89 27.78
C LEU D 83 5.38 -62.58 28.58
N GLY D 84 6.11 -61.57 28.09
CA GLY D 84 7.28 -61.05 28.82
C GLY D 84 8.59 -61.26 28.08
N GLN D 85 8.62 -62.24 27.18
CA GLN D 85 9.81 -62.52 26.35
C GLN D 85 9.94 -61.41 25.31
N ASN D 86 11.14 -60.82 25.24
CA ASN D 86 11.44 -59.71 24.31
C ASN D 86 12.17 -60.20 23.06
N PRO D 87 11.41 -60.42 21.98
CA PRO D 87 11.96 -60.91 20.72
C PRO D 87 12.03 -59.86 19.60
N THR D 88 12.95 -60.11 18.67
CA THR D 88 12.95 -59.45 17.36
C THR D 88 11.86 -60.11 16.50
N GLN D 89 11.40 -59.41 15.46
CA GLN D 89 10.52 -60.04 14.45
C GLN D 89 11.19 -61.25 13.79
N ALA D 90 12.52 -61.20 13.73
CA ALA D 90 13.36 -62.34 13.32
C ALA D 90 13.12 -63.57 14.21
N GLU D 91 13.04 -63.35 15.52
CA GLU D 91 12.70 -64.42 16.49
C GLU D 91 11.28 -64.96 16.29
N VAL D 92 10.35 -64.05 15.95
CA VAL D 92 8.94 -64.40 15.72
C VAL D 92 8.79 -65.31 14.50
N LEU D 93 9.27 -64.83 13.35
CA LEU D 93 9.18 -65.59 12.08
C LEU D 93 9.93 -66.92 12.12
N ARG D 94 10.98 -66.97 12.95
CA ARG D 94 11.79 -68.18 13.15
C ARG D 94 10.94 -69.38 13.60
N VAL D 95 9.88 -69.08 14.36
CA VAL D 95 8.96 -70.12 14.87
C VAL D 95 7.62 -70.12 14.12
N LEU D 96 7.63 -69.59 12.89
CA LEU D 96 6.43 -69.60 12.07
C LEU D 96 6.40 -70.84 11.19
N GLY D 97 5.23 -71.51 11.23
CA GLY D 97 4.99 -72.72 10.42
C GLY D 97 5.03 -72.43 8.92
N LYS D 98 4.50 -71.26 8.58
CA LYS D 98 4.45 -70.80 7.19
C LYS D 98 5.57 -69.79 6.93
N PRO D 99 6.30 -69.92 5.81
CA PRO D 99 7.31 -68.94 5.35
C PRO D 99 6.67 -67.61 4.91
N ARG D 100 5.75 -67.13 5.73
CA ARG D 100 5.07 -65.85 5.54
C ARG D 100 5.76 -64.86 6.47
N GLN D 101 5.65 -63.64 6.01
CA GLN D 101 6.63 -62.70 6.46
C GLN D 101 6.06 -61.46 7.25
N GLU D 102 4.86 -61.25 7.93
CA GLU D 102 4.58 -59.74 8.17
C GLU D 102 3.07 -59.50 7.90
N GLU D 103 2.58 -60.17 6.87
CA GLU D 103 1.20 -60.02 6.39
C GLU D 103 0.22 -60.52 7.48
N LEU D 104 -1.04 -60.15 7.28
CA LEU D 104 -2.13 -60.73 8.04
C LEU D 104 -2.94 -61.63 7.12
N ASN D 105 -3.46 -62.73 7.64
CA ASN D 105 -4.38 -63.66 6.96
C ASN D 105 -3.59 -64.88 6.22
N THR D 106 -2.63 -65.32 6.81
CA THR D 106 -1.85 -66.55 6.36
C THR D 106 -2.27 -67.75 7.22
N LYS D 107 -1.58 -68.01 8.30
CA LYS D 107 -1.80 -69.24 9.09
C LYS D 107 -2.32 -68.95 10.50
N MET D 108 -3.11 -69.88 10.97
CA MET D 108 -3.59 -69.84 12.36
C MET D 108 -2.95 -70.99 13.14
N MET D 109 -2.62 -70.68 14.40
CA MET D 109 -2.01 -71.64 15.32
C MET D 109 -2.93 -71.85 16.52
N ASP D 110 -3.08 -73.11 16.92
CA ASP D 110 -3.81 -73.46 18.15
C ASP D 110 -2.91 -73.29 19.40
N PHE D 111 -3.47 -73.50 20.58
CA PHE D 111 -2.66 -73.53 21.82
C PHE D 111 -1.68 -74.72 21.85
N GLU D 112 -2.10 -75.80 21.22
CA GLU D 112 -1.28 -77.02 21.04
C GLU D 112 -0.03 -76.71 20.23
N THR D 113 -0.17 -75.78 19.30
CA THR D 113 0.94 -75.33 18.45
C THR D 113 1.73 -74.19 19.12
N PHE D 114 0.99 -73.24 19.71
CA PHE D 114 1.53 -72.07 20.39
C PHE D 114 2.46 -72.42 21.56
N LEU D 115 2.09 -73.44 22.34
CA LEU D 115 2.95 -73.84 23.47
C LEU D 115 4.34 -74.38 23.09
N PRO D 116 4.43 -75.30 22.13
CA PRO D 116 5.71 -75.71 21.54
C PRO D 116 6.45 -74.53 20.89
N MET D 117 5.78 -73.39 20.69
CA MET D 117 6.47 -72.14 20.30
C MET D 117 7.10 -71.47 21.53
N LEU D 118 6.25 -71.25 22.53
CA LEU D 118 6.68 -70.64 23.80
C LEU D 118 7.81 -71.40 24.50
N GLN D 119 7.64 -72.74 24.49
CA GLN D 119 8.62 -73.66 25.15
C GLN D 119 10.01 -73.58 24.56
N HIS D 120 9.99 -73.22 23.27
CA HIS D 120 11.24 -73.04 22.54
C HIS D 120 11.87 -71.69 22.86
N ILE D 121 11.02 -70.67 22.85
CA ILE D 121 11.43 -69.26 23.03
C ILE D 121 12.18 -69.02 24.35
N SER D 122 11.73 -69.71 25.41
CA SER D 122 12.29 -69.54 26.76
C SER D 122 13.82 -69.72 26.85
N LYS D 123 14.39 -70.45 25.90
CA LYS D 123 15.84 -70.77 25.90
C LYS D 123 16.79 -69.57 25.77
N ASN D 124 16.33 -68.50 25.12
CA ASN D 124 17.22 -67.36 24.78
C ASN D 124 17.82 -66.73 26.06
N LYS D 125 19.11 -66.41 25.95
CA LYS D 125 19.87 -65.81 27.07
C LYS D 125 20.14 -64.32 26.88
N ASP D 126 20.59 -63.94 25.68
CA ASP D 126 20.89 -62.54 25.35
C ASP D 126 19.62 -61.70 25.21
N THR D 127 19.25 -61.09 26.33
CA THR D 127 18.07 -60.21 26.40
C THR D 127 18.48 -58.73 26.49
N GLY D 128 19.61 -58.50 27.17
CA GLY D 128 20.15 -57.16 27.39
C GLY D 128 20.01 -56.72 28.84
N THR D 129 20.88 -55.80 29.21
CA THR D 129 20.94 -55.20 30.56
C THR D 129 20.70 -53.69 30.44
N TYR D 130 21.27 -52.92 31.36
CA TYR D 130 21.29 -51.45 31.27
C TYR D 130 22.63 -50.95 30.72
N GLU D 131 23.68 -51.57 31.23
CA GLU D 131 25.05 -51.09 31.00
C GLU D 131 25.60 -51.27 29.58
N ASP D 132 24.99 -52.14 28.81
CA ASP D 132 25.27 -52.25 27.36
C ASP D 132 24.88 -50.93 26.68
N PHE D 133 23.68 -50.50 27.03
CA PHE D 133 23.02 -49.29 26.51
C PHE D 133 23.73 -48.00 26.93
N VAL D 134 24.27 -47.99 28.16
CA VAL D 134 25.06 -46.85 28.67
C VAL D 134 26.33 -46.69 27.83
N GLU D 135 27.05 -47.80 27.64
CA GLU D 135 28.27 -47.85 26.82
C GLU D 135 28.02 -47.37 25.39
N GLY D 136 26.89 -47.88 24.89
CA GLY D 136 26.42 -47.60 23.52
C GLY D 136 26.10 -46.13 23.30
N LEU D 137 25.20 -45.60 24.13
CA LEU D 137 24.74 -44.21 24.01
C LEU D 137 25.76 -43.12 24.34
N ARG D 138 26.82 -43.51 25.06
CA ARG D 138 27.93 -42.60 25.35
C ARG D 138 28.72 -42.16 24.11
N VAL D 139 28.68 -42.99 23.06
CA VAL D 139 29.47 -42.79 21.83
C VAL D 139 29.16 -41.44 21.14
N PHE D 140 27.93 -40.97 21.30
CA PHE D 140 27.50 -39.68 20.74
C PHE D 140 28.40 -38.51 21.16
N ASP D 141 28.88 -38.59 22.40
CA ASP D 141 29.63 -37.48 23.03
C ASP D 141 30.82 -36.98 22.19
N LYS D 142 31.09 -35.70 22.42
CA LYS D 142 32.11 -34.89 21.74
C LYS D 142 32.91 -34.06 22.77
N GLU D 143 32.25 -33.72 23.87
CA GLU D 143 32.84 -32.85 24.93
C GLU D 143 32.63 -33.33 26.38
N GLY D 144 32.17 -34.58 26.54
CA GLY D 144 31.91 -35.19 27.86
C GLY D 144 30.77 -34.49 28.63
N ASN D 145 29.62 -34.42 27.99
CA ASN D 145 28.40 -33.83 28.60
C ASN D 145 27.27 -34.83 28.86
N GLY D 146 27.24 -35.92 28.08
CA GLY D 146 26.17 -36.94 28.15
C GLY D 146 24.78 -36.35 27.85
N THR D 147 24.80 -35.30 27.04
CA THR D 147 23.61 -34.52 26.62
C THR D 147 23.39 -34.77 25.12
N VAL D 148 22.13 -34.81 24.74
CA VAL D 148 21.71 -35.16 23.37
C VAL D 148 20.66 -34.21 22.79
N MET D 149 21.02 -33.61 21.67
CA MET D 149 20.10 -32.77 20.89
C MET D 149 18.95 -33.60 20.29
N GLY D 150 17.78 -32.96 20.23
CA GLY D 150 16.51 -33.60 19.83
C GLY D 150 16.50 -34.24 18.43
N ALA D 151 16.96 -33.49 17.43
CA ALA D 151 17.00 -33.98 16.04
C ALA D 151 17.94 -35.20 15.88
N GLU D 152 19.12 -35.06 16.46
CA GLU D 152 20.15 -36.11 16.47
C GLU D 152 19.69 -37.37 17.21
N LEU D 153 18.77 -37.17 18.16
CA LEU D 153 18.18 -38.26 18.95
C LEU D 153 17.02 -38.97 18.25
N ARG D 154 16.22 -38.21 17.50
CA ARG D 154 15.10 -38.79 16.73
C ARG D 154 15.59 -39.64 15.56
N HIS D 155 16.65 -39.16 14.92
CA HIS D 155 17.19 -39.79 13.70
C HIS D 155 17.74 -41.19 13.96
N VAL D 156 18.45 -41.35 15.08
CA VAL D 156 19.01 -42.66 15.47
C VAL D 156 17.93 -43.73 15.72
N LEU D 157 16.75 -43.28 16.14
CA LEU D 157 15.60 -44.17 16.39
C LEU D 157 14.98 -44.72 15.10
N ALA D 158 14.95 -43.84 14.09
CA ALA D 158 14.27 -44.11 12.81
C ALA D 158 15.04 -44.99 11.80
N THR D 159 16.36 -44.94 11.83
CA THR D 159 17.17 -45.30 10.65
C THR D 159 17.52 -46.77 10.44
N LEU D 160 18.20 -47.36 11.41
CA LEU D 160 18.71 -48.73 11.28
C LEU D 160 18.05 -49.64 12.32
N GLY D 161 17.74 -50.86 11.86
CA GLY D 161 17.19 -51.91 12.72
C GLY D 161 15.76 -52.30 12.31
N GLU D 162 14.99 -52.74 13.30
CA GLU D 162 13.53 -52.99 13.12
C GLU D 162 12.80 -51.65 12.93
N ARG D 163 13.38 -50.62 13.57
CA ARG D 163 13.06 -49.20 13.37
C ARG D 163 11.69 -48.77 13.90
N LEU D 164 11.68 -47.52 14.31
CA LEU D 164 10.47 -46.81 14.74
C LEU D 164 10.06 -45.86 13.61
N THR D 165 8.83 -45.35 13.69
CA THR D 165 8.33 -44.44 12.64
C THR D 165 8.47 -42.98 13.10
N GLU D 166 8.08 -42.09 12.19
CA GLU D 166 7.92 -40.66 12.49
C GLU D 166 6.96 -40.44 13.67
N ASP D 167 5.89 -41.23 13.64
CA ASP D 167 4.82 -41.16 14.64
C ASP D 167 5.32 -41.52 16.04
N GLU D 168 6.01 -42.65 16.14
CA GLU D 168 6.55 -43.14 17.43
C GLU D 168 7.58 -42.19 18.03
N VAL D 169 8.31 -41.49 17.17
CA VAL D 169 9.23 -40.41 17.61
C VAL D 169 8.44 -39.25 18.23
N GLU D 170 7.32 -38.88 17.61
CA GLU D 170 6.44 -37.83 18.17
C GLU D 170 5.92 -38.23 19.57
N LYS D 171 5.66 -39.51 19.75
CA LYS D 171 5.26 -40.07 21.05
C LYS D 171 6.42 -40.05 22.07
N LEU D 172 7.60 -40.49 21.61
CA LEU D 172 8.79 -40.56 22.47
C LEU D 172 9.19 -39.20 23.06
N MET D 173 8.98 -38.15 22.27
CA MET D 173 9.30 -36.77 22.68
C MET D 173 8.14 -35.80 22.41
N ALA D 174 7.48 -35.41 23.50
CA ALA D 174 6.40 -34.40 23.42
C ALA D 174 6.59 -33.25 24.43
N GLY D 175 7.86 -33.04 24.80
CA GLY D 175 8.28 -31.97 25.69
C GLY D 175 8.99 -32.50 26.97
N GLN D 176 9.06 -31.67 28.01
CA GLN D 176 8.47 -30.32 28.02
C GLN D 176 9.46 -29.23 28.47
N GLU D 177 9.42 -28.14 27.72
CA GLU D 177 10.05 -26.85 28.08
C GLU D 177 11.59 -26.84 28.21
N ASP D 178 12.25 -27.41 27.19
CA ASP D 178 13.71 -27.28 27.04
C ASP D 178 14.03 -26.97 25.57
N SER D 179 14.67 -25.82 25.37
CA SER D 179 14.89 -25.28 24.02
C SER D 179 16.33 -25.41 23.52
N ASN D 180 16.44 -25.56 22.20
CA ASN D 180 17.71 -25.61 21.44
C ASN D 180 18.78 -26.66 21.83
N GLY D 181 18.50 -27.84 22.39
CA GLY D 181 17.21 -28.46 22.75
C GLY D 181 17.57 -29.89 23.16
N CYS D 182 17.95 -30.02 24.43
CA CYS D 182 18.72 -31.18 24.89
C CYS D 182 17.97 -32.12 25.86
N ILE D 183 18.20 -33.41 25.60
CA ILE D 183 17.86 -34.52 26.52
C ILE D 183 19.20 -35.03 27.10
N ASN D 184 19.11 -36.00 28.02
CA ASN D 184 20.28 -36.61 28.66
C ASN D 184 20.17 -38.13 28.67
N TYR D 185 21.33 -38.78 28.56
CA TYR D 185 21.37 -40.24 28.34
C TYR D 185 20.96 -41.10 29.55
N GLU D 186 21.25 -40.62 30.75
CA GLU D 186 21.03 -41.38 32.00
C GLU D 186 19.53 -41.57 32.29
N ALA D 187 18.82 -40.45 32.44
CA ALA D 187 17.38 -40.45 32.75
C ALA D 187 16.54 -41.11 31.65
N PHE D 188 17.02 -40.97 30.41
CA PHE D 188 16.36 -41.55 29.22
C PHE D 188 16.27 -43.08 29.28
N VAL D 189 17.43 -43.72 29.47
CA VAL D 189 17.52 -45.20 29.48
C VAL D 189 16.73 -45.80 30.65
N LYS D 190 16.90 -45.19 31.82
CA LYS D 190 16.24 -45.65 33.06
C LYS D 190 14.72 -45.60 33.01
N HIS D 191 14.18 -44.62 32.28
CA HIS D 191 12.72 -44.55 32.05
C HIS D 191 12.24 -45.66 31.09
N ILE D 192 13.09 -45.99 30.12
CA ILE D 192 12.79 -47.07 29.16
C ILE D 192 12.64 -48.40 29.91
N MET D 193 13.65 -48.71 30.71
CA MET D 193 13.66 -49.96 31.51
C MET D 193 12.56 -49.97 32.58
N SER D 194 12.31 -48.79 33.15
CA SER D 194 11.25 -48.60 34.16
C SER D 194 9.86 -48.90 33.62
N SER D 195 9.66 -48.69 32.30
CA SER D 195 8.39 -48.91 31.57
C SER D 195 7.44 -47.69 31.72
N LYS E 7 -50.12 -55.20 23.50
CA LYS E 7 -50.37 -54.07 24.43
C LYS E 7 -49.31 -52.95 24.37
N LYS E 8 -48.38 -53.08 23.42
CA LYS E 8 -47.26 -52.13 23.25
C LYS E 8 -47.68 -50.76 22.69
N ARG E 9 -48.98 -50.50 22.69
CA ARG E 9 -49.54 -49.22 22.21
C ARG E 9 -50.39 -48.62 23.35
N ALA E 10 -49.69 -48.23 24.40
CA ALA E 10 -50.30 -47.75 25.67
C ALA E 10 -49.31 -46.91 26.50
N GLY E 11 -48.40 -46.25 25.75
CA GLY E 11 -47.25 -45.54 26.32
C GLY E 11 -47.61 -44.32 27.18
N GLY E 12 -46.55 -43.84 27.85
CA GLY E 12 -46.57 -42.57 28.60
C GLY E 12 -45.39 -41.71 28.12
N ALA E 13 -45.67 -40.86 27.15
CA ALA E 13 -44.62 -40.09 26.47
C ALA E 13 -44.82 -38.59 26.68
N ASN E 14 -43.69 -37.89 26.83
CA ASN E 14 -43.58 -36.41 26.96
C ASN E 14 -43.76 -35.96 28.42
N SER E 15 -42.90 -35.04 28.87
CA SER E 15 -42.94 -34.57 30.26
C SER E 15 -42.48 -33.12 30.53
N ASN E 16 -41.18 -32.95 30.76
CA ASN E 16 -40.61 -31.72 31.32
C ASN E 16 -40.80 -30.45 30.47
N VAL E 17 -41.77 -29.67 30.89
CA VAL E 17 -41.96 -28.28 30.42
C VAL E 17 -40.92 -27.33 31.04
N PHE E 18 -41.25 -26.74 32.19
CA PHE E 18 -40.37 -25.82 32.91
C PHE E 18 -39.93 -26.40 34.26
N SER E 19 -39.74 -25.54 35.26
CA SER E 19 -39.34 -25.98 36.61
C SER E 19 -40.58 -26.30 37.44
N MET E 20 -41.10 -27.48 37.17
CA MET E 20 -42.33 -28.02 37.78
C MET E 20 -42.19 -28.08 39.32
N PHE E 21 -41.66 -29.20 39.82
CA PHE E 21 -41.33 -29.34 41.23
C PHE E 21 -40.02 -28.58 41.51
N GLU E 22 -40.17 -27.30 41.80
CA GLU E 22 -39.01 -26.40 41.94
C GLU E 22 -38.10 -26.92 43.07
N GLN E 23 -36.81 -26.91 42.73
CA GLN E 23 -35.73 -27.47 43.57
C GLN E 23 -35.72 -26.96 45.02
N THR E 24 -36.34 -25.81 45.22
CA THR E 24 -36.36 -25.16 46.54
C THR E 24 -37.80 -24.89 47.01
N GLN E 25 -38.47 -25.99 47.32
CA GLN E 25 -39.88 -25.99 47.74
C GLN E 25 -40.41 -27.40 47.97
N ILE E 26 -40.23 -28.24 46.97
CA ILE E 26 -40.96 -29.50 46.92
C ILE E 26 -40.50 -30.58 47.92
N GLN E 27 -39.21 -30.90 47.87
CA GLN E 27 -38.67 -32.08 48.54
C GLN E 27 -38.97 -32.06 50.05
N GLU E 28 -38.31 -31.11 50.70
CA GLU E 28 -38.38 -30.79 52.14
C GLU E 28 -39.83 -30.52 52.54
N PHE E 29 -40.53 -31.64 52.66
CA PHE E 29 -41.99 -31.79 52.83
C PHE E 29 -42.35 -33.28 52.95
N LYS E 30 -41.90 -34.04 51.95
CA LYS E 30 -42.10 -35.51 51.90
C LYS E 30 -41.31 -36.21 53.01
N GLU E 31 -40.04 -35.85 53.15
CA GLU E 31 -39.17 -36.37 54.23
C GLU E 31 -39.59 -35.84 55.60
N ALA E 32 -40.12 -34.62 55.61
CA ALA E 32 -40.60 -33.95 56.83
C ALA E 32 -41.79 -34.72 57.43
N PHE E 33 -42.51 -35.48 56.61
CA PHE E 33 -43.73 -36.20 56.99
C PHE E 33 -43.70 -36.89 58.36
N THR E 34 -42.58 -37.52 58.68
CA THR E 34 -42.40 -38.18 60.00
C THR E 34 -42.59 -37.21 61.19
N ILE E 35 -42.31 -35.93 61.02
CA ILE E 35 -42.51 -34.92 62.08
C ILE E 35 -43.95 -34.39 62.12
N MET E 36 -44.62 -34.42 60.97
CA MET E 36 -46.03 -33.99 60.86
C MET E 36 -46.97 -35.11 61.31
N ASP E 37 -46.75 -36.30 60.76
CA ASP E 37 -47.36 -37.56 61.22
C ASP E 37 -46.90 -37.70 62.66
N GLN E 38 -47.68 -37.26 63.63
CA GLN E 38 -47.32 -37.20 65.06
C GLN E 38 -47.20 -38.60 65.68
N ASN E 39 -48.36 -39.23 65.87
CA ASN E 39 -48.40 -40.54 66.55
C ASN E 39 -47.96 -41.72 65.68
N ARG E 40 -47.47 -41.42 64.48
CA ARG E 40 -46.80 -42.41 63.60
C ARG E 40 -47.78 -43.45 63.06
N ASP E 41 -48.73 -42.97 62.27
CA ASP E 41 -49.69 -43.85 61.60
C ASP E 41 -49.67 -43.68 60.08
N GLY E 42 -49.32 -42.46 59.66
CA GLY E 42 -49.32 -42.07 58.24
C GLY E 42 -50.53 -41.16 57.94
N PHE E 43 -51.52 -41.23 58.82
CA PHE E 43 -52.80 -40.51 58.70
C PHE E 43 -52.86 -39.30 59.65
N ILE E 44 -52.55 -38.16 59.06
CA ILE E 44 -52.58 -36.87 59.77
C ILE E 44 -54.03 -36.45 60.05
N ASP E 45 -54.41 -36.54 61.32
CA ASP E 45 -55.67 -35.96 61.80
C ASP E 45 -55.47 -34.43 61.94
N LYS E 46 -56.58 -33.73 62.13
CA LYS E 46 -56.57 -32.30 62.47
C LYS E 46 -55.75 -31.98 63.74
N ASN E 47 -55.62 -32.97 64.61
CA ASN E 47 -54.75 -32.89 65.81
C ASN E 47 -53.25 -33.05 65.51
N ASP E 48 -52.91 -33.90 64.55
CA ASP E 48 -51.51 -34.05 64.13
C ASP E 48 -50.98 -32.71 63.57
N LEU E 49 -51.86 -32.01 62.87
CA LEU E 49 -51.62 -30.61 62.44
C LEU E 49 -51.55 -29.66 63.65
N ARG E 50 -52.54 -29.81 64.53
CA ARG E 50 -52.72 -28.97 65.72
C ARG E 50 -51.43 -28.90 66.57
N ASP E 51 -50.78 -30.04 66.75
CA ASP E 51 -49.54 -30.13 67.53
C ASP E 51 -48.34 -29.54 66.77
N THR E 52 -48.20 -29.90 65.50
CA THR E 52 -46.99 -29.58 64.73
C THR E 52 -46.83 -28.07 64.48
N PHE E 53 -47.94 -27.41 64.21
CA PHE E 53 -47.97 -25.94 64.07
C PHE E 53 -47.66 -25.24 65.41
N ALA E 54 -48.00 -25.90 66.51
CA ALA E 54 -47.62 -25.45 67.87
C ALA E 54 -46.09 -25.51 68.07
N ALA E 55 -45.45 -26.47 67.39
CA ALA E 55 -43.99 -26.63 67.36
C ALA E 55 -43.33 -25.57 66.47
N LEU E 56 -44.07 -25.16 65.44
CA LEU E 56 -43.62 -24.13 64.52
C LEU E 56 -43.50 -22.79 65.26
N GLY E 57 -44.66 -22.15 65.49
CA GLY E 57 -44.70 -20.79 66.05
C GLY E 57 -45.92 -20.58 66.95
N ARG E 58 -46.25 -19.31 67.11
CA ARG E 58 -47.35 -18.88 67.98
C ARG E 58 -48.64 -18.74 67.18
N VAL E 59 -49.50 -19.76 67.22
CA VAL E 59 -50.81 -19.65 66.55
C VAL E 59 -50.52 -19.34 65.05
N ASN E 60 -50.41 -20.34 64.19
CA ASN E 60 -51.33 -21.49 64.03
C ASN E 60 -52.66 -20.94 63.50
N VAL E 61 -53.30 -21.75 62.67
CA VAL E 61 -54.64 -21.38 62.20
C VAL E 61 -55.67 -22.09 63.09
N LYS E 62 -56.83 -21.47 63.21
CA LYS E 62 -57.97 -22.05 63.94
C LYS E 62 -58.34 -23.41 63.33
N ASN E 63 -59.15 -24.14 64.09
CA ASN E 63 -59.67 -25.45 63.68
C ASN E 63 -60.42 -25.37 62.34
N GLU E 64 -61.28 -24.38 62.20
CA GLU E 64 -62.01 -24.17 60.93
C GLU E 64 -61.09 -23.85 59.74
N GLU E 65 -60.08 -23.03 60.01
CA GLU E 65 -59.05 -22.67 59.02
C GLU E 65 -58.23 -23.89 58.57
N ILE E 66 -57.92 -24.80 59.50
CA ILE E 66 -57.34 -26.11 59.13
C ILE E 66 -58.38 -27.05 58.50
N ASP E 67 -59.64 -26.90 58.94
CA ASP E 67 -60.77 -27.74 58.52
C ASP E 67 -61.05 -27.50 57.03
N GLU E 68 -60.86 -26.29 56.58
CA GLU E 68 -61.02 -26.04 55.14
C GLU E 68 -59.89 -26.69 54.31
N MET E 69 -58.66 -26.67 54.84
CA MET E 69 -57.53 -27.35 54.18
C MET E 69 -57.79 -28.86 54.09
N ILE E 70 -58.42 -29.41 55.12
CA ILE E 70 -58.83 -30.83 55.11
C ILE E 70 -59.90 -31.04 54.02
N LYS E 71 -60.79 -30.05 53.87
CA LYS E 71 -61.85 -30.05 52.85
C LYS E 71 -61.30 -29.95 51.42
N GLU E 72 -60.15 -29.30 51.26
CA GLU E 72 -59.48 -29.24 49.93
C GLU E 72 -59.08 -30.63 49.43
N ALA E 73 -58.80 -31.51 50.40
CA ALA E 73 -58.49 -32.92 50.13
C ALA E 73 -59.77 -33.77 50.24
N PRO E 74 -59.79 -34.93 49.58
CA PRO E 74 -60.92 -35.89 49.64
C PRO E 74 -61.11 -36.55 51.02
N GLY E 75 -60.32 -36.12 52.01
CA GLY E 75 -60.51 -36.50 53.42
C GLY E 75 -59.20 -36.95 54.09
N PRO E 76 -58.96 -38.27 54.21
CA PRO E 76 -57.86 -38.84 54.99
C PRO E 76 -56.49 -38.37 54.46
N ILE E 77 -55.97 -37.27 55.01
CA ILE E 77 -54.60 -36.76 54.74
C ILE E 77 -53.57 -37.77 55.26
N ASN E 78 -53.28 -38.77 54.43
CA ASN E 78 -52.27 -39.79 54.70
C ASN E 78 -51.15 -39.67 53.67
N PHE E 79 -50.18 -40.58 53.80
CA PHE E 79 -48.98 -40.56 52.96
C PHE E 79 -49.26 -40.70 51.45
N THR E 80 -50.36 -41.39 51.14
CA THR E 80 -50.88 -41.49 49.76
C THR E 80 -51.51 -40.16 49.32
N VAL E 81 -52.48 -39.67 50.10
CA VAL E 81 -53.28 -38.51 49.66
C VAL E 81 -52.49 -37.19 49.68
N PHE E 82 -51.80 -36.91 50.80
CA PHE E 82 -51.13 -35.63 51.06
C PHE E 82 -50.17 -35.31 49.90
N LEU E 83 -49.39 -36.32 49.54
CA LEU E 83 -48.42 -36.19 48.44
C LEU E 83 -49.08 -35.94 47.08
N THR E 84 -50.17 -36.66 46.81
CA THR E 84 -50.88 -36.58 45.53
C THR E 84 -51.65 -35.25 45.40
N MET E 85 -52.22 -34.80 46.51
CA MET E 85 -52.89 -33.48 46.57
C MET E 85 -51.89 -32.33 46.36
N PHE E 86 -50.64 -32.57 46.73
CA PHE E 86 -49.53 -31.64 46.44
C PHE E 86 -49.06 -31.76 44.98
N GLY E 87 -49.06 -33.00 44.49
CA GLY E 87 -48.47 -33.40 43.19
C GLY E 87 -48.95 -32.60 41.98
N GLU E 88 -50.25 -32.35 41.91
CA GLU E 88 -50.86 -31.65 40.76
C GLU E 88 -50.74 -30.12 40.84
N LYS E 89 -50.83 -29.59 42.05
CA LYS E 89 -50.81 -28.15 42.32
C LYS E 89 -49.44 -27.52 42.03
N LEU E 90 -49.34 -26.97 40.82
CA LEU E 90 -48.14 -26.24 40.39
C LEU E 90 -48.39 -24.78 40.02
N LYS E 91 -49.63 -24.51 39.63
CA LYS E 91 -50.03 -23.16 39.23
C LYS E 91 -50.28 -22.27 40.44
N GLY E 92 -49.77 -21.04 40.31
CA GLY E 92 -49.99 -19.97 41.31
C GLY E 92 -48.90 -18.91 41.17
N ALA E 93 -47.81 -19.15 41.91
CA ALA E 93 -46.59 -18.35 41.80
C ALA E 93 -45.96 -18.53 40.42
N ASP E 94 -45.12 -17.56 40.07
CA ASP E 94 -44.33 -17.63 38.83
C ASP E 94 -42.91 -18.09 39.16
N PRO E 95 -42.27 -18.82 38.23
CA PRO E 95 -40.87 -19.26 38.40
C PRO E 95 -39.94 -18.06 38.58
N GLU E 96 -38.84 -18.32 39.26
CA GLU E 96 -37.89 -17.27 39.70
C GLU E 96 -37.35 -16.38 38.58
N GLU E 97 -36.84 -17.02 37.53
CA GLU E 97 -36.25 -16.32 36.37
C GLU E 97 -37.24 -15.35 35.71
N THR E 98 -38.51 -15.73 35.70
CA THR E 98 -39.57 -14.95 35.00
C THR E 98 -39.84 -13.61 35.68
N ILE E 99 -39.93 -13.65 37.01
CA ILE E 99 -40.13 -12.44 37.83
C ILE E 99 -38.83 -11.63 37.79
N LEU E 100 -37.72 -12.37 37.96
CA LEU E 100 -36.36 -11.81 38.01
C LEU E 100 -35.94 -10.97 36.78
N ASN E 101 -36.38 -11.43 35.62
CA ASN E 101 -36.04 -10.77 34.36
C ASN E 101 -36.86 -9.51 34.02
N ALA E 102 -37.81 -9.15 34.89
CA ALA E 102 -38.78 -8.06 34.61
C ALA E 102 -38.11 -6.69 34.36
N PHE E 103 -37.25 -6.28 35.29
CA PHE E 103 -36.50 -5.00 35.13
C PHE E 103 -35.18 -5.16 34.38
N LYS E 104 -34.74 -6.41 34.23
CA LYS E 104 -33.56 -6.75 33.42
C LYS E 104 -33.83 -6.50 31.93
N VAL E 105 -35.01 -6.92 31.48
CA VAL E 105 -35.50 -6.67 30.10
C VAL E 105 -36.10 -5.26 29.97
N PHE E 106 -35.68 -4.37 30.86
CA PHE E 106 -36.23 -3.00 30.92
C PHE E 106 -35.98 -2.22 29.62
N ASP E 107 -34.85 -2.53 29.00
CA ASP E 107 -34.44 -1.83 27.77
C ASP E 107 -33.43 -2.69 26.98
N PRO E 108 -33.19 -2.35 25.70
CA PRO E 108 -32.17 -3.00 24.88
C PRO E 108 -30.77 -2.82 25.49
N GLU E 109 -30.56 -1.64 26.05
CA GLU E 109 -29.32 -1.28 26.75
C GLU E 109 -29.62 -0.53 28.06
N GLY E 110 -28.91 -0.86 29.12
CA GLY E 110 -27.88 -1.91 29.05
C GLY E 110 -27.08 -2.11 30.31
N LYS E 111 -27.76 -1.99 31.45
CA LYS E 111 -27.24 -2.30 32.79
C LYS E 111 -26.70 -1.06 33.52
N GLY E 112 -27.61 -0.49 34.30
CA GLY E 112 -27.29 0.62 35.22
C GLY E 112 -28.07 0.45 36.50
N VAL E 113 -29.28 0.99 36.45
CA VAL E 113 -30.29 0.91 37.52
C VAL E 113 -31.56 1.61 37.03
N LEU E 114 -32.68 1.02 37.41
CA LEU E 114 -33.98 1.52 36.97
C LEU E 114 -34.59 2.52 37.95
N LYS E 115 -35.07 3.63 37.40
CA LYS E 115 -35.59 4.74 38.22
C LYS E 115 -36.95 4.37 38.84
N ALA E 116 -37.00 4.56 40.16
CA ALA E 116 -38.21 4.30 40.97
C ALA E 116 -39.40 5.20 40.59
N ASP E 117 -39.09 6.35 39.98
CA ASP E 117 -40.15 7.24 39.47
C ASP E 117 -40.92 6.57 38.30
N TYR E 118 -40.20 5.85 37.46
CA TYR E 118 -40.77 5.22 36.26
C TYR E 118 -41.71 4.08 36.67
N VAL E 119 -41.26 3.32 37.67
CA VAL E 119 -42.08 2.25 38.27
C VAL E 119 -43.35 2.82 38.92
N ARG E 120 -43.19 3.91 39.68
CA ARG E 120 -44.31 4.58 40.34
C ARG E 120 -45.32 5.13 39.32
N GLU E 121 -44.80 5.66 38.21
CA GLU E 121 -45.65 6.18 37.12
C GLU E 121 -46.39 5.08 36.35
N MET E 122 -45.79 3.89 36.31
CA MET E 122 -46.32 2.75 35.54
C MET E 122 -47.45 2.01 36.27
N LEU E 123 -47.17 1.56 37.49
CA LEU E 123 -48.10 0.75 38.30
C LEU E 123 -49.46 1.42 38.53
N THR E 124 -49.36 2.73 38.67
CA THR E 124 -50.50 3.62 38.90
C THR E 124 -51.38 3.78 37.67
N THR E 125 -50.73 3.76 36.51
CA THR E 125 -51.30 4.16 35.23
C THR E 125 -51.12 3.08 34.16
N GLN E 126 -50.01 2.59 33.69
CA GLN E 126 -50.08 1.74 32.47
C GLN E 126 -50.44 0.27 32.74
N ALA E 127 -51.74 -0.10 32.87
CA ALA E 127 -52.27 -1.48 33.06
C ALA E 127 -53.42 -1.55 34.11
N GLU E 128 -53.36 -2.52 35.00
CA GLU E 128 -54.26 -2.65 36.13
C GLU E 128 -53.89 -1.57 37.15
N ARG E 129 -54.75 -0.55 37.21
CA ARG E 129 -54.52 0.63 38.08
C ARG E 129 -54.52 0.27 39.56
N PHE E 130 -53.32 0.12 40.11
CA PHE E 130 -53.16 -0.15 41.56
C PHE E 130 -53.61 1.07 42.36
N SER E 131 -54.04 0.82 43.57
CA SER E 131 -54.53 1.90 44.46
C SER E 131 -53.36 2.63 45.13
N LYS E 132 -53.67 3.80 45.70
CA LYS E 132 -52.67 4.60 46.45
C LYS E 132 -52.08 3.79 47.62
N GLU E 133 -52.96 3.01 48.26
CA GLU E 133 -52.61 2.09 49.35
C GLU E 133 -51.71 0.94 48.87
N GLU E 134 -52.21 0.20 47.88
CA GLU E 134 -51.49 -0.96 47.31
C GLU E 134 -50.08 -0.60 46.82
N VAL E 135 -49.97 0.51 46.10
CA VAL E 135 -48.69 0.99 45.56
C VAL E 135 -47.67 1.29 46.67
N ASP E 136 -47.94 2.32 47.46
CA ASP E 136 -46.93 2.82 48.41
C ASP E 136 -46.54 1.80 49.49
N GLN E 137 -47.48 0.92 49.82
CA GLN E 137 -47.22 -0.22 50.70
C GLN E 137 -46.12 -1.12 50.12
N MET E 138 -46.39 -1.65 48.92
CA MET E 138 -45.42 -2.51 48.20
C MET E 138 -44.12 -1.76 47.87
N PHE E 139 -44.25 -0.45 47.72
CA PHE E 139 -43.15 0.47 47.42
C PHE E 139 -42.16 0.48 48.58
N ALA E 140 -42.63 0.87 49.77
CA ALA E 140 -41.85 1.15 51.00
C ALA E 140 -40.64 0.24 51.27
N ALA E 141 -40.91 -1.06 51.35
CA ALA E 141 -39.84 -2.07 51.37
C ALA E 141 -39.18 -2.16 49.98
N PHE E 142 -38.18 -1.32 49.80
CA PHE E 142 -37.41 -1.24 48.55
C PHE E 142 -35.99 -0.83 48.92
N PRO E 143 -34.99 -1.56 48.41
CA PRO E 143 -33.56 -1.19 48.47
C PRO E 143 -33.24 -0.13 47.41
N PRO E 144 -33.47 1.16 47.74
CA PRO E 144 -33.32 2.28 46.81
C PRO E 144 -31.90 2.84 46.88
N ASP E 145 -31.03 2.22 46.12
CA ASP E 145 -29.68 2.77 45.96
C ASP E 145 -29.82 4.05 45.11
N VAL E 146 -30.08 5.17 45.79
CA VAL E 146 -30.14 6.51 45.16
C VAL E 146 -31.09 6.53 43.96
N THR E 147 -32.37 6.77 44.21
CA THR E 147 -33.42 6.99 43.17
C THR E 147 -33.74 5.78 42.28
N GLY E 148 -32.82 4.81 42.22
CA GLY E 148 -32.96 3.58 41.43
C GLY E 148 -33.01 2.37 42.36
N ASN E 149 -33.82 1.40 41.94
CA ASN E 149 -34.03 0.18 42.72
C ASN E 149 -33.00 -0.89 42.34
N LEU E 150 -32.48 -1.55 43.37
CA LEU E 150 -31.74 -2.82 43.20
C LEU E 150 -32.77 -3.91 42.83
N ASP E 151 -33.08 -3.93 41.55
CA ASP E 151 -34.23 -4.69 41.02
C ASP E 151 -34.21 -6.18 41.40
N TYR E 152 -33.08 -6.84 41.19
CA TYR E 152 -32.97 -8.28 41.46
C TYR E 152 -33.19 -8.60 42.95
N LYS E 153 -32.74 -7.71 43.83
CA LYS E 153 -32.88 -7.88 45.28
C LYS E 153 -34.34 -7.70 45.73
N ASN E 154 -35.00 -6.66 45.20
CA ASN E 154 -36.44 -6.47 45.44
C ASN E 154 -37.26 -7.65 44.86
N LEU E 155 -36.81 -8.16 43.72
CA LEU E 155 -37.37 -9.40 43.15
C LEU E 155 -37.18 -10.60 44.08
N VAL E 156 -36.04 -10.61 44.77
CA VAL E 156 -35.75 -11.59 45.83
C VAL E 156 -36.70 -11.39 47.03
N HIS E 157 -36.96 -10.13 47.35
CA HIS E 157 -37.93 -9.79 48.41
C HIS E 157 -39.33 -10.30 48.05
N ILE E 158 -39.62 -10.32 46.75
CA ILE E 158 -40.87 -10.90 46.22
C ILE E 158 -40.81 -12.43 46.34
N ILE E 159 -39.68 -13.03 45.92
CA ILE E 159 -39.52 -14.49 45.90
C ILE E 159 -38.07 -14.91 46.22
N THR E 160 -37.98 -15.85 47.15
CA THR E 160 -36.71 -16.49 47.57
C THR E 160 -37.02 -17.48 48.69
N HIS E 161 -35.98 -18.11 49.23
CA HIS E 161 -36.07 -18.85 50.49
C HIS E 161 -36.30 -17.84 51.62
N GLY E 162 -37.39 -18.05 52.36
CA GLY E 162 -37.75 -17.07 53.41
C GLY E 162 -38.94 -17.45 54.30
N GLU E 163 -40.00 -16.67 54.13
CA GLU E 163 -41.11 -16.62 55.10
C GLU E 163 -41.94 -17.90 55.30
N GLU E 164 -41.78 -18.43 56.50
CA GLU E 164 -42.70 -19.41 57.12
C GLU E 164 -43.59 -18.58 58.07
N LYS E 165 -44.67 -19.09 58.65
CA LYS E 165 -45.12 -20.50 58.65
C LYS E 165 -46.47 -20.66 57.97
N ASP E 166 -46.41 -21.01 56.69
CA ASP E 166 -47.65 -21.22 55.91
C ASP E 166 -47.66 -22.58 55.19
N LYS F 7 -20.86 -64.77 43.80
CA LYS F 7 -21.02 -63.30 43.67
C LYS F 7 -19.81 -62.55 43.06
N LYS F 8 -18.63 -63.13 43.23
CA LYS F 8 -17.39 -62.61 42.61
C LYS F 8 -17.36 -62.71 41.09
N ARG F 9 -18.07 -63.70 40.54
CA ARG F 9 -18.28 -63.84 39.09
C ARG F 9 -19.52 -63.08 38.60
N ALA F 10 -20.47 -62.84 39.51
CA ALA F 10 -21.57 -61.88 39.28
C ALA F 10 -20.95 -60.49 39.01
N GLY F 11 -19.83 -60.25 39.72
CA GLY F 11 -18.89 -59.17 39.41
C GLY F 11 -18.21 -59.43 38.06
N GLY F 12 -18.90 -58.93 37.02
CA GLY F 12 -18.34 -58.83 35.67
C GLY F 12 -18.07 -57.35 35.39
N ALA F 13 -17.89 -57.03 34.11
CA ALA F 13 -17.81 -55.61 33.68
C ALA F 13 -19.22 -55.00 33.75
N ASN F 14 -19.29 -53.67 33.63
CA ASN F 14 -20.56 -52.89 33.67
C ASN F 14 -21.03 -52.61 35.09
N SER F 15 -20.72 -51.41 35.55
CA SER F 15 -21.10 -50.94 36.90
C SER F 15 -20.58 -49.52 37.12
N ASN F 16 -21.22 -48.86 38.07
CA ASN F 16 -20.74 -47.61 38.69
C ASN F 16 -21.52 -47.40 39.99
N VAL F 17 -20.81 -46.84 40.96
CA VAL F 17 -21.30 -46.80 42.35
C VAL F 17 -21.48 -45.33 42.80
N PHE F 18 -22.57 -45.12 43.51
CA PHE F 18 -22.91 -43.80 44.09
C PHE F 18 -23.10 -43.84 45.61
N SER F 19 -23.64 -42.75 46.14
CA SER F 19 -23.87 -42.58 47.59
C SER F 19 -25.36 -42.43 47.92
N MET F 20 -25.66 -42.54 49.21
CA MET F 20 -27.03 -42.52 49.76
C MET F 20 -27.74 -41.15 49.66
N PHE F 21 -27.03 -40.08 50.05
CA PHE F 21 -27.57 -38.70 50.02
C PHE F 21 -27.66 -38.18 48.59
N GLU F 22 -28.44 -37.11 48.44
CA GLU F 22 -28.85 -36.63 47.10
C GLU F 22 -29.22 -35.16 47.00
N GLN F 23 -29.01 -34.41 48.09
CA GLN F 23 -29.45 -33.00 48.25
C GLN F 23 -30.60 -32.58 47.33
N THR F 24 -30.29 -32.17 46.10
CA THR F 24 -31.30 -32.04 45.02
C THR F 24 -30.76 -32.53 43.66
N GLN F 25 -30.65 -33.84 43.54
CA GLN F 25 -30.20 -34.50 42.30
C GLN F 25 -31.23 -35.55 41.87
N ILE F 26 -31.33 -36.61 42.69
CA ILE F 26 -32.35 -37.64 42.43
C ILE F 26 -33.75 -37.16 42.83
N GLN F 27 -33.84 -35.93 43.35
CA GLN F 27 -35.08 -35.15 43.58
C GLN F 27 -36.19 -35.52 42.56
N GLU F 28 -35.73 -35.75 41.33
CA GLU F 28 -36.52 -36.18 40.17
C GLU F 28 -37.52 -37.31 40.47
N PHE F 29 -37.20 -38.24 41.36
CA PHE F 29 -38.13 -39.35 41.68
C PHE F 29 -39.38 -38.90 42.45
N LYS F 30 -39.21 -37.90 43.30
CA LYS F 30 -40.33 -37.26 44.03
C LYS F 30 -41.26 -36.51 43.06
N GLU F 31 -40.63 -35.96 42.02
CA GLU F 31 -41.32 -35.24 40.94
C GLU F 31 -42.13 -36.18 40.03
N ALA F 32 -41.56 -37.35 39.76
CA ALA F 32 -42.14 -38.35 38.84
C ALA F 32 -43.23 -39.21 39.49
N PHE F 33 -42.94 -39.65 40.72
CA PHE F 33 -43.75 -40.56 41.57
C PHE F 33 -45.24 -40.77 41.18
N THR F 34 -45.97 -39.66 41.10
CA THR F 34 -47.44 -39.66 40.96
C THR F 34 -48.00 -40.49 39.80
N ILE F 35 -47.31 -40.47 38.66
CA ILE F 35 -47.75 -41.18 37.43
C ILE F 35 -47.72 -42.71 37.53
N MET F 36 -46.91 -43.23 38.44
CA MET F 36 -46.55 -44.66 38.45
C MET F 36 -46.95 -45.45 39.70
N ASP F 37 -46.98 -44.78 40.85
CA ASP F 37 -46.88 -45.40 42.18
C ASP F 37 -47.69 -46.69 42.46
N GLN F 38 -47.10 -47.48 43.36
CA GLN F 38 -47.76 -48.66 43.94
C GLN F 38 -48.02 -48.39 45.43
N ASN F 39 -47.17 -48.94 46.31
CA ASN F 39 -47.30 -48.75 47.76
C ASN F 39 -46.66 -47.42 48.15
N ARG F 40 -47.53 -46.44 48.35
CA ARG F 40 -47.13 -45.04 48.61
C ARG F 40 -46.22 -44.82 49.82
N ASP F 41 -46.13 -45.81 50.71
CA ASP F 41 -45.07 -45.86 51.74
C ASP F 41 -43.69 -45.61 51.08
N GLY F 42 -43.44 -46.38 50.02
CA GLY F 42 -42.27 -46.19 49.15
C GLY F 42 -41.87 -47.48 48.41
N PHE F 43 -42.86 -48.25 47.96
CA PHE F 43 -42.61 -49.55 47.33
C PHE F 43 -43.17 -49.76 45.92
N ILE F 44 -42.36 -50.51 45.19
CA ILE F 44 -42.73 -51.23 43.96
C ILE F 44 -42.40 -52.69 44.25
N ASP F 45 -43.42 -53.54 44.21
CA ASP F 45 -43.28 -54.96 44.57
C ASP F 45 -43.55 -55.88 43.38
N LYS F 46 -43.52 -57.18 43.63
CA LYS F 46 -43.58 -58.24 42.62
C LYS F 46 -44.79 -58.17 41.67
N ASN F 47 -45.88 -57.58 42.13
CA ASN F 47 -47.12 -57.53 41.33
C ASN F 47 -47.25 -56.29 40.41
N ASP F 48 -46.34 -55.33 40.56
CA ASP F 48 -46.45 -54.04 39.83
C ASP F 48 -45.80 -54.06 38.44
N LEU F 49 -44.88 -54.99 38.21
CA LEU F 49 -44.31 -55.16 36.87
C LEU F 49 -45.33 -55.62 35.84
N ARG F 50 -46.25 -56.42 36.36
CA ARG F 50 -47.36 -57.02 35.60
C ARG F 50 -48.46 -55.98 35.29
N ASP F 51 -48.28 -54.77 35.84
CA ASP F 51 -49.27 -53.70 35.72
C ASP F 51 -48.72 -52.50 34.94
N THR F 52 -47.67 -51.87 35.47
CA THR F 52 -47.20 -50.56 34.99
C THR F 52 -46.36 -50.67 33.71
N PHE F 53 -45.53 -51.71 33.62
CA PHE F 53 -44.60 -51.91 32.50
C PHE F 53 -45.29 -52.05 31.14
N ALA F 54 -46.55 -52.49 31.19
CA ALA F 54 -47.42 -52.57 30.00
C ALA F 54 -47.56 -51.22 29.29
N ALA F 55 -47.42 -50.14 30.05
CA ALA F 55 -47.49 -48.76 29.53
C ALA F 55 -46.14 -48.03 29.52
N LEU F 56 -45.06 -48.77 29.80
CA LEU F 56 -43.70 -48.23 29.80
C LEU F 56 -42.85 -48.78 28.66
N GLY F 57 -43.16 -50.01 28.23
CA GLY F 57 -42.36 -50.69 27.20
C GLY F 57 -43.09 -50.70 25.85
N ARG F 58 -42.29 -50.74 24.80
CA ARG F 58 -42.82 -50.90 23.43
C ARG F 58 -43.41 -52.30 23.20
N VAL F 59 -42.88 -53.25 23.96
CA VAL F 59 -43.21 -54.69 23.85
C VAL F 59 -43.98 -55.21 25.10
N ASN F 60 -43.61 -56.41 25.50
CA ASN F 60 -44.51 -57.39 26.09
C ASN F 60 -43.74 -58.32 27.02
N VAL F 61 -44.50 -58.83 27.98
CA VAL F 61 -44.05 -59.86 28.92
C VAL F 61 -44.77 -61.18 28.58
N LYS F 62 -44.00 -62.25 28.69
CA LYS F 62 -44.54 -63.60 28.53
C LYS F 62 -44.28 -64.38 29.82
N ASN F 63 -45.10 -65.41 30.04
CA ASN F 63 -44.89 -66.36 31.14
C ASN F 63 -43.54 -67.09 31.06
N GLU F 64 -42.99 -67.14 29.84
CA GLU F 64 -41.65 -67.71 29.61
C GLU F 64 -40.52 -66.87 30.23
N GLU F 65 -40.59 -65.55 30.07
CA GLU F 65 -39.52 -64.64 30.53
C GLU F 65 -39.90 -63.79 31.75
N ILE F 66 -40.69 -64.34 32.67
CA ILE F 66 -41.17 -63.61 33.86
C ILE F 66 -40.03 -62.98 34.70
N ASP F 67 -39.41 -63.82 35.52
CA ASP F 67 -38.32 -63.44 36.43
C ASP F 67 -37.07 -62.94 35.72
N GLU F 68 -36.93 -63.31 34.45
CA GLU F 68 -35.87 -62.80 33.58
C GLU F 68 -36.14 -61.32 33.21
N MET F 69 -37.38 -61.00 32.91
CA MET F 69 -37.81 -59.63 32.58
C MET F 69 -37.71 -58.72 33.83
N ILE F 70 -37.80 -59.35 34.99
CA ILE F 70 -37.55 -58.72 36.30
C ILE F 70 -36.18 -59.10 36.90
N LYS F 71 -35.29 -59.63 36.07
CA LYS F 71 -34.07 -60.28 36.60
C LYS F 71 -33.24 -59.37 37.51
N GLU F 72 -33.25 -58.09 37.16
CA GLU F 72 -32.49 -57.05 37.88
C GLU F 72 -33.08 -56.67 39.26
N ALA F 73 -34.40 -56.76 39.46
CA ALA F 73 -35.12 -56.33 40.70
C ALA F 73 -36.22 -57.27 41.24
N PRO F 74 -35.93 -58.57 41.44
CA PRO F 74 -36.97 -59.55 41.76
C PRO F 74 -37.63 -59.40 43.14
N GLY F 75 -37.41 -58.29 43.87
CA GLY F 75 -37.96 -58.18 45.23
C GLY F 75 -37.67 -56.84 45.92
N PRO F 76 -38.13 -56.73 47.18
CA PRO F 76 -38.17 -55.47 47.97
C PRO F 76 -37.12 -54.41 47.59
N ILE F 77 -37.53 -53.57 46.65
CA ILE F 77 -36.69 -52.45 46.17
C ILE F 77 -37.07 -51.25 47.05
N ASN F 78 -36.46 -51.21 48.22
CA ASN F 78 -36.73 -50.13 49.18
C ASN F 78 -35.86 -48.90 48.85
N PHE F 79 -36.01 -47.81 49.59
CA PHE F 79 -35.23 -46.57 49.38
C PHE F 79 -33.72 -46.81 49.45
N THR F 80 -33.33 -47.76 50.29
CA THR F 80 -31.94 -48.22 50.44
C THR F 80 -31.48 -49.01 49.19
N VAL F 81 -32.42 -49.76 48.62
CA VAL F 81 -32.17 -50.66 47.48
C VAL F 81 -32.22 -49.95 46.10
N PHE F 82 -33.03 -48.90 45.96
CA PHE F 82 -33.15 -48.18 44.67
C PHE F 82 -31.80 -47.78 44.05
N LEU F 83 -30.84 -47.52 44.94
CA LEU F 83 -29.45 -47.20 44.55
C LEU F 83 -28.87 -48.33 43.70
N THR F 84 -29.10 -49.58 44.10
CA THR F 84 -28.62 -50.76 43.35
C THR F 84 -29.73 -51.41 42.51
N MET F 85 -30.48 -50.52 41.89
CA MET F 85 -31.10 -50.73 40.57
C MET F 85 -30.55 -49.69 39.59
N PHE F 86 -30.26 -48.50 40.12
CA PHE F 86 -29.65 -47.39 39.36
C PHE F 86 -28.22 -47.70 38.93
N GLY F 87 -27.46 -48.31 39.84
CA GLY F 87 -26.12 -48.84 39.53
C GLY F 87 -26.23 -49.95 38.47
N GLU F 88 -27.31 -50.72 38.59
CA GLU F 88 -27.72 -51.76 37.63
C GLU F 88 -28.18 -51.18 36.29
N LYS F 89 -28.41 -49.87 36.19
CA LYS F 89 -28.58 -49.21 34.89
C LYS F 89 -27.26 -49.26 34.12
N LEU F 90 -26.19 -48.85 34.82
CA LEU F 90 -24.81 -48.97 34.34
C LEU F 90 -24.28 -50.41 34.31
N LYS F 91 -25.02 -51.32 34.94
CA LYS F 91 -24.65 -52.74 34.99
C LYS F 91 -25.51 -53.67 34.13
N GLY F 92 -26.83 -53.71 34.38
CA GLY F 92 -27.85 -54.34 33.54
C GLY F 92 -27.41 -55.68 32.94
N ALA F 93 -27.76 -55.86 31.68
CA ALA F 93 -27.32 -57.04 30.91
C ALA F 93 -26.18 -56.65 29.99
N ASP F 94 -24.98 -56.60 30.59
CA ASP F 94 -23.74 -56.24 29.87
C ASP F 94 -23.82 -54.82 29.21
N PRO F 95 -24.17 -53.72 29.88
CA PRO F 95 -24.25 -52.36 29.29
C PRO F 95 -22.92 -51.89 28.72
N GLU F 96 -23.03 -50.78 28.02
CA GLU F 96 -21.88 -49.93 27.60
C GLU F 96 -20.61 -50.71 27.22
N GLU F 97 -19.82 -51.04 28.25
CA GLU F 97 -18.56 -51.80 28.17
C GLU F 97 -18.65 -53.02 27.23
N THR F 98 -19.79 -53.68 27.22
CA THR F 98 -20.00 -54.80 26.27
C THR F 98 -21.02 -54.40 25.19
N ILE F 99 -22.26 -54.04 25.55
CA ILE F 99 -23.35 -53.71 24.60
C ILE F 99 -22.86 -52.78 23.49
N LEU F 100 -22.23 -51.67 23.88
CA LEU F 100 -21.77 -50.68 22.91
C LEU F 100 -20.44 -51.07 22.26
N ASN F 101 -19.43 -51.31 23.10
CA ASN F 101 -18.07 -51.65 22.63
C ASN F 101 -17.99 -52.84 21.67
N ALA F 102 -19.00 -53.71 21.73
CA ALA F 102 -19.14 -54.92 20.88
C ALA F 102 -18.83 -54.64 19.40
N PHE F 103 -19.67 -53.86 18.74
CA PHE F 103 -19.44 -53.49 17.33
C PHE F 103 -18.34 -52.43 17.16
N LYS F 104 -18.29 -51.50 18.11
CA LYS F 104 -17.29 -50.42 18.16
C LYS F 104 -15.84 -50.89 17.95
N VAL F 105 -15.50 -52.03 18.56
CA VAL F 105 -14.14 -52.61 18.50
C VAL F 105 -13.68 -53.03 17.08
N PHE F 106 -14.64 -53.15 16.16
CA PHE F 106 -14.37 -53.68 14.81
C PHE F 106 -13.32 -52.89 14.03
N ASP F 107 -13.52 -51.58 13.94
CA ASP F 107 -12.72 -50.72 13.05
C ASP F 107 -11.20 -50.87 13.26
N PRO F 108 -10.48 -51.12 12.16
CA PRO F 108 -9.01 -51.15 12.20
C PRO F 108 -8.44 -49.75 12.45
N GLU F 109 -9.08 -48.74 11.85
CA GLU F 109 -8.67 -47.33 11.96
C GLU F 109 -9.79 -46.36 12.38
N GLY F 110 -9.97 -46.28 13.69
CA GLY F 110 -10.54 -45.06 14.30
C GLY F 110 -12.07 -44.99 14.28
N LYS F 111 -12.59 -43.80 13.97
CA LYS F 111 -14.02 -43.48 14.01
C LYS F 111 -14.78 -44.20 12.89
N GLY F 112 -15.13 -45.45 13.18
CA GLY F 112 -15.73 -46.32 12.16
C GLY F 112 -17.25 -46.41 12.26
N VAL F 113 -17.69 -47.50 11.67
CA VAL F 113 -19.08 -47.89 11.47
C VAL F 113 -19.03 -49.28 10.85
N LEU F 114 -19.93 -50.15 11.26
CA LEU F 114 -19.83 -51.55 10.86
C LEU F 114 -20.16 -51.76 9.37
N LYS F 115 -19.24 -52.44 8.69
CA LYS F 115 -19.28 -52.61 7.22
C LYS F 115 -20.37 -53.58 6.74
N ALA F 116 -21.58 -53.04 6.72
CA ALA F 116 -22.85 -53.65 6.26
C ALA F 116 -22.79 -55.05 5.63
N ASP F 117 -22.32 -55.12 4.39
CA ASP F 117 -22.30 -56.37 3.60
C ASP F 117 -21.53 -57.52 4.27
N TYR F 118 -20.48 -57.18 5.00
CA TYR F 118 -19.65 -58.17 5.72
C TYR F 118 -20.36 -58.67 6.98
N VAL F 119 -21.24 -57.82 7.51
CA VAL F 119 -22.15 -58.17 8.62
C VAL F 119 -23.18 -59.18 8.13
N ARG F 120 -23.73 -58.94 6.95
CA ARG F 120 -24.66 -59.87 6.30
C ARG F 120 -23.98 -61.24 6.07
N GLU F 121 -22.71 -61.19 5.69
CA GLU F 121 -21.89 -62.38 5.46
C GLU F 121 -21.80 -63.27 6.72
N MET F 122 -21.26 -62.68 7.78
CA MET F 122 -21.06 -63.37 9.07
C MET F 122 -22.35 -63.90 9.69
N LEU F 123 -23.44 -63.20 9.42
CA LEU F 123 -24.77 -63.54 9.94
C LEU F 123 -25.30 -64.88 9.39
N THR F 124 -24.92 -65.16 8.15
CA THR F 124 -25.33 -66.42 7.50
C THR F 124 -24.25 -67.50 7.57
N THR F 125 -23.05 -67.16 8.06
CA THR F 125 -21.89 -68.09 8.05
C THR F 125 -21.31 -68.49 9.41
N GLN F 126 -20.99 -67.50 10.25
CA GLN F 126 -20.16 -67.72 11.45
C GLN F 126 -20.86 -68.56 12.54
N ALA F 127 -20.64 -69.86 12.46
CA ALA F 127 -21.04 -70.87 13.47
C ALA F 127 -22.54 -71.22 13.42
N GLU F 128 -23.39 -70.31 13.88
CA GLU F 128 -24.84 -70.54 13.89
C GLU F 128 -25.50 -69.69 12.79
N ARG F 129 -25.78 -70.37 11.70
CA ARG F 129 -26.38 -69.77 10.49
C ARG F 129 -27.83 -69.34 10.76
N PHE F 130 -28.02 -68.03 10.80
CA PHE F 130 -29.35 -67.44 11.04
C PHE F 130 -30.32 -67.60 9.85
N SER F 131 -31.50 -67.06 10.04
CA SER F 131 -32.65 -67.20 9.10
C SER F 131 -33.07 -65.85 8.50
N LYS F 132 -33.78 -65.96 7.38
CA LYS F 132 -34.14 -64.80 6.51
C LYS F 132 -35.08 -63.77 7.14
N GLU F 133 -35.97 -64.23 8.01
CA GLU F 133 -36.98 -63.38 8.68
C GLU F 133 -36.35 -62.19 9.42
N GLU F 134 -35.41 -62.55 10.30
CA GLU F 134 -34.65 -61.60 11.13
C GLU F 134 -33.94 -60.54 10.28
N VAL F 135 -33.40 -61.00 9.15
CA VAL F 135 -32.63 -60.16 8.22
C VAL F 135 -33.51 -59.08 7.56
N ASP F 136 -34.70 -59.45 7.10
CA ASP F 136 -35.58 -58.50 6.38
C ASP F 136 -36.19 -57.42 7.27
N GLN F 137 -36.54 -57.83 8.48
CA GLN F 137 -36.96 -56.89 9.54
C GLN F 137 -35.82 -55.91 9.88
N MET F 138 -34.64 -56.50 10.01
CA MET F 138 -33.40 -55.77 10.24
C MET F 138 -33.05 -54.81 9.08
N PHE F 139 -33.28 -55.22 7.84
CA PHE F 139 -32.91 -54.44 6.65
C PHE F 139 -33.62 -53.08 6.59
N ALA F 140 -34.94 -53.15 6.69
CA ALA F 140 -35.80 -51.95 6.78
C ALA F 140 -35.49 -51.11 8.04
N ALA F 141 -34.94 -51.76 9.06
CA ALA F 141 -34.59 -51.13 10.35
C ALA F 141 -33.11 -50.75 10.48
N PHE F 142 -32.30 -50.99 9.45
CA PHE F 142 -30.88 -50.62 9.46
C PHE F 142 -30.78 -49.11 9.39
N PRO F 143 -30.00 -48.51 10.31
CA PRO F 143 -29.68 -47.07 10.28
C PRO F 143 -28.31 -46.86 9.59
N PRO F 144 -28.23 -47.01 8.25
CA PRO F 144 -26.99 -46.89 7.49
C PRO F 144 -26.70 -45.41 7.20
N ASP F 145 -26.03 -44.75 8.13
CA ASP F 145 -25.47 -43.43 7.79
C ASP F 145 -24.27 -43.63 6.87
N VAL F 146 -24.60 -43.48 5.61
CA VAL F 146 -23.61 -43.40 4.51
C VAL F 146 -22.61 -44.56 4.53
N THR F 147 -22.94 -45.58 3.74
CA THR F 147 -21.97 -46.64 3.33
C THR F 147 -21.41 -47.50 4.49
N GLY F 148 -22.16 -47.55 5.60
CA GLY F 148 -21.80 -48.41 6.75
C GLY F 148 -22.90 -48.33 7.82
N ASN F 149 -23.16 -49.47 8.43
CA ASN F 149 -24.20 -49.63 9.47
C ASN F 149 -23.78 -49.06 10.82
N LEU F 150 -24.41 -47.93 11.16
CA LEU F 150 -24.20 -47.25 12.46
C LEU F 150 -24.79 -48.05 13.62
N ASP F 151 -24.07 -49.10 13.95
CA ASP F 151 -24.45 -49.96 15.09
C ASP F 151 -24.28 -49.24 16.44
N TYR F 152 -23.33 -48.33 16.49
CA TYR F 152 -23.02 -47.61 17.74
C TYR F 152 -24.25 -46.85 18.27
N LYS F 153 -24.96 -46.17 17.36
CA LYS F 153 -26.22 -45.45 17.64
C LYS F 153 -27.45 -46.33 17.70
N ASN F 154 -27.44 -47.36 16.86
CA ASN F 154 -28.49 -48.40 16.86
C ASN F 154 -28.65 -49.01 18.26
N LEU F 155 -27.57 -48.93 19.04
CA LEU F 155 -27.57 -49.25 20.47
C LEU F 155 -27.73 -48.00 21.34
N VAL F 156 -26.82 -47.04 21.17
CA VAL F 156 -26.71 -45.82 22.01
C VAL F 156 -27.90 -44.84 21.92
N HIS F 157 -28.93 -45.15 21.13
CA HIS F 157 -30.13 -44.30 21.09
C HIS F 157 -30.79 -44.21 22.48
N ILE F 158 -30.65 -45.30 23.22
CA ILE F 158 -31.22 -45.45 24.57
C ILE F 158 -30.48 -44.72 25.71
N ILE F 159 -29.40 -44.02 25.40
CA ILE F 159 -28.67 -43.22 26.40
C ILE F 159 -28.59 -41.75 25.96
N THR F 160 -27.37 -41.23 25.78
CA THR F 160 -27.12 -39.88 25.25
C THR F 160 -27.89 -38.89 26.13
N HIS F 161 -28.50 -37.87 25.53
CA HIS F 161 -29.28 -36.84 26.20
C HIS F 161 -29.79 -35.84 25.15
N GLY F 162 -31.01 -36.10 24.66
CA GLY F 162 -31.55 -35.28 23.56
C GLY F 162 -32.94 -35.69 23.04
N GLU F 163 -33.78 -36.15 23.97
CA GLU F 163 -35.19 -36.56 23.72
C GLU F 163 -35.78 -37.02 25.06
N GLU F 164 -37.04 -37.41 25.03
CA GLU F 164 -37.76 -37.89 26.22
C GLU F 164 -39.19 -38.32 25.84
N LYS F 165 -39.30 -39.58 25.47
CA LYS F 165 -40.61 -40.15 25.09
C LYS F 165 -41.05 -41.32 25.98
N ASP F 166 -40.16 -42.29 26.13
CA ASP F 166 -40.51 -43.61 26.67
C ASP F 166 -39.38 -44.23 27.53
#